data_3RSO
# 
_entry.id   3RSO 
# 
_audit_conform.dict_name       mmcif_pdbx.dic 
_audit_conform.dict_version    5.387 
_audit_conform.dict_location   http://mmcif.pdb.org/dictionaries/ascii/mmcif_pdbx.dic 
# 
loop_
_database_2.database_id 
_database_2.database_code 
_database_2.pdbx_database_accession 
_database_2.pdbx_DOI 
PDB   3RSO         pdb_00003rso 10.2210/pdb3rso/pdb 
RCSB  RCSB065328   ?            ?                   
WWPDB D_1000065328 ?            ?                   
# 
loop_
_pdbx_audit_revision_history.ordinal 
_pdbx_audit_revision_history.data_content_type 
_pdbx_audit_revision_history.major_revision 
_pdbx_audit_revision_history.minor_revision 
_pdbx_audit_revision_history.revision_date 
1 'Structure model' 1 0 2011-09-21 
2 'Structure model' 1 1 2011-10-12 
3 'Structure model' 1 2 2011-11-09 
4 'Structure model' 1 3 2017-11-08 
5 'Structure model' 1 4 2024-02-28 
# 
_pdbx_audit_revision_details.ordinal             1 
_pdbx_audit_revision_details.revision_ordinal    1 
_pdbx_audit_revision_details.data_content_type   'Structure model' 
_pdbx_audit_revision_details.provider            repository 
_pdbx_audit_revision_details.type                'Initial release' 
_pdbx_audit_revision_details.description         ? 
_pdbx_audit_revision_details.details             ? 
# 
loop_
_pdbx_audit_revision_group.ordinal 
_pdbx_audit_revision_group.revision_ordinal 
_pdbx_audit_revision_group.data_content_type 
_pdbx_audit_revision_group.group 
1 2 'Structure model' 'Database references'    
2 3 'Structure model' 'Database references'    
3 4 'Structure model' Advisory                 
4 4 'Structure model' 'Refinement description' 
5 5 'Structure model' Advisory                 
6 5 'Structure model' 'Data collection'        
7 5 'Structure model' 'Database references'    
8 5 'Structure model' 'Derived calculations'   
# 
loop_
_pdbx_audit_revision_category.ordinal 
_pdbx_audit_revision_category.revision_ordinal 
_pdbx_audit_revision_category.data_content_type 
_pdbx_audit_revision_category.category 
1 4 'Structure model' pdbx_unobs_or_zero_occ_atoms 
2 4 'Structure model' software                     
3 5 'Structure model' chem_comp_atom               
4 5 'Structure model' chem_comp_bond               
5 5 'Structure model' database_2                   
6 5 'Structure model' pdbx_struct_conn_angle       
7 5 'Structure model' pdbx_unobs_or_zero_occ_atoms 
8 5 'Structure model' struct_conn                  
9 5 'Structure model' struct_site                  
# 
loop_
_pdbx_audit_revision_item.ordinal 
_pdbx_audit_revision_item.revision_ordinal 
_pdbx_audit_revision_item.data_content_type 
_pdbx_audit_revision_item.item 
1  4 'Structure model' '_software.name'                              
2  5 'Structure model' '_database_2.pdbx_DOI'                        
3  5 'Structure model' '_database_2.pdbx_database_accession'         
4  5 'Structure model' '_pdbx_struct_conn_angle.ptnr1_auth_comp_id'  
5  5 'Structure model' '_pdbx_struct_conn_angle.ptnr1_auth_seq_id'   
6  5 'Structure model' '_pdbx_struct_conn_angle.ptnr1_label_asym_id' 
7  5 'Structure model' '_pdbx_struct_conn_angle.ptnr1_label_atom_id' 
8  5 'Structure model' '_pdbx_struct_conn_angle.ptnr1_label_comp_id' 
9  5 'Structure model' '_pdbx_struct_conn_angle.ptnr1_label_seq_id'  
10 5 'Structure model' '_pdbx_struct_conn_angle.ptnr3_auth_comp_id'  
11 5 'Structure model' '_pdbx_struct_conn_angle.ptnr3_auth_seq_id'   
12 5 'Structure model' '_pdbx_struct_conn_angle.ptnr3_label_asym_id' 
13 5 'Structure model' '_pdbx_struct_conn_angle.ptnr3_label_atom_id' 
14 5 'Structure model' '_pdbx_struct_conn_angle.ptnr3_label_comp_id' 
15 5 'Structure model' '_pdbx_struct_conn_angle.ptnr3_label_seq_id'  
16 5 'Structure model' '_pdbx_struct_conn_angle.value'               
17 5 'Structure model' '_struct_conn.pdbx_dist_value'                
18 5 'Structure model' '_struct_conn.ptnr1_auth_comp_id'             
19 5 'Structure model' '_struct_conn.ptnr1_auth_seq_id'              
20 5 'Structure model' '_struct_conn.ptnr1_label_asym_id'            
21 5 'Structure model' '_struct_conn.ptnr1_label_atom_id'            
22 5 'Structure model' '_struct_conn.ptnr1_label_comp_id'            
23 5 'Structure model' '_struct_conn.ptnr1_label_seq_id'             
24 5 'Structure model' '_struct_conn.ptnr2_auth_comp_id'             
25 5 'Structure model' '_struct_conn.ptnr2_auth_seq_id'              
26 5 'Structure model' '_struct_conn.ptnr2_label_asym_id'            
27 5 'Structure model' '_struct_conn.ptnr2_label_atom_id'            
28 5 'Structure model' '_struct_conn.ptnr2_label_comp_id'            
29 5 'Structure model' '_struct_site.pdbx_auth_asym_id'              
30 5 'Structure model' '_struct_site.pdbx_auth_comp_id'              
31 5 'Structure model' '_struct_site.pdbx_auth_seq_id'               
# 
_pdbx_database_status.entry_id                        3RSO 
_pdbx_database_status.status_code                     REL 
_pdbx_database_status.deposit_site                    RCSB 
_pdbx_database_status.process_site                    RCSB 
_pdbx_database_status.recvd_initial_deposition_date   2011-05-02 
_pdbx_database_status.status_code_sf                  REL 
_pdbx_database_status.status_code_mr                  ? 
_pdbx_database_status.SG_entry                        ? 
_pdbx_database_status.status_code_cs                  ? 
_pdbx_database_status.pdb_format_compatible           Y 
_pdbx_database_status.methods_development_category    ? 
_pdbx_database_status.status_code_nmr_data            ? 
# 
loop_
_pdbx_database_related.db_name 
_pdbx_database_related.db_id 
_pdbx_database_related.details 
_pdbx_database_related.content_type 
PDB 3RRY 'H-Ras crosslinked and soaked in aqueous solution: 1 of 10 in MSCS set' unspecified 
PDB 3RRZ 'H-Ras soaked in 70% glycerol: 1 of 10 in MSCS set'                     unspecified 
PDB 3RS0 'H-Ras soaked in neat cyclopentanol: 1 of 10 in MSCS set'               unspecified 
PDB 3RS2 'H-Ras soaked in 50% trifluoroethanol: 1 of 10 in MSCS set'             unspecified 
PDB 3RS3 'H-Ras soaked in neat hexane: 1 of 10 in MSCS set'                      unspecified 
PDB 3RS4 'H-Ras soaked in 60% 1,6-hexanediol: 1 of 10 in MSCS set'               unspecified 
PDB 3RS5 'H-Ras soaked in 55% dimethylformamide: 1 of 10 in MSCS set'            unspecified 
PDB 3RS7 'H-Ras soaked in 50% isopropanol: 1 of 10 in MSCS set'                  unspecified 
PDB 3RSL 'H-Ras soaked in 90% R,S,R-bisfuranol: 1 of 10 in MSCS set'             unspecified 
# 
loop_
_audit_author.name 
_audit_author.pdbx_ordinal 
'Mattos, C.'  1 
'Buhrman, G.' 2 
'Kearney, B.' 3 
# 
_citation.id                        primary 
_citation.title                     'Analysis of Binding Site Hot Spots on the Surface of Ras GTPase.' 
_citation.journal_abbrev            J.Mol.Biol. 
_citation.journal_volume            413 
_citation.page_first                773 
_citation.page_last                 789 
_citation.year                      2011 
_citation.journal_id_ASTM           JMOBAK 
_citation.country                   UK 
_citation.journal_id_ISSN           0022-2836 
_citation.journal_id_CSD            0070 
_citation.book_publisher            ? 
_citation.pdbx_database_id_PubMed   21945529 
_citation.pdbx_database_id_DOI      10.1016/j.jmb.2011.09.011 
# 
loop_
_citation_author.citation_id 
_citation_author.name 
_citation_author.ordinal 
_citation_author.identifier_ORCID 
primary 'Buhrman, G.'     1  ? 
primary 'O Connor, C.'    2  ? 
primary 'Zerbe, B.'       3  ? 
primary 'Kearney, B.M.'   4  ? 
primary 'Napoleon, R.'    5  ? 
primary 'Kovrigina, E.A.' 6  ? 
primary 'Vajda, S.'       7  ? 
primary 'Kozakov, D.'     8  ? 
primary 'Kovrigin, E.L.'  9  ? 
primary 'Mattos, C.'      10 ? 
# 
loop_
_entity.id 
_entity.type 
_entity.src_method 
_entity.pdbx_description 
_entity.formula_weight 
_entity.pdbx_number_of_molecules 
_entity.pdbx_ec 
_entity.pdbx_mutation 
_entity.pdbx_fragment 
_entity.details 
1 polymer     man 'GTPase HRas'                                 18875.191 1   ? ? ? ? 
2 non-polymer syn 'PHOSPHOAMINOPHOSPHONIC ACID-GUANYLATE ESTER' 522.196   1   ? ? ? ? 
3 non-polymer syn 'CALCIUM ION'                                 40.078    2   ? ? ? ? 
4 non-polymer syn 'MAGNESIUM ION'                               24.305    1   ? ? ? ? 
5 non-polymer syn '(3S,3aR,6aS)-hexahydrofuro[2,3-b]furan-3-ol' 130.142   2   ? ? ? ? 
6 water       nat water                                         18.015    124 ? ? ? ? 
# 
_entity_name_com.entity_id   1 
_entity_name_com.name        'H-Ras-1, Ha-Ras, Transforming protein p21, c-H-ras, p21ras, GTPase HRas, N-terminally processed' 
# 
_entity_poly.entity_id                      1 
_entity_poly.type                           'polypeptide(L)' 
_entity_poly.nstd_linkage                   no 
_entity_poly.nstd_monomer                   no 
_entity_poly.pdbx_seq_one_letter_code       
;MTEYKLVVVGAGGVGKSALTIQLIQNHFVDEYDPTIEDSYRKQVVIDGETCLLDILDTAGQEEYSAMRDQYMRTGEGFLC
VFAINNTKSFEDIHQYREQIKRVKDSDDVPMVLVGNKCDLAARTVESRQAQDLARSYGIPYIETSAKTRQGVEDAFYTLV
REIRQH
;
_entity_poly.pdbx_seq_one_letter_code_can   
;MTEYKLVVVGAGGVGKSALTIQLIQNHFVDEYDPTIEDSYRKQVVIDGETCLLDILDTAGQEEYSAMRDQYMRTGEGFLC
VFAINNTKSFEDIHQYREQIKRVKDSDDVPMVLVGNKCDLAARTVESRQAQDLARSYGIPYIETSAKTRQGVEDAFYTLV
REIRQH
;
_entity_poly.pdbx_strand_id                 A 
_entity_poly.pdbx_target_identifier         ? 
# 
loop_
_pdbx_entity_nonpoly.entity_id 
_pdbx_entity_nonpoly.name 
_pdbx_entity_nonpoly.comp_id 
2 'PHOSPHOAMINOPHOSPHONIC ACID-GUANYLATE ESTER' GNP 
3 'CALCIUM ION'                                 CA  
4 'MAGNESIUM ION'                               MG  
5 '(3S,3aR,6aS)-hexahydrofuro[2,3-b]furan-3-ol' RSG 
6 water                                         HOH 
# 
loop_
_entity_poly_seq.entity_id 
_entity_poly_seq.num 
_entity_poly_seq.mon_id 
_entity_poly_seq.hetero 
1 1   MET n 
1 2   THR n 
1 3   GLU n 
1 4   TYR n 
1 5   LYS n 
1 6   LEU n 
1 7   VAL n 
1 8   VAL n 
1 9   VAL n 
1 10  GLY n 
1 11  ALA n 
1 12  GLY n 
1 13  GLY n 
1 14  VAL n 
1 15  GLY n 
1 16  LYS n 
1 17  SER n 
1 18  ALA n 
1 19  LEU n 
1 20  THR n 
1 21  ILE n 
1 22  GLN n 
1 23  LEU n 
1 24  ILE n 
1 25  GLN n 
1 26  ASN n 
1 27  HIS n 
1 28  PHE n 
1 29  VAL n 
1 30  ASP n 
1 31  GLU n 
1 32  TYR n 
1 33  ASP n 
1 34  PRO n 
1 35  THR n 
1 36  ILE n 
1 37  GLU n 
1 38  ASP n 
1 39  SER n 
1 40  TYR n 
1 41  ARG n 
1 42  LYS n 
1 43  GLN n 
1 44  VAL n 
1 45  VAL n 
1 46  ILE n 
1 47  ASP n 
1 48  GLY n 
1 49  GLU n 
1 50  THR n 
1 51  CYS n 
1 52  LEU n 
1 53  LEU n 
1 54  ASP n 
1 55  ILE n 
1 56  LEU n 
1 57  ASP n 
1 58  THR n 
1 59  ALA n 
1 60  GLY n 
1 61  GLN n 
1 62  GLU n 
1 63  GLU n 
1 64  TYR n 
1 65  SER n 
1 66  ALA n 
1 67  MET n 
1 68  ARG n 
1 69  ASP n 
1 70  GLN n 
1 71  TYR n 
1 72  MET n 
1 73  ARG n 
1 74  THR n 
1 75  GLY n 
1 76  GLU n 
1 77  GLY n 
1 78  PHE n 
1 79  LEU n 
1 80  CYS n 
1 81  VAL n 
1 82  PHE n 
1 83  ALA n 
1 84  ILE n 
1 85  ASN n 
1 86  ASN n 
1 87  THR n 
1 88  LYS n 
1 89  SER n 
1 90  PHE n 
1 91  GLU n 
1 92  ASP n 
1 93  ILE n 
1 94  HIS n 
1 95  GLN n 
1 96  TYR n 
1 97  ARG n 
1 98  GLU n 
1 99  GLN n 
1 100 ILE n 
1 101 LYS n 
1 102 ARG n 
1 103 VAL n 
1 104 LYS n 
1 105 ASP n 
1 106 SER n 
1 107 ASP n 
1 108 ASP n 
1 109 VAL n 
1 110 PRO n 
1 111 MET n 
1 112 VAL n 
1 113 LEU n 
1 114 VAL n 
1 115 GLY n 
1 116 ASN n 
1 117 LYS n 
1 118 CYS n 
1 119 ASP n 
1 120 LEU n 
1 121 ALA n 
1 122 ALA n 
1 123 ARG n 
1 124 THR n 
1 125 VAL n 
1 126 GLU n 
1 127 SER n 
1 128 ARG n 
1 129 GLN n 
1 130 ALA n 
1 131 GLN n 
1 132 ASP n 
1 133 LEU n 
1 134 ALA n 
1 135 ARG n 
1 136 SER n 
1 137 TYR n 
1 138 GLY n 
1 139 ILE n 
1 140 PRO n 
1 141 TYR n 
1 142 ILE n 
1 143 GLU n 
1 144 THR n 
1 145 SER n 
1 146 ALA n 
1 147 LYS n 
1 148 THR n 
1 149 ARG n 
1 150 GLN n 
1 151 GLY n 
1 152 VAL n 
1 153 GLU n 
1 154 ASP n 
1 155 ALA n 
1 156 PHE n 
1 157 TYR n 
1 158 THR n 
1 159 LEU n 
1 160 VAL n 
1 161 ARG n 
1 162 GLU n 
1 163 ILE n 
1 164 ARG n 
1 165 GLN n 
1 166 HIS n 
# 
_entity_src_gen.entity_id                          1 
_entity_src_gen.pdbx_src_id                        1 
_entity_src_gen.pdbx_alt_source_flag               sample 
_entity_src_gen.pdbx_seq_type                      ? 
_entity_src_gen.pdbx_beg_seq_num                   ? 
_entity_src_gen.pdbx_end_seq_num                   ? 
_entity_src_gen.gene_src_common_name               human 
_entity_src_gen.gene_src_genus                     ? 
_entity_src_gen.pdbx_gene_src_gene                 'HRAS, HRAS1' 
_entity_src_gen.gene_src_species                   ? 
_entity_src_gen.gene_src_strain                    ? 
_entity_src_gen.gene_src_tissue                    ? 
_entity_src_gen.gene_src_tissue_fraction           ? 
_entity_src_gen.gene_src_details                   ? 
_entity_src_gen.pdbx_gene_src_fragment             ? 
_entity_src_gen.pdbx_gene_src_scientific_name      'Homo sapiens' 
_entity_src_gen.pdbx_gene_src_ncbi_taxonomy_id     9606 
_entity_src_gen.pdbx_gene_src_variant              ? 
_entity_src_gen.pdbx_gene_src_cell_line            ? 
_entity_src_gen.pdbx_gene_src_atcc                 ? 
_entity_src_gen.pdbx_gene_src_organ                ? 
_entity_src_gen.pdbx_gene_src_organelle            ? 
_entity_src_gen.pdbx_gene_src_cell                 ? 
_entity_src_gen.pdbx_gene_src_cellular_location    ? 
_entity_src_gen.host_org_common_name               ? 
_entity_src_gen.pdbx_host_org_scientific_name      'ESCHERICHIA COLI' 
_entity_src_gen.pdbx_host_org_ncbi_taxonomy_id     562 
_entity_src_gen.host_org_genus                     ? 
_entity_src_gen.pdbx_host_org_gene                 ? 
_entity_src_gen.pdbx_host_org_organ                ? 
_entity_src_gen.host_org_species                   ? 
_entity_src_gen.pdbx_host_org_tissue               ? 
_entity_src_gen.pdbx_host_org_tissue_fraction      ? 
_entity_src_gen.pdbx_host_org_strain               'BL21 (DE3)' 
_entity_src_gen.pdbx_host_org_variant              ? 
_entity_src_gen.pdbx_host_org_cell_line            ? 
_entity_src_gen.pdbx_host_org_atcc                 ? 
_entity_src_gen.pdbx_host_org_culture_collection   ? 
_entity_src_gen.pdbx_host_org_cell                 ? 
_entity_src_gen.pdbx_host_org_organelle            ? 
_entity_src_gen.pdbx_host_org_cellular_location    ? 
_entity_src_gen.pdbx_host_org_vector_type          plasmid 
_entity_src_gen.pdbx_host_org_vector               ? 
_entity_src_gen.host_org_details                   ? 
_entity_src_gen.expression_system_id               ? 
_entity_src_gen.plasmid_name                       PET21 
_entity_src_gen.plasmid_details                    ? 
_entity_src_gen.pdbx_description                   ? 
# 
loop_
_chem_comp.id 
_chem_comp.type 
_chem_comp.mon_nstd_flag 
_chem_comp.name 
_chem_comp.pdbx_synonyms 
_chem_comp.formula 
_chem_comp.formula_weight 
ALA 'L-peptide linking' y ALANINE                                       ? 'C3 H7 N O2'        89.093  
ARG 'L-peptide linking' y ARGININE                                      ? 'C6 H15 N4 O2 1'    175.209 
ASN 'L-peptide linking' y ASPARAGINE                                    ? 'C4 H8 N2 O3'       132.118 
ASP 'L-peptide linking' y 'ASPARTIC ACID'                               ? 'C4 H7 N O4'        133.103 
CA  non-polymer         . 'CALCIUM ION'                                 ? 'Ca 2'              40.078  
CYS 'L-peptide linking' y CYSTEINE                                      ? 'C3 H7 N O2 S'      121.158 
GLN 'L-peptide linking' y GLUTAMINE                                     ? 'C5 H10 N2 O3'      146.144 
GLU 'L-peptide linking' y 'GLUTAMIC ACID'                               ? 'C5 H9 N O4'        147.129 
GLY 'peptide linking'   y GLYCINE                                       ? 'C2 H5 N O2'        75.067  
GNP non-polymer         . 'PHOSPHOAMINOPHOSPHONIC ACID-GUANYLATE ESTER' ? 'C10 H17 N6 O13 P3' 522.196 
HIS 'L-peptide linking' y HISTIDINE                                     ? 'C6 H10 N3 O2 1'    156.162 
HOH non-polymer         . WATER                                         ? 'H2 O'              18.015  
ILE 'L-peptide linking' y ISOLEUCINE                                    ? 'C6 H13 N O2'       131.173 
LEU 'L-peptide linking' y LEUCINE                                       ? 'C6 H13 N O2'       131.173 
LYS 'L-peptide linking' y LYSINE                                        ? 'C6 H15 N2 O2 1'    147.195 
MET 'L-peptide linking' y METHIONINE                                    ? 'C5 H11 N O2 S'     149.211 
MG  non-polymer         . 'MAGNESIUM ION'                               ? 'Mg 2'              24.305  
PHE 'L-peptide linking' y PHENYLALANINE                                 ? 'C9 H11 N O2'       165.189 
PRO 'L-peptide linking' y PROLINE                                       ? 'C5 H9 N O2'        115.130 
RSG non-polymer         . '(3S,3aR,6aS)-hexahydrofuro[2,3-b]furan-3-ol' ? 'C6 H10 O3'         130.142 
SER 'L-peptide linking' y SERINE                                        ? 'C3 H7 N O3'        105.093 
THR 'L-peptide linking' y THREONINE                                     ? 'C4 H9 N O3'        119.119 
TYR 'L-peptide linking' y TYROSINE                                      ? 'C9 H11 N O3'       181.189 
VAL 'L-peptide linking' y VALINE                                        ? 'C5 H11 N O2'       117.146 
# 
loop_
_pdbx_poly_seq_scheme.asym_id 
_pdbx_poly_seq_scheme.entity_id 
_pdbx_poly_seq_scheme.seq_id 
_pdbx_poly_seq_scheme.mon_id 
_pdbx_poly_seq_scheme.ndb_seq_num 
_pdbx_poly_seq_scheme.pdb_seq_num 
_pdbx_poly_seq_scheme.auth_seq_num 
_pdbx_poly_seq_scheme.pdb_mon_id 
_pdbx_poly_seq_scheme.auth_mon_id 
_pdbx_poly_seq_scheme.pdb_strand_id 
_pdbx_poly_seq_scheme.pdb_ins_code 
_pdbx_poly_seq_scheme.hetero 
A 1 1   MET 1   1   1   MET MET A . n 
A 1 2   THR 2   2   2   THR THR A . n 
A 1 3   GLU 3   3   3   GLU GLU A . n 
A 1 4   TYR 4   4   4   TYR TYR A . n 
A 1 5   LYS 5   5   5   LYS LYS A . n 
A 1 6   LEU 6   6   6   LEU LEU A . n 
A 1 7   VAL 7   7   7   VAL VAL A . n 
A 1 8   VAL 8   8   8   VAL VAL A . n 
A 1 9   VAL 9   9   9   VAL VAL A . n 
A 1 10  GLY 10  10  10  GLY GLY A . n 
A 1 11  ALA 11  11  11  ALA ALA A . n 
A 1 12  GLY 12  12  12  GLY GLY A . n 
A 1 13  GLY 13  13  13  GLY GLY A . n 
A 1 14  VAL 14  14  14  VAL VAL A . n 
A 1 15  GLY 15  15  15  GLY GLY A . n 
A 1 16  LYS 16  16  16  LYS LYS A . n 
A 1 17  SER 17  17  17  SER SER A . n 
A 1 18  ALA 18  18  18  ALA ALA A . n 
A 1 19  LEU 19  19  19  LEU LEU A . n 
A 1 20  THR 20  20  20  THR THR A . n 
A 1 21  ILE 21  21  21  ILE ILE A . n 
A 1 22  GLN 22  22  22  GLN GLN A . n 
A 1 23  LEU 23  23  23  LEU LEU A . n 
A 1 24  ILE 24  24  24  ILE ILE A . n 
A 1 25  GLN 25  25  25  GLN GLN A . n 
A 1 26  ASN 26  26  26  ASN ASN A . n 
A 1 27  HIS 27  27  27  HIS HIS A . n 
A 1 28  PHE 28  28  28  PHE PHE A . n 
A 1 29  VAL 29  29  29  VAL VAL A . n 
A 1 30  ASP 30  30  30  ASP ASP A . n 
A 1 31  GLU 31  31  31  GLU GLU A . n 
A 1 32  TYR 32  32  32  TYR TYR A . n 
A 1 33  ASP 33  33  33  ASP ASP A . n 
A 1 34  PRO 34  34  34  PRO PRO A . n 
A 1 35  THR 35  35  35  THR THR A . n 
A 1 36  ILE 36  36  36  ILE ILE A . n 
A 1 37  GLU 37  37  37  GLU GLU A . n 
A 1 38  ASP 38  38  38  ASP ASP A . n 
A 1 39  SER 39  39  39  SER SER A . n 
A 1 40  TYR 40  40  40  TYR TYR A . n 
A 1 41  ARG 41  41  41  ARG ARG A . n 
A 1 42  LYS 42  42  42  LYS LYS A . n 
A 1 43  GLN 43  43  43  GLN GLN A . n 
A 1 44  VAL 44  44  44  VAL VAL A . n 
A 1 45  VAL 45  45  45  VAL VAL A . n 
A 1 46  ILE 46  46  46  ILE ILE A . n 
A 1 47  ASP 47  47  47  ASP ASP A . n 
A 1 48  GLY 48  48  48  GLY GLY A . n 
A 1 49  GLU 49  49  49  GLU GLU A . n 
A 1 50  THR 50  50  50  THR THR A . n 
A 1 51  CYS 51  51  51  CYS CYS A . n 
A 1 52  LEU 52  52  52  LEU LEU A . n 
A 1 53  LEU 53  53  53  LEU LEU A . n 
A 1 54  ASP 54  54  54  ASP ASP A . n 
A 1 55  ILE 55  55  55  ILE ILE A . n 
A 1 56  LEU 56  56  56  LEU LEU A . n 
A 1 57  ASP 57  57  57  ASP ASP A . n 
A 1 58  THR 58  58  58  THR THR A . n 
A 1 59  ALA 59  59  59  ALA ALA A . n 
A 1 60  GLY 60  60  60  GLY GLY A . n 
A 1 61  GLN 61  61  61  GLN GLN A . n 
A 1 62  GLU 62  62  62  GLU GLU A . n 
A 1 63  GLU 63  63  63  GLU GLU A . n 
A 1 64  TYR 64  64  64  TYR TYR A . n 
A 1 65  SER 65  65  65  SER SER A . n 
A 1 66  ALA 66  66  66  ALA ALA A . n 
A 1 67  MET 67  67  67  MET MET A . n 
A 1 68  ARG 68  68  68  ARG ARG A . n 
A 1 69  ASP 69  69  69  ASP ASP A . n 
A 1 70  GLN 70  70  70  GLN GLN A . n 
A 1 71  TYR 71  71  71  TYR TYR A . n 
A 1 72  MET 72  72  72  MET MET A . n 
A 1 73  ARG 73  73  73  ARG ARG A . n 
A 1 74  THR 74  74  74  THR THR A . n 
A 1 75  GLY 75  75  75  GLY GLY A . n 
A 1 76  GLU 76  76  76  GLU GLU A . n 
A 1 77  GLY 77  77  77  GLY GLY A . n 
A 1 78  PHE 78  78  78  PHE PHE A . n 
A 1 79  LEU 79  79  79  LEU LEU A . n 
A 1 80  CYS 80  80  80  CYS CYS A . n 
A 1 81  VAL 81  81  81  VAL VAL A . n 
A 1 82  PHE 82  82  82  PHE PHE A . n 
A 1 83  ALA 83  83  83  ALA ALA A . n 
A 1 84  ILE 84  84  84  ILE ILE A . n 
A 1 85  ASN 85  85  85  ASN ASN A . n 
A 1 86  ASN 86  86  86  ASN ASN A . n 
A 1 87  THR 87  87  87  THR THR A . n 
A 1 88  LYS 88  88  88  LYS LYS A . n 
A 1 89  SER 89  89  89  SER SER A . n 
A 1 90  PHE 90  90  90  PHE PHE A . n 
A 1 91  GLU 91  91  91  GLU GLU A . n 
A 1 92  ASP 92  92  92  ASP ASP A . n 
A 1 93  ILE 93  93  93  ILE ILE A . n 
A 1 94  HIS 94  94  94  HIS HIS A . n 
A 1 95  GLN 95  95  95  GLN GLN A . n 
A 1 96  TYR 96  96  96  TYR TYR A . n 
A 1 97  ARG 97  97  97  ARG ARG A . n 
A 1 98  GLU 98  98  98  GLU GLU A . n 
A 1 99  GLN 99  99  99  GLN GLN A . n 
A 1 100 ILE 100 100 100 ILE ILE A . n 
A 1 101 LYS 101 101 101 LYS LYS A . n 
A 1 102 ARG 102 102 102 ARG ARG A . n 
A 1 103 VAL 103 103 103 VAL VAL A . n 
A 1 104 LYS 104 104 104 LYS LYS A . n 
A 1 105 ASP 105 105 105 ASP ASP A . n 
A 1 106 SER 106 106 106 SER SER A . n 
A 1 107 ASP 107 107 107 ASP ASP A . n 
A 1 108 ASP 108 108 108 ASP ASP A . n 
A 1 109 VAL 109 109 109 VAL VAL A . n 
A 1 110 PRO 110 110 110 PRO PRO A . n 
A 1 111 MET 111 111 111 MET MET A . n 
A 1 112 VAL 112 112 112 VAL VAL A . n 
A 1 113 LEU 113 113 113 LEU LEU A . n 
A 1 114 VAL 114 114 114 VAL VAL A . n 
A 1 115 GLY 115 115 115 GLY GLY A . n 
A 1 116 ASN 116 116 116 ASN ASN A . n 
A 1 117 LYS 117 117 117 LYS LYS A . n 
A 1 118 CYS 118 118 118 CYS CYS A . n 
A 1 119 ASP 119 119 119 ASP ASP A . n 
A 1 120 LEU 120 120 120 LEU LEU A . n 
A 1 121 ALA 121 121 121 ALA ALA A . n 
A 1 122 ALA 122 122 122 ALA ALA A . n 
A 1 123 ARG 123 123 123 ARG ARG A . n 
A 1 124 THR 124 124 124 THR THR A . n 
A 1 125 VAL 125 125 125 VAL VAL A . n 
A 1 126 GLU 126 126 126 GLU GLU A . n 
A 1 127 SER 127 127 127 SER SER A . n 
A 1 128 ARG 128 128 128 ARG ARG A . n 
A 1 129 GLN 129 129 129 GLN GLN A . n 
A 1 130 ALA 130 130 130 ALA ALA A . n 
A 1 131 GLN 131 131 131 GLN GLN A . n 
A 1 132 ASP 132 132 132 ASP ASP A . n 
A 1 133 LEU 133 133 133 LEU LEU A . n 
A 1 134 ALA 134 134 134 ALA ALA A . n 
A 1 135 ARG 135 135 135 ARG ARG A . n 
A 1 136 SER 136 136 136 SER SER A . n 
A 1 137 TYR 137 137 137 TYR TYR A . n 
A 1 138 GLY 138 138 138 GLY GLY A . n 
A 1 139 ILE 139 139 139 ILE ILE A . n 
A 1 140 PRO 140 140 140 PRO PRO A . n 
A 1 141 TYR 141 141 141 TYR TYR A . n 
A 1 142 ILE 142 142 142 ILE ILE A . n 
A 1 143 GLU 143 143 143 GLU GLU A . n 
A 1 144 THR 144 144 144 THR THR A . n 
A 1 145 SER 145 145 145 SER SER A . n 
A 1 146 ALA 146 146 146 ALA ALA A . n 
A 1 147 LYS 147 147 147 LYS LYS A . n 
A 1 148 THR 148 148 148 THR THR A . n 
A 1 149 ARG 149 149 149 ARG ARG A . n 
A 1 150 GLN 150 150 150 GLN GLN A . n 
A 1 151 GLY 151 151 151 GLY GLY A . n 
A 1 152 VAL 152 152 152 VAL VAL A . n 
A 1 153 GLU 153 153 153 GLU GLU A . n 
A 1 154 ASP 154 154 154 ASP ASP A . n 
A 1 155 ALA 155 155 155 ALA ALA A . n 
A 1 156 PHE 156 156 156 PHE PHE A . n 
A 1 157 TYR 157 157 157 TYR TYR A . n 
A 1 158 THR 158 158 158 THR THR A . n 
A 1 159 LEU 159 159 159 LEU LEU A . n 
A 1 160 VAL 160 160 160 VAL VAL A . n 
A 1 161 ARG 161 161 161 ARG ARG A . n 
A 1 162 GLU 162 162 162 GLU GLU A . n 
A 1 163 ILE 163 163 163 ILE ILE A . n 
A 1 164 ARG 164 164 164 ARG ARG A . n 
A 1 165 GLN 165 165 165 GLN GLN A . n 
A 1 166 HIS 166 166 166 HIS HIS A . n 
# 
loop_
_pdbx_nonpoly_scheme.asym_id 
_pdbx_nonpoly_scheme.entity_id 
_pdbx_nonpoly_scheme.mon_id 
_pdbx_nonpoly_scheme.ndb_seq_num 
_pdbx_nonpoly_scheme.pdb_seq_num 
_pdbx_nonpoly_scheme.auth_seq_num 
_pdbx_nonpoly_scheme.pdb_mon_id 
_pdbx_nonpoly_scheme.auth_mon_id 
_pdbx_nonpoly_scheme.pdb_strand_id 
_pdbx_nonpoly_scheme.pdb_ins_code 
B 2 GNP 1   190 190 GNP GNP A . 
C 3 CA  1   193 193 CA  CA  A . 
D 4 MG  1   192 192 MG  MG  A . 
E 3 CA  1   195 195 CA  CA  A . 
F 5 RSG 1   204 204 RSG RSG A . 
G 5 RSG 1   208 208 RSG RSG A . 
H 6 HOH 1   301 301 HOH HOH A . 
H 6 HOH 2   302 302 HOH HOH A . 
H 6 HOH 3   303 303 HOH HOH A . 
H 6 HOH 4   304 304 HOH HOH A . 
H 6 HOH 5   305 305 HOH HOH A . 
H 6 HOH 6   306 306 HOH HOH A . 
H 6 HOH 7   307 307 HOH HOH A . 
H 6 HOH 8   308 308 HOH HOH A . 
H 6 HOH 9   309 309 HOH HOH A . 
H 6 HOH 10  310 310 HOH HOH A . 
H 6 HOH 11  311 311 HOH HOH A . 
H 6 HOH 12  312 312 HOH HOH A . 
H 6 HOH 13  313 313 HOH HOH A . 
H 6 HOH 14  314 314 HOH HOH A . 
H 6 HOH 15  315 315 HOH HOH A . 
H 6 HOH 16  316 316 HOH HOH A . 
H 6 HOH 17  317 317 HOH HOH A . 
H 6 HOH 18  318 318 HOH HOH A . 
H 6 HOH 19  319 319 HOH HOH A . 
H 6 HOH 20  320 320 HOH HOH A . 
H 6 HOH 21  321 321 HOH HOH A . 
H 6 HOH 22  322 322 HOH HOH A . 
H 6 HOH 23  323 323 HOH HOH A . 
H 6 HOH 24  324 324 HOH HOH A . 
H 6 HOH 25  325 325 HOH HOH A . 
H 6 HOH 26  326 326 HOH HOH A . 
H 6 HOH 27  327 327 HOH HOH A . 
H 6 HOH 28  328 328 HOH HOH A . 
H 6 HOH 29  329 329 HOH HOH A . 
H 6 HOH 30  330 330 HOH HOH A . 
H 6 HOH 31  331 331 HOH HOH A . 
H 6 HOH 32  332 332 HOH HOH A . 
H 6 HOH 33  333 333 HOH HOH A . 
H 6 HOH 34  334 334 HOH HOH A . 
H 6 HOH 35  335 335 HOH HOH A . 
H 6 HOH 36  336 336 HOH HOH A . 
H 6 HOH 37  337 337 HOH HOH A . 
H 6 HOH 38  338 338 HOH HOH A . 
H 6 HOH 39  339 339 HOH HOH A . 
H 6 HOH 40  340 340 HOH HOH A . 
H 6 HOH 41  341 341 HOH HOH A . 
H 6 HOH 42  342 342 HOH HOH A . 
H 6 HOH 43  343 343 HOH HOH A . 
H 6 HOH 44  344 344 HOH HOH A . 
H 6 HOH 45  345 345 HOH HOH A . 
H 6 HOH 46  346 346 HOH HOH A . 
H 6 HOH 47  347 347 HOH HOH A . 
H 6 HOH 48  348 348 HOH HOH A . 
H 6 HOH 49  349 349 HOH HOH A . 
H 6 HOH 50  350 350 HOH HOH A . 
H 6 HOH 51  351 351 HOH HOH A . 
H 6 HOH 52  352 352 HOH HOH A . 
H 6 HOH 53  353 353 HOH HOH A . 
H 6 HOH 54  354 354 HOH HOH A . 
H 6 HOH 55  355 355 HOH HOH A . 
H 6 HOH 56  356 356 HOH HOH A . 
H 6 HOH 57  357 357 HOH HOH A . 
H 6 HOH 58  358 358 HOH HOH A . 
H 6 HOH 59  359 359 HOH HOH A . 
H 6 HOH 60  360 360 HOH HOH A . 
H 6 HOH 61  361 361 HOH HOH A . 
H 6 HOH 62  362 362 HOH HOH A . 
H 6 HOH 63  363 363 HOH HOH A . 
H 6 HOH 64  364 364 HOH HOH A . 
H 6 HOH 65  366 366 HOH HOH A . 
H 6 HOH 66  367 367 HOH HOH A . 
H 6 HOH 67  368 368 HOH HOH A . 
H 6 HOH 68  369 369 HOH HOH A . 
H 6 HOH 69  370 370 HOH HOH A . 
H 6 HOH 70  371 371 HOH HOH A . 
H 6 HOH 71  373 373 HOH HOH A . 
H 6 HOH 72  374 374 HOH HOH A . 
H 6 HOH 73  377 377 HOH HOH A . 
H 6 HOH 74  378 378 HOH HOH A . 
H 6 HOH 75  379 379 HOH HOH A . 
H 6 HOH 76  381 381 HOH HOH A . 
H 6 HOH 77  382 382 HOH HOH A . 
H 6 HOH 78  383 383 HOH HOH A . 
H 6 HOH 79  384 384 HOH HOH A . 
H 6 HOH 80  386 386 HOH HOH A . 
H 6 HOH 81  388 388 HOH HOH A . 
H 6 HOH 82  389 389 HOH HOH A . 
H 6 HOH 83  391 391 HOH HOH A . 
H 6 HOH 84  393 393 HOH HOH A . 
H 6 HOH 85  394 394 HOH HOH A . 
H 6 HOH 86  395 395 HOH HOH A . 
H 6 HOH 87  396 396 HOH HOH A . 
H 6 HOH 88  397 397 HOH HOH A . 
H 6 HOH 89  399 399 HOH HOH A . 
H 6 HOH 90  403 403 HOH HOH A . 
H 6 HOH 91  405 405 HOH HOH A . 
H 6 HOH 92  406 406 HOH HOH A . 
H 6 HOH 93  407 407 HOH HOH A . 
H 6 HOH 94  408 408 HOH HOH A . 
H 6 HOH 95  409 409 HOH HOH A . 
H 6 HOH 96  410 410 HOH HOH A . 
H 6 HOH 97  412 412 HOH HOH A . 
H 6 HOH 98  413 413 HOH HOH A . 
H 6 HOH 99  414 414 HOH HOH A . 
H 6 HOH 100 416 416 HOH HOH A . 
H 6 HOH 101 420 420 HOH HOH A . 
H 6 HOH 102 421 421 HOH HOH A . 
H 6 HOH 103 424 424 HOH HOH A . 
H 6 HOH 104 427 427 HOH HOH A . 
H 6 HOH 105 428 428 HOH HOH A . 
H 6 HOH 106 429 429 HOH HOH A . 
H 6 HOH 107 430 430 HOH HOH A . 
H 6 HOH 108 431 431 HOH HOH A . 
H 6 HOH 109 435 435 HOH HOH A . 
H 6 HOH 110 438 438 HOH HOH A . 
H 6 HOH 111 441 441 HOH HOH A . 
H 6 HOH 112 444 444 HOH HOH A . 
H 6 HOH 113 448 448 HOH HOH A . 
H 6 HOH 114 449 449 HOH HOH A . 
H 6 HOH 115 450 450 HOH HOH A . 
H 6 HOH 116 459 459 HOH HOH A . 
H 6 HOH 117 462 462 HOH HOH A . 
H 6 HOH 118 469 469 HOH HOH A . 
H 6 HOH 119 473 473 HOH HOH A . 
H 6 HOH 120 474 474 HOH HOH A . 
H 6 HOH 121 475 475 HOH HOH A . 
H 6 HOH 122 476 476 HOH HOH A . 
H 6 HOH 123 477 477 HOH HOH A . 
H 6 HOH 124 478 478 HOH HOH A . 
# 
loop_
_pdbx_unobs_or_zero_occ_atoms.id 
_pdbx_unobs_or_zero_occ_atoms.PDB_model_num 
_pdbx_unobs_or_zero_occ_atoms.polymer_flag 
_pdbx_unobs_or_zero_occ_atoms.occupancy_flag 
_pdbx_unobs_or_zero_occ_atoms.auth_asym_id 
_pdbx_unobs_or_zero_occ_atoms.auth_comp_id 
_pdbx_unobs_or_zero_occ_atoms.auth_seq_id 
_pdbx_unobs_or_zero_occ_atoms.PDB_ins_code 
_pdbx_unobs_or_zero_occ_atoms.auth_atom_id 
_pdbx_unobs_or_zero_occ_atoms.label_alt_id 
_pdbx_unobs_or_zero_occ_atoms.label_asym_id 
_pdbx_unobs_or_zero_occ_atoms.label_comp_id 
_pdbx_unobs_or_zero_occ_atoms.label_seq_id 
_pdbx_unobs_or_zero_occ_atoms.label_atom_id 
1  1 Y 1 A GLU 62  ? CG  ? A GLU 62  CG  
2  1 Y 1 A GLU 62  ? CD  ? A GLU 62  CD  
3  1 Y 1 A GLU 62  ? OE1 ? A GLU 62  OE1 
4  1 Y 1 A GLU 62  ? OE2 ? A GLU 62  OE2 
5  1 Y 1 A GLU 63  ? CG  ? A GLU 63  CG  
6  1 Y 1 A GLU 63  ? CD  ? A GLU 63  CD  
7  1 Y 1 A GLU 63  ? OE1 ? A GLU 63  OE1 
8  1 Y 1 A GLU 63  ? OE2 ? A GLU 63  OE2 
9  1 Y 1 A ASP 69  ? CG  ? A ASP 69  CG  
10 1 Y 1 A ASP 69  ? OD1 ? A ASP 69  OD1 
11 1 Y 1 A ASP 69  ? OD2 ? A ASP 69  OD2 
12 1 Y 1 A GLN 70  ? CG  ? A GLN 70  CG  
13 1 Y 1 A GLN 70  ? CD  ? A GLN 70  CD  
14 1 Y 1 A GLN 70  ? OE1 ? A GLN 70  OE1 
15 1 Y 1 A GLN 70  ? NE2 ? A GLN 70  NE2 
16 1 Y 0 A LYS 101 ? N   B A LYS 101 N   
17 1 Y 0 A LYS 101 ? CA  B A LYS 101 CA  
18 1 Y 0 A LYS 101 ? C   B A LYS 101 C   
19 1 Y 0 A LYS 101 ? O   B A LYS 101 O   
20 1 Y 0 A LYS 101 ? CB  B A LYS 101 CB  
21 1 Y 0 A LYS 101 ? CG  B A LYS 101 CG  
22 1 Y 0 A LYS 101 ? CD  B A LYS 101 CD  
23 1 Y 0 A LYS 101 ? CE  B A LYS 101 CE  
24 1 Y 0 A LYS 101 ? NZ  B A LYS 101 NZ  
# 
loop_
_software.pdbx_ordinal 
_software.name 
_software.version 
_software.date 
_software.type 
_software.contact_author 
_software.contact_author_email 
_software.classification 
_software.location 
_software.language 
_software.citation_id 
1 SCALEPACK   .       ?               program 'Zbyszek Otwinowski' hkl@hkl-xray.com            'data scaling'    
http://www.hkl-xray.com/                    ?   ? 
2 PHASER      .       ?               program 'Randy J. Read'      cimr-phaser@lists.cam.ac.uk phasing           
http://www-structmed.cimr.cam.ac.uk/phaser/ ?   ? 
3 PHENIX      1.7_650 ?               package 'Paul D. Adams'      PDAdams@lbl.gov             refinement        
http://www.phenix-online.org/               C++ ? 
4 PDB_EXTRACT 3.10    'June 10, 2010' package PDB                  deposit@deposit.rcsb.org    'data extraction' 
http://sw-tools.pdb.org/apps/PDB_EXTRACT/   C++ ? 
5 HKL-2000    .       ?               ?       ?                    ?                           'data collection' ? ?   ? 
6 DENZO       .       ?               ?       ?                    ?                           'data reduction'  ? ?   ? 
# 
_cell.entry_id           3RSO 
_cell.length_a           88.496 
_cell.length_b           88.496 
_cell.length_c           134.094 
_cell.angle_alpha        90.00 
_cell.angle_beta         90.00 
_cell.angle_gamma        120.00 
_cell.Z_PDB              18 
_cell.pdbx_unique_axis   ? 
_cell.length_a_esd       ? 
_cell.length_b_esd       ? 
_cell.length_c_esd       ? 
_cell.angle_alpha_esd    ? 
_cell.angle_beta_esd     ? 
_cell.angle_gamma_esd    ? 
# 
_symmetry.entry_id                         3RSO 
_symmetry.space_group_name_H-M             'H 3 2' 
_symmetry.pdbx_full_space_group_name_H-M   ? 
_symmetry.cell_setting                     ? 
_symmetry.Int_Tables_number                155 
_symmetry.space_group_name_Hall            ? 
# 
_exptl.entry_id          3RSO 
_exptl.method            'X-RAY DIFFRACTION' 
_exptl.crystals_number   1 
# 
_exptl_crystal.id                    1 
_exptl_crystal.density_meas          ? 
_exptl_crystal.density_Matthews      2.68 
_exptl_crystal.density_percent_sol   54.05 
_exptl_crystal.description           ? 
_exptl_crystal.F_000                 ? 
_exptl_crystal.preparation           ? 
# 
_exptl_crystal_grow.crystal_id      1 
_exptl_crystal_grow.method          'hanging drop' 
_exptl_crystal_grow.temp            298 
_exptl_crystal_grow.temp_details    ? 
_exptl_crystal_grow.pH              7.5 
_exptl_crystal_grow.pdbx_pH_range   ? 
_exptl_crystal_grow.pdbx_details    '20 % PEG 3350, 200mM Calcium Chloride, pH 7.5, hanging drop, temperature 298K' 
# 
_diffrn.id                     1 
_diffrn.ambient_temp           100 
_diffrn.ambient_temp_details   ? 
_diffrn.crystal_id             1 
# 
_diffrn_detector.diffrn_id              1 
_diffrn_detector.detector               CCD 
_diffrn_detector.type                   MARRESEARCH 
_diffrn_detector.pdbx_collection_date   2002-12-17 
_diffrn_detector.details                ? 
# 
_diffrn_radiation.diffrn_id                        1 
_diffrn_radiation.wavelength_id                    1 
_diffrn_radiation.pdbx_monochromatic_or_laue_m_l   ? 
_diffrn_radiation.monochromator                    ? 
_diffrn_radiation.pdbx_diffrn_protocol             'SINGLE WAVELENGTH' 
_diffrn_radiation.pdbx_scattering_type             x-ray 
# 
_diffrn_radiation_wavelength.id           1 
_diffrn_radiation_wavelength.wavelength   1.0 
_diffrn_radiation_wavelength.wt           1.0 
# 
_diffrn_source.diffrn_id                   1 
_diffrn_source.source                      SYNCHROTRON 
_diffrn_source.type                        'APS BEAMLINE 22-ID' 
_diffrn_source.pdbx_synchrotron_site       APS 
_diffrn_source.pdbx_synchrotron_beamline   22-ID 
_diffrn_source.pdbx_wavelength             ? 
_diffrn_source.pdbx_wavelength_list        1.0 
# 
_reflns.pdbx_diffrn_id               1 
_reflns.pdbx_ordinal                 1 
_reflns.entry_id                     3RSO 
_reflns.observed_criterion_sigma_I   0.0 
_reflns.observed_criterion_sigma_F   0.0 
_reflns.d_resolution_low             50.000 
_reflns.d_resolution_high            1.600 
_reflns.number_obs                   26262 
_reflns.number_all                   ? 
_reflns.percent_possible_obs         99.500 
_reflns.pdbx_Rmerge_I_obs            0.042 
_reflns.pdbx_Rsym_value              ? 
_reflns.pdbx_netI_over_sigmaI        12.500 
_reflns.B_iso_Wilson_estimate        ? 
_reflns.pdbx_redundancy              3.800 
_reflns.R_free_details               ? 
_reflns.limit_h_max                  ? 
_reflns.limit_h_min                  ? 
_reflns.limit_k_max                  ? 
_reflns.limit_k_min                  ? 
_reflns.limit_l_max                  ? 
_reflns.limit_l_min                  ? 
_reflns.observed_criterion_F_max     ? 
_reflns.observed_criterion_F_min     ? 
_reflns.pdbx_chi_squared             ? 
_reflns.pdbx_scaling_rejects         ? 
# 
loop_
_reflns_shell.pdbx_diffrn_id 
_reflns_shell.pdbx_ordinal 
_reflns_shell.d_res_high 
_reflns_shell.d_res_low 
_reflns_shell.percent_possible_all 
_reflns_shell.Rmerge_I_obs 
_reflns_shell.pdbx_Rsym_value 
_reflns_shell.meanI_over_sigI_obs 
_reflns_shell.pdbx_redundancy 
_reflns_shell.percent_possible_obs 
_reflns_shell.number_unique_all 
_reflns_shell.number_measured_all 
_reflns_shell.number_measured_obs 
_reflns_shell.number_unique_obs 
_reflns_shell.pdbx_chi_squared 
1 1  1.600 1.660  100.000 0.238 ? ? 3.600 ? ? ? ? ? ? 
1 2  1.660 1.720  100.000 0.189 ? ? 3.700 ? ? ? ? ? ? 
1 3  1.720 1.800  100.000 0.143 ? ? 3.800 ? ? ? ? ? ? 
1 4  1.800 1.900  100.000 0.103 ? ? 3.800 ? ? ? ? ? ? 
1 5  1.900 2.020  100.000 0.075 ? ? 3.900 ? ? ? ? ? ? 
1 6  2.020 2.170  100.000 0.059 ? ? 3.900 ? ? ? ? ? ? 
1 7  2.170 2.390  100.000 0.048 ? ? 3.900 ? ? ? ? ? ? 
1 8  2.390 2.740  100.000 0.041 ? ? 3.900 ? ? ? ? ? ? 
1 9  2.740 3.450  100.000 0.035 ? ? 4.000 ? ? ? ? ? ? 
1 10 3.450 50.000 95.500  0.031 ? ? 3.800 ? ? ? ? ? ? 
# 
_refine.pdbx_refine_id                           'X-RAY DIFFRACTION' 
_refine.entry_id                                 3RSO 
_refine.pdbx_diffrn_id                           1 
_refine.pdbx_TLS_residual_ADP_flag               ? 
_refine.ls_number_reflns_obs                     26262 
_refine.ls_number_reflns_all                     26262 
_refine.pdbx_ls_sigma_I                          ? 
_refine.pdbx_ls_sigma_F                          0.00 
_refine.pdbx_data_cutoff_high_absF               ? 
_refine.pdbx_data_cutoff_low_absF                ? 
_refine.pdbx_data_cutoff_high_rms_absF           ? 
_refine.ls_d_res_low                             33.269 
_refine.ls_d_res_high                            1.600 
_refine.ls_percent_reflns_obs                    97.62 
_refine.ls_R_factor_obs                          0.1794 
_refine.ls_R_factor_all                          ? 
_refine.ls_R_factor_R_work                       0.1773 
_refine.ls_R_factor_R_free                       0.1985 
_refine.ls_R_factor_R_free_error                 ? 
_refine.ls_R_factor_R_free_error_details         ? 
_refine.ls_percent_reflns_R_free                 10.00 
_refine.ls_number_reflns_R_free                  2625 
_refine.ls_number_parameters                     ? 
_refine.ls_number_restraints                     ? 
_refine.occupancy_min                            0.000 
_refine.occupancy_max                            1.000 
_refine.correlation_coeff_Fo_to_Fc               ? 
_refine.correlation_coeff_Fo_to_Fc_free          ? 
_refine.B_iso_mean                               ? 
_refine.aniso_B[1][1]                            -0.9899 
_refine.aniso_B[2][2]                            -0.9899 
_refine.aniso_B[3][3]                            1.9799 
_refine.aniso_B[1][2]                            0.0000 
_refine.aniso_B[1][3]                            -0.0000 
_refine.aniso_B[2][3]                            -0.0000 
_refine.solvent_model_details                    'FLAT BULK SOLVENT MODEL' 
_refine.solvent_model_param_ksol                 0.431 
_refine.solvent_model_param_bsol                 56.060 
_refine.pdbx_solvent_vdw_probe_radii             1.20 
_refine.pdbx_solvent_ion_probe_radii             ? 
_refine.pdbx_solvent_shrinkage_radii             0.95 
_refine.pdbx_ls_cross_valid_method               ? 
_refine.details                                  ? 
_refine.pdbx_starting_model                      ? 
_refine.pdbx_method_to_determine_struct          'MOLECULAR REPLACEMENT' 
_refine.pdbx_isotropic_thermal_model             ? 
_refine.pdbx_stereochemistry_target_values       ML 
_refine.pdbx_stereochem_target_val_spec_case     ? 
_refine.pdbx_R_Free_selection_details            ? 
_refine.pdbx_overall_ESU_R_Free                  ? 
_refine.overall_SU_ML                            0.19 
_refine.pdbx_overall_phase_error                 17.80 
_refine.overall_SU_B                             ? 
_refine.overall_SU_R_Cruickshank_DPI             ? 
_refine.pdbx_overall_SU_R_free_Cruickshank_DPI   ? 
_refine.pdbx_overall_SU_R_Blow_DPI               ? 
_refine.pdbx_overall_SU_R_free_Blow_DPI          ? 
_refine.ls_redundancy_reflns_obs                 ? 
_refine.B_iso_min                                ? 
_refine.B_iso_max                                ? 
_refine.overall_SU_R_free                        ? 
_refine.ls_wR_factor_R_free                      ? 
_refine.ls_wR_factor_R_work                      ? 
_refine.overall_FOM_free_R_set                   ? 
_refine.overall_FOM_work_R_set                   ? 
_refine.pdbx_overall_ESU_R                       ? 
# 
_refine_hist.pdbx_refine_id                   'X-RAY DIFFRACTION' 
_refine_hist.cycle_id                         LAST 
_refine_hist.pdbx_number_atoms_protein        1308 
_refine_hist.pdbx_number_atoms_nucleic_acid   0 
_refine_hist.pdbx_number_atoms_ligand         53 
_refine_hist.number_atoms_solvent             124 
_refine_hist.number_atoms_total               1485 
_refine_hist.d_res_high                       1.600 
_refine_hist.d_res_low                        33.269 
# 
loop_
_refine_ls_restr.type 
_refine_ls_restr.dev_ideal 
_refine_ls_restr.dev_ideal_target 
_refine_ls_restr.weight 
_refine_ls_restr.number 
_refine_ls_restr.pdbx_refine_id 
_refine_ls_restr.pdbx_restraint_function 
f_bond_d           0.007  ? ? 1403 'X-RAY DIFFRACTION' ? 
f_angle_d          1.078  ? ? 1906 'X-RAY DIFFRACTION' ? 
f_dihedral_angle_d 15.799 ? ? 538  'X-RAY DIFFRACTION' ? 
f_chiral_restr     0.067  ? ? 215  'X-RAY DIFFRACTION' ? 
f_plane_restr      0.004  ? ? 241  'X-RAY DIFFRACTION' ? 
# 
loop_
_refine_ls_shell.pdbx_refine_id 
_refine_ls_shell.pdbx_total_number_of_bins_used 
_refine_ls_shell.d_res_high 
_refine_ls_shell.d_res_low 
_refine_ls_shell.number_reflns_R_work 
_refine_ls_shell.R_factor_R_work 
_refine_ls_shell.percent_reflns_obs 
_refine_ls_shell.R_factor_R_free 
_refine_ls_shell.R_factor_R_free_error 
_refine_ls_shell.percent_reflns_R_free 
_refine_ls_shell.number_reflns_R_free 
_refine_ls_shell.number_reflns_all 
_refine_ls_shell.R_factor_all 
_refine_ls_shell.redundancy_reflns_obs 
_refine_ls_shell.number_reflns_obs 
'X-RAY DIFFRACTION' . 1.6000 1.6291  1147 0.2708 93.00  0.3033 . . 136 . . . . 
'X-RAY DIFFRACTION' . 1.6291 1.6605  1186 0.2473 94.00  0.2627 . . 156 . . . . 
'X-RAY DIFFRACTION' . 1.6605 1.6944  1210 0.2270 95.00  0.2791 . . 118 . . . . 
'X-RAY DIFFRACTION' . 1.6944 1.7312  1204 0.2125 96.00  0.2133 . . 123 . . . . 
'X-RAY DIFFRACTION' . 1.7312 1.7715  1210 0.1909 96.00  0.2364 . . 136 . . . . 
'X-RAY DIFFRACTION' . 1.7715 1.8158  1218 0.1779 97.00  0.2025 . . 138 . . . . 
'X-RAY DIFFRACTION' . 1.8158 1.8648  1250 0.1705 98.00  0.2216 . . 137 . . . . 
'X-RAY DIFFRACTION' . 1.8648 1.9197  1261 0.1518 98.00  0.1887 . . 127 . . . . 
'X-RAY DIFFRACTION' . 1.9197 1.9817  1229 0.1557 98.00  0.1710 . . 153 . . . . 
'X-RAY DIFFRACTION' . 1.9817 2.0525  1270 0.1607 99.00  0.2146 . . 131 . . . . 
'X-RAY DIFFRACTION' . 2.0525 2.1347  1245 0.1642 99.00  0.1707 . . 145 . . . . 
'X-RAY DIFFRACTION' . 2.1347 2.2318  1263 0.1704 100.00 0.2025 . . 140 . . . . 
'X-RAY DIFFRACTION' . 2.2318 2.3494  1282 0.1733 100.00 0.2096 . . 132 . . . . 
'X-RAY DIFFRACTION' . 2.3494 2.4966  1265 0.1716 100.00 0.1924 . . 143 . . . . 
'X-RAY DIFFRACTION' . 2.4966 2.6893  1295 0.1677 100.00 0.1712 . . 124 . . . . 
'X-RAY DIFFRACTION' . 2.6893 2.9597  1282 0.1729 100.00 0.1908 . . 147 . . . . 
'X-RAY DIFFRACTION' . 2.9597 3.3877  1284 0.1624 100.00 0.1818 . . 150 . . . . 
'X-RAY DIFFRACTION' . 3.3877 4.2667  1292 0.1509 99.00  0.1581 . . 142 . . . . 
'X-RAY DIFFRACTION' . 4.2667 33.2766 1244 0.2248 92.00  0.2425 . . 147 . . . . 
# 
_struct.entry_id                  3RSO 
_struct.title                     'H-Ras soaked in 20% S,R,S-bisfuranol: 1 of 10 in MSCS set' 
_struct.pdbx_model_details        ? 
_struct.pdbx_CASP_flag            ? 
_struct.pdbx_model_type_details   ? 
# 
_struct_keywords.entry_id        3RSO 
_struct_keywords.text            'GTP-BINDING, NUCLEOTIDE BINDING, SIGNALING PROTEIN' 
_struct_keywords.pdbx_keywords   'SIGNALING PROTEIN' 
# 
loop_
_struct_asym.id 
_struct_asym.pdbx_blank_PDB_chainid_flag 
_struct_asym.pdbx_modified 
_struct_asym.entity_id 
_struct_asym.details 
A N N 1 ? 
B N N 2 ? 
C N N 3 ? 
D N N 4 ? 
E N N 3 ? 
F N N 5 ? 
G N N 5 ? 
H N N 6 ? 
# 
_struct_ref.id                         1 
_struct_ref.db_name                    UNP 
_struct_ref.db_code                    RASH_HUMAN 
_struct_ref.pdbx_db_accession          P01112 
_struct_ref.entity_id                  1 
_struct_ref.pdbx_seq_one_letter_code   
;MTEYKLVVVGAGGVGKSALTIQLIQNHFVDEYDPTIEDSYRKQVVIDGETCLLDILDTAGQEEYSAMRDQYMRTGEGFLC
VFAINNTKSFEDIHQYREQIKRVKDSDDVPMVLVGNKCDLAARTVESRQAQDLARSYGIPYIETSAKTRQGVEDAFYTLV
REIRQH
;
_struct_ref.pdbx_align_begin           1 
_struct_ref.pdbx_db_isoform            ? 
# 
_struct_ref_seq.align_id                      1 
_struct_ref_seq.ref_id                        1 
_struct_ref_seq.pdbx_PDB_id_code              3RSO 
_struct_ref_seq.pdbx_strand_id                A 
_struct_ref_seq.seq_align_beg                 1 
_struct_ref_seq.pdbx_seq_align_beg_ins_code   ? 
_struct_ref_seq.seq_align_end                 166 
_struct_ref_seq.pdbx_seq_align_end_ins_code   ? 
_struct_ref_seq.pdbx_db_accession             P01112 
_struct_ref_seq.db_align_beg                  1 
_struct_ref_seq.pdbx_db_align_beg_ins_code    ? 
_struct_ref_seq.db_align_end                  166 
_struct_ref_seq.pdbx_db_align_end_ins_code    ? 
_struct_ref_seq.pdbx_auth_seq_align_beg       1 
_struct_ref_seq.pdbx_auth_seq_align_end       166 
# 
_pdbx_struct_assembly.id                   1 
_pdbx_struct_assembly.details              author_defined_assembly 
_pdbx_struct_assembly.method_details       ? 
_pdbx_struct_assembly.oligomeric_details   monomeric 
_pdbx_struct_assembly.oligomeric_count     1 
# 
_pdbx_struct_assembly_gen.assembly_id       1 
_pdbx_struct_assembly_gen.oper_expression   1 
_pdbx_struct_assembly_gen.asym_id_list      A,B,C,D,E,F,G,H 
# 
_pdbx_struct_oper_list.id                   1 
_pdbx_struct_oper_list.type                 'identity operation' 
_pdbx_struct_oper_list.name                 1_555 
_pdbx_struct_oper_list.symmetry_operation   x,y,z 
_pdbx_struct_oper_list.matrix[1][1]         1.0000000000 
_pdbx_struct_oper_list.matrix[1][2]         0.0000000000 
_pdbx_struct_oper_list.matrix[1][3]         0.0000000000 
_pdbx_struct_oper_list.vector[1]            0.0000000000 
_pdbx_struct_oper_list.matrix[2][1]         0.0000000000 
_pdbx_struct_oper_list.matrix[2][2]         1.0000000000 
_pdbx_struct_oper_list.matrix[2][3]         0.0000000000 
_pdbx_struct_oper_list.vector[2]            0.0000000000 
_pdbx_struct_oper_list.matrix[3][1]         0.0000000000 
_pdbx_struct_oper_list.matrix[3][2]         0.0000000000 
_pdbx_struct_oper_list.matrix[3][3]         1.0000000000 
_pdbx_struct_oper_list.vector[3]            0.0000000000 
# 
_struct_biol.id        1 
_struct_biol.details   ? 
# 
loop_
_struct_conf.conf_type_id 
_struct_conf.id 
_struct_conf.pdbx_PDB_helix_id 
_struct_conf.beg_label_comp_id 
_struct_conf.beg_label_asym_id 
_struct_conf.beg_label_seq_id 
_struct_conf.pdbx_beg_PDB_ins_code 
_struct_conf.end_label_comp_id 
_struct_conf.end_label_asym_id 
_struct_conf.end_label_seq_id 
_struct_conf.pdbx_end_PDB_ins_code 
_struct_conf.beg_auth_comp_id 
_struct_conf.beg_auth_asym_id 
_struct_conf.beg_auth_seq_id 
_struct_conf.end_auth_comp_id 
_struct_conf.end_auth_asym_id 
_struct_conf.end_auth_seq_id 
_struct_conf.pdbx_PDB_helix_class 
_struct_conf.details 
_struct_conf.pdbx_PDB_helix_length 
HELX_P HELX_P1 1 GLY A 15  ? ASN A 26  ? GLY A 15  ASN A 26  1 ? 12 
HELX_P HELX_P2 2 GLN A 61  ? SER A 65  ? GLN A 61  SER A 65  5 ? 5  
HELX_P HELX_P3 3 MET A 67  ? ARG A 73  ? MET A 67  ARG A 73  1 ? 7  
HELX_P HELX_P4 4 ASN A 86  ? ASP A 92  ? ASN A 86  ASP A 92  1 ? 7  
HELX_P HELX_P5 5 ASP A 92  ? ASP A 105 ? ASP A 92  ASP A 105 1 ? 14 
HELX_P HELX_P6 6 GLU A 126 ? GLY A 138 ? GLU A 126 GLY A 138 1 ? 13 
HELX_P HELX_P7 7 GLY A 151 ? ARG A 164 ? GLY A 151 ARG A 164 1 ? 14 
# 
_struct_conf_type.id          HELX_P 
_struct_conf_type.criteria    ? 
_struct_conf_type.reference   ? 
# 
loop_
_struct_conn.id 
_struct_conn.conn_type_id 
_struct_conn.pdbx_leaving_atom_flag 
_struct_conn.pdbx_PDB_id 
_struct_conn.ptnr1_label_asym_id 
_struct_conn.ptnr1_label_comp_id 
_struct_conn.ptnr1_label_seq_id 
_struct_conn.ptnr1_label_atom_id 
_struct_conn.pdbx_ptnr1_label_alt_id 
_struct_conn.pdbx_ptnr1_PDB_ins_code 
_struct_conn.pdbx_ptnr1_standard_comp_id 
_struct_conn.ptnr1_symmetry 
_struct_conn.ptnr2_label_asym_id 
_struct_conn.ptnr2_label_comp_id 
_struct_conn.ptnr2_label_seq_id 
_struct_conn.ptnr2_label_atom_id 
_struct_conn.pdbx_ptnr2_label_alt_id 
_struct_conn.pdbx_ptnr2_PDB_ins_code 
_struct_conn.ptnr1_auth_asym_id 
_struct_conn.ptnr1_auth_comp_id 
_struct_conn.ptnr1_auth_seq_id 
_struct_conn.ptnr2_auth_asym_id 
_struct_conn.ptnr2_auth_comp_id 
_struct_conn.ptnr2_auth_seq_id 
_struct_conn.ptnr2_symmetry 
_struct_conn.pdbx_ptnr3_label_atom_id 
_struct_conn.pdbx_ptnr3_label_seq_id 
_struct_conn.pdbx_ptnr3_label_comp_id 
_struct_conn.pdbx_ptnr3_label_asym_id 
_struct_conn.pdbx_ptnr3_label_alt_id 
_struct_conn.pdbx_ptnr3_PDB_ins_code 
_struct_conn.details 
_struct_conn.pdbx_dist_value 
_struct_conn.pdbx_value_order 
_struct_conn.pdbx_role 
metalc1  metalc ? ? A SER 17  OG  ? ? ? 1_555 D MG  . MG ? ? A SER 17  A MG  192 1_555 ? ? ? ? ? ? ? 2.150 ? ? 
metalc2  metalc ? ? A PHE 28  O   ? ? ? 1_555 C CA  . CA ? ? A PHE 28  A CA  193 1_555 ? ? ? ? ? ? ? 2.359 ? ? 
metalc3  metalc ? ? A ASP 30  OD2 ? ? ? 1_555 C CA  . CA ? ? A ASP 30  A CA  193 1_555 ? ? ? ? ? ? ? 2.401 ? ? 
metalc4  metalc ? ? A THR 35  OG1 ? ? ? 1_555 D MG  . MG ? ? A THR 35  A MG  192 1_555 ? ? ? ? ? ? ? 2.148 ? ? 
metalc5  metalc ? ? A ARG 102 O   ? ? ? 1_555 E CA  . CA ? ? A ARG 102 A CA  195 1_555 ? ? ? ? ? ? ? 2.427 ? ? 
metalc6  metalc ? ? A ASP 105 OD2 ? ? ? 1_555 E CA  . CA ? ? A ASP 105 A CA  195 1_555 ? ? ? ? ? ? ? 2.752 ? ? 
metalc7  metalc ? ? A ASP 105 OD1 ? ? ? 1_555 E CA  . CA ? ? A ASP 105 A CA  195 1_555 ? ? ? ? ? ? ? 2.917 ? ? 
metalc8  metalc ? ? B GNP .   O2G ? ? ? 1_555 D MG  . MG ? ? A GNP 190 A MG  192 1_555 ? ? ? ? ? ? ? 2.051 ? ? 
metalc9  metalc ? ? B GNP .   O2B ? ? ? 1_555 D MG  . MG ? ? A GNP 190 A MG  192 1_555 ? ? ? ? ? ? ? 2.131 ? ? 
metalc10 metalc ? ? D MG  .   MG  ? ? ? 1_555 H HOH . O  ? ? A MG  192 A HOH 301 1_555 ? ? ? ? ? ? ? 2.205 ? ? 
metalc11 metalc ? ? D MG  .   MG  ? ? ? 1_555 H HOH . O  ? ? A MG  192 A HOH 303 1_555 ? ? ? ? ? ? ? 2.070 ? ? 
metalc12 metalc ? ? C CA  .   CA  ? ? ? 1_555 H HOH . O  ? ? A CA  193 A HOH 309 1_555 ? ? ? ? ? ? ? 2.439 ? ? 
metalc13 metalc ? ? E CA  .   CA  ? ? ? 1_555 H HOH . O  ? ? A CA  195 A HOH 393 1_555 ? ? ? ? ? ? ? 3.098 ? ? 
# 
_struct_conn_type.id          metalc 
_struct_conn_type.criteria    ? 
_struct_conn_type.reference   ? 
# 
loop_
_pdbx_struct_conn_angle.id 
_pdbx_struct_conn_angle.ptnr1_label_atom_id 
_pdbx_struct_conn_angle.ptnr1_label_alt_id 
_pdbx_struct_conn_angle.ptnr1_label_asym_id 
_pdbx_struct_conn_angle.ptnr1_label_comp_id 
_pdbx_struct_conn_angle.ptnr1_label_seq_id 
_pdbx_struct_conn_angle.ptnr1_auth_atom_id 
_pdbx_struct_conn_angle.ptnr1_auth_asym_id 
_pdbx_struct_conn_angle.ptnr1_auth_comp_id 
_pdbx_struct_conn_angle.ptnr1_auth_seq_id 
_pdbx_struct_conn_angle.ptnr1_PDB_ins_code 
_pdbx_struct_conn_angle.ptnr1_symmetry 
_pdbx_struct_conn_angle.ptnr2_label_atom_id 
_pdbx_struct_conn_angle.ptnr2_label_alt_id 
_pdbx_struct_conn_angle.ptnr2_label_asym_id 
_pdbx_struct_conn_angle.ptnr2_label_comp_id 
_pdbx_struct_conn_angle.ptnr2_label_seq_id 
_pdbx_struct_conn_angle.ptnr2_auth_atom_id 
_pdbx_struct_conn_angle.ptnr2_auth_asym_id 
_pdbx_struct_conn_angle.ptnr2_auth_comp_id 
_pdbx_struct_conn_angle.ptnr2_auth_seq_id 
_pdbx_struct_conn_angle.ptnr2_PDB_ins_code 
_pdbx_struct_conn_angle.ptnr2_symmetry 
_pdbx_struct_conn_angle.ptnr3_label_atom_id 
_pdbx_struct_conn_angle.ptnr3_label_alt_id 
_pdbx_struct_conn_angle.ptnr3_label_asym_id 
_pdbx_struct_conn_angle.ptnr3_label_comp_id 
_pdbx_struct_conn_angle.ptnr3_label_seq_id 
_pdbx_struct_conn_angle.ptnr3_auth_atom_id 
_pdbx_struct_conn_angle.ptnr3_auth_asym_id 
_pdbx_struct_conn_angle.ptnr3_auth_comp_id 
_pdbx_struct_conn_angle.ptnr3_auth_seq_id 
_pdbx_struct_conn_angle.ptnr3_PDB_ins_code 
_pdbx_struct_conn_angle.ptnr3_symmetry 
_pdbx_struct_conn_angle.value 
_pdbx_struct_conn_angle.value_esd 
1  OG  ? A SER 17  ? A SER 17  ? 1_555 MG ? D MG . ? A MG 192 ? 1_555 OG1 ? A THR 35  ? A THR 35  ? 1_555 81.9  ? 
2  OG  ? A SER 17  ? A SER 17  ? 1_555 MG ? D MG . ? A MG 192 ? 1_555 O2G ? B GNP .   ? A GNP 190 ? 1_555 172.9 ? 
3  OG1 ? A THR 35  ? A THR 35  ? 1_555 MG ? D MG . ? A MG 192 ? 1_555 O2G ? B GNP .   ? A GNP 190 ? 1_555 91.2  ? 
4  OG  ? A SER 17  ? A SER 17  ? 1_555 MG ? D MG . ? A MG 192 ? 1_555 O2B ? B GNP .   ? A GNP 190 ? 1_555 91.2  ? 
5  OG1 ? A THR 35  ? A THR 35  ? 1_555 MG ? D MG . ? A MG 192 ? 1_555 O2B ? B GNP .   ? A GNP 190 ? 1_555 172.0 ? 
6  O2G ? B GNP .   ? A GNP 190 ? 1_555 MG ? D MG . ? A MG 192 ? 1_555 O2B ? B GNP .   ? A GNP 190 ? 1_555 95.8  ? 
7  OG  ? A SER 17  ? A SER 17  ? 1_555 MG ? D MG . ? A MG 192 ? 1_555 O   ? H HOH .   ? A HOH 301 ? 1_555 90.3  ? 
8  OG1 ? A THR 35  ? A THR 35  ? 1_555 MG ? D MG . ? A MG 192 ? 1_555 O   ? H HOH .   ? A HOH 301 ? 1_555 89.2  ? 
9  O2G ? B GNP .   ? A GNP 190 ? 1_555 MG ? D MG . ? A MG 192 ? 1_555 O   ? H HOH .   ? A HOH 301 ? 1_555 91.3  ? 
10 O2B ? B GNP .   ? A GNP 190 ? 1_555 MG ? D MG . ? A MG 192 ? 1_555 O   ? H HOH .   ? A HOH 301 ? 1_555 86.8  ? 
11 OG  ? A SER 17  ? A SER 17  ? 1_555 MG ? D MG . ? A MG 192 ? 1_555 O   ? H HOH .   ? A HOH 303 ? 1_555 87.0  ? 
12 OG1 ? A THR 35  ? A THR 35  ? 1_555 MG ? D MG . ? A MG 192 ? 1_555 O   ? H HOH .   ? A HOH 303 ? 1_555 92.2  ? 
13 O2G ? B GNP .   ? A GNP 190 ? 1_555 MG ? D MG . ? A MG 192 ? 1_555 O   ? H HOH .   ? A HOH 303 ? 1_555 91.6  ? 
14 O2B ? B GNP .   ? A GNP 190 ? 1_555 MG ? D MG . ? A MG 192 ? 1_555 O   ? H HOH .   ? A HOH 303 ? 1_555 91.5  ? 
15 O   ? H HOH .   ? A HOH 301 ? 1_555 MG ? D MG . ? A MG 192 ? 1_555 O   ? H HOH .   ? A HOH 303 ? 1_555 176.8 ? 
16 O   ? A PHE 28  ? A PHE 28  ? 1_555 CA ? C CA . ? A CA 193 ? 1_555 OD2 ? A ASP 30  ? A ASP 30  ? 1_555 85.1  ? 
17 O   ? A PHE 28  ? A PHE 28  ? 1_555 CA ? C CA . ? A CA 193 ? 1_555 O   ? H HOH .   ? A HOH 309 ? 1_555 90.1  ? 
18 OD2 ? A ASP 30  ? A ASP 30  ? 1_555 CA ? C CA . ? A CA 193 ? 1_555 O   ? H HOH .   ? A HOH 309 ? 1_555 85.7  ? 
19 O   ? A ARG 102 ? A ARG 102 ? 1_555 CA ? E CA . ? A CA 195 ? 1_555 OD2 ? A ASP 105 ? A ASP 105 ? 1_555 76.3  ? 
20 O   ? A ARG 102 ? A ARG 102 ? 1_555 CA ? E CA . ? A CA 195 ? 1_555 OD1 ? A ASP 105 ? A ASP 105 ? 1_555 97.8  ? 
21 OD2 ? A ASP 105 ? A ASP 105 ? 1_555 CA ? E CA . ? A CA 195 ? 1_555 OD1 ? A ASP 105 ? A ASP 105 ? 1_555 45.6  ? 
22 O   ? A ARG 102 ? A ARG 102 ? 1_555 CA ? E CA . ? A CA 195 ? 1_555 O   ? H HOH .   ? A HOH 393 ? 1_555 102.7 ? 
23 OD2 ? A ASP 105 ? A ASP 105 ? 1_555 CA ? E CA . ? A CA 195 ? 1_555 O   ? H HOH .   ? A HOH 393 ? 1_555 144.4 ? 
24 OD1 ? A ASP 105 ? A ASP 105 ? 1_555 CA ? E CA . ? A CA 195 ? 1_555 O   ? H HOH .   ? A HOH 393 ? 1_555 100.7 ? 
# 
_struct_sheet.id               A 
_struct_sheet.type             ? 
_struct_sheet.number_strands   6 
_struct_sheet.details          ? 
# 
loop_
_struct_sheet_order.sheet_id 
_struct_sheet_order.range_id_1 
_struct_sheet_order.range_id_2 
_struct_sheet_order.offset 
_struct_sheet_order.sense 
A 1 2 ? anti-parallel 
A 2 3 ? parallel      
A 3 4 ? parallel      
A 4 5 ? parallel      
A 5 6 ? parallel      
# 
loop_
_struct_sheet_range.sheet_id 
_struct_sheet_range.id 
_struct_sheet_range.beg_label_comp_id 
_struct_sheet_range.beg_label_asym_id 
_struct_sheet_range.beg_label_seq_id 
_struct_sheet_range.pdbx_beg_PDB_ins_code 
_struct_sheet_range.end_label_comp_id 
_struct_sheet_range.end_label_asym_id 
_struct_sheet_range.end_label_seq_id 
_struct_sheet_range.pdbx_end_PDB_ins_code 
_struct_sheet_range.beg_auth_comp_id 
_struct_sheet_range.beg_auth_asym_id 
_struct_sheet_range.beg_auth_seq_id 
_struct_sheet_range.end_auth_comp_id 
_struct_sheet_range.end_auth_asym_id 
_struct_sheet_range.end_auth_seq_id 
A 1 GLU A 37  ? ILE A 46  ? GLU A 37  ILE A 46  
A 2 GLU A 49  ? THR A 58  ? GLU A 49  THR A 58  
A 3 THR A 2   ? GLY A 10  ? THR A 2   GLY A 10  
A 4 GLY A 77  ? ALA A 83  ? GLY A 77  ALA A 83  
A 5 MET A 111 ? ASN A 116 ? MET A 111 ASN A 116 
A 6 TYR A 141 ? GLU A 143 ? TYR A 141 GLU A 143 
# 
loop_
_pdbx_struct_sheet_hbond.sheet_id 
_pdbx_struct_sheet_hbond.range_id_1 
_pdbx_struct_sheet_hbond.range_id_2 
_pdbx_struct_sheet_hbond.range_1_label_atom_id 
_pdbx_struct_sheet_hbond.range_1_label_comp_id 
_pdbx_struct_sheet_hbond.range_1_label_asym_id 
_pdbx_struct_sheet_hbond.range_1_label_seq_id 
_pdbx_struct_sheet_hbond.range_1_PDB_ins_code 
_pdbx_struct_sheet_hbond.range_1_auth_atom_id 
_pdbx_struct_sheet_hbond.range_1_auth_comp_id 
_pdbx_struct_sheet_hbond.range_1_auth_asym_id 
_pdbx_struct_sheet_hbond.range_1_auth_seq_id 
_pdbx_struct_sheet_hbond.range_2_label_atom_id 
_pdbx_struct_sheet_hbond.range_2_label_comp_id 
_pdbx_struct_sheet_hbond.range_2_label_asym_id 
_pdbx_struct_sheet_hbond.range_2_label_seq_id 
_pdbx_struct_sheet_hbond.range_2_PDB_ins_code 
_pdbx_struct_sheet_hbond.range_2_auth_atom_id 
_pdbx_struct_sheet_hbond.range_2_auth_comp_id 
_pdbx_struct_sheet_hbond.range_2_auth_asym_id 
_pdbx_struct_sheet_hbond.range_2_auth_seq_id 
A 1 2 N TYR A 40  ? N TYR A 40  O ILE A 55  ? O ILE A 55  
A 2 3 O LEU A 56  ? O LEU A 56  N LEU A 6   ? N LEU A 6   
A 3 4 N VAL A 9   ? N VAL A 9   O VAL A 81  ? O VAL A 81  
A 4 5 N PHE A 82  ? N PHE A 82  O ASN A 116 ? O ASN A 116 
A 5 6 N LEU A 113 ? N LEU A 113 O ILE A 142 ? O ILE A 142 
# 
loop_
_struct_site.id 
_struct_site.pdbx_evidence_code 
_struct_site.pdbx_auth_asym_id 
_struct_site.pdbx_auth_comp_id 
_struct_site.pdbx_auth_seq_id 
_struct_site.pdbx_auth_ins_code 
_struct_site.pdbx_num_residues 
_struct_site.details 
AC1 Software A GNP 190 ? 30 'BINDING SITE FOR RESIDUE GNP A 190' 
AC2 Software A CA  193 ? 6  'BINDING SITE FOR RESIDUE CA A 193'  
AC3 Software A MG  192 ? 5  'BINDING SITE FOR RESIDUE MG A 192'  
AC4 Software A CA  195 ? 6  'BINDING SITE FOR RESIDUE CA A 195'  
AC5 Software A RSG 204 ? 3  'BINDING SITE FOR RESIDUE RSG A 204' 
AC6 Software A RSG 208 ? 6  'BINDING SITE FOR RESIDUE RSG A 208' 
# 
loop_
_struct_site_gen.id 
_struct_site_gen.site_id 
_struct_site_gen.pdbx_num_res 
_struct_site_gen.label_comp_id 
_struct_site_gen.label_asym_id 
_struct_site_gen.label_seq_id 
_struct_site_gen.pdbx_auth_ins_code 
_struct_site_gen.auth_comp_id 
_struct_site_gen.auth_asym_id 
_struct_site_gen.auth_seq_id 
_struct_site_gen.label_atom_id 
_struct_site_gen.label_alt_id 
_struct_site_gen.symmetry 
_struct_site_gen.details 
1  AC1 30 GLY A 12  ? GLY A 12  . ? 1_555 ? 
2  AC1 30 GLY A 13  ? GLY A 13  . ? 1_555 ? 
3  AC1 30 VAL A 14  ? VAL A 14  . ? 1_555 ? 
4  AC1 30 GLY A 15  ? GLY A 15  . ? 1_555 ? 
5  AC1 30 LYS A 16  ? LYS A 16  . ? 1_555 ? 
6  AC1 30 SER A 17  ? SER A 17  . ? 1_555 ? 
7  AC1 30 ALA A 18  ? ALA A 18  . ? 1_555 ? 
8  AC1 30 PHE A 28  ? PHE A 28  . ? 1_555 ? 
9  AC1 30 VAL A 29  ? VAL A 29  . ? 1_555 ? 
10 AC1 30 ASP A 30  ? ASP A 30  . ? 1_555 ? 
11 AC1 30 GLU A 31  ? GLU A 31  . ? 1_555 ? 
12 AC1 30 TYR A 32  ? TYR A 32  . ? 1_555 ? 
13 AC1 30 PRO A 34  ? PRO A 34  . ? 1_555 ? 
14 AC1 30 THR A 35  ? THR A 35  . ? 1_555 ? 
15 AC1 30 GLY A 60  ? GLY A 60  . ? 1_555 ? 
16 AC1 30 GLN A 61  ? GLN A 61  . ? 1_555 ? 
17 AC1 30 ASN A 116 ? ASN A 116 . ? 1_555 ? 
18 AC1 30 LYS A 117 ? LYS A 117 . ? 1_555 ? 
19 AC1 30 ASP A 119 ? ASP A 119 . ? 1_555 ? 
20 AC1 30 LEU A 120 ? LEU A 120 . ? 1_555 ? 
21 AC1 30 SER A 145 ? SER A 145 . ? 1_555 ? 
22 AC1 30 ALA A 146 ? ALA A 146 . ? 1_555 ? 
23 AC1 30 LYS A 147 ? LYS A 147 . ? 1_555 ? 
24 AC1 30 MG  D .   ? MG  A 192 . ? 1_555 ? 
25 AC1 30 HOH H .   ? HOH A 301 . ? 1_555 ? 
26 AC1 30 HOH H .   ? HOH A 303 . ? 1_555 ? 
27 AC1 30 HOH H .   ? HOH A 304 . ? 1_555 ? 
28 AC1 30 HOH H .   ? HOH A 305 . ? 1_555 ? 
29 AC1 30 HOH H .   ? HOH A 327 . ? 1_555 ? 
30 AC1 30 HOH H .   ? HOH A 428 . ? 1_555 ? 
31 AC2 6  PHE A 28  ? PHE A 28  . ? 1_555 ? 
32 AC2 6  ASP A 30  ? ASP A 30  . ? 1_555 ? 
33 AC2 6  GLU A 31  ? GLU A 31  . ? 5_674 ? 
34 AC2 6  ASP A 33  ? ASP A 33  . ? 5_674 ? 
35 AC2 6  HOH H .   ? HOH A 309 . ? 1_555 ? 
36 AC2 6  HOH H .   ? HOH A 319 . ? 5_674 ? 
37 AC3 5  SER A 17  ? SER A 17  . ? 1_555 ? 
38 AC3 5  THR A 35  ? THR A 35  . ? 1_555 ? 
39 AC3 5  GNP B .   ? GNP A 190 . ? 1_555 ? 
40 AC3 5  HOH H .   ? HOH A 301 . ? 1_555 ? 
41 AC3 5  HOH H .   ? HOH A 303 . ? 1_555 ? 
42 AC4 6  ARG A 102 ? ARG A 102 . ? 6_554 ? 
43 AC4 6  ARG A 102 ? ARG A 102 . ? 1_555 ? 
44 AC4 6  ASP A 105 ? ASP A 105 . ? 1_555 ? 
45 AC4 6  ASP A 105 ? ASP A 105 . ? 6_554 ? 
46 AC4 6  HOH H .   ? HOH A 393 . ? 6_554 ? 
47 AC4 6  HOH H .   ? HOH A 393 . ? 1_555 ? 
48 AC5 3  PHE A 28  ? PHE A 28  . ? 1_555 ? 
49 AC5 3  ASP A 30  ? ASP A 30  . ? 1_555 ? 
50 AC5 3  HOH H .   ? HOH A 309 . ? 1_555 ? 
51 AC6 6  GLY A 13  ? GLY A 13  . ? 1_555 ? 
52 AC6 6  TYR A 32  ? TYR A 32  . ? 1_555 ? 
53 AC6 6  GLN A 95  ? GLN A 95  . ? 3_565 ? 
54 AC6 6  LYS A 117 ? LYS A 117 . ? 1_555 ? 
55 AC6 6  HOH H .   ? HOH A 351 . ? 1_555 ? 
56 AC6 6  HOH H .   ? HOH A 406 . ? 1_555 ? 
# 
loop_
_pdbx_validate_torsion.id 
_pdbx_validate_torsion.PDB_model_num 
_pdbx_validate_torsion.auth_comp_id 
_pdbx_validate_torsion.auth_asym_id 
_pdbx_validate_torsion.auth_seq_id 
_pdbx_validate_torsion.PDB_ins_code 
_pdbx_validate_torsion.label_alt_id 
_pdbx_validate_torsion.phi 
_pdbx_validate_torsion.psi 
1 1 ILE A 36  ? ? -89.56 -82.01 
2 1 LYS A 117 ? ? 70.19  33.50  
3 1 ARG A 149 ? ? 78.05  -2.11  
# 
loop_
_pdbx_struct_special_symmetry.id 
_pdbx_struct_special_symmetry.PDB_model_num 
_pdbx_struct_special_symmetry.auth_asym_id 
_pdbx_struct_special_symmetry.auth_comp_id 
_pdbx_struct_special_symmetry.auth_seq_id 
_pdbx_struct_special_symmetry.PDB_ins_code 
_pdbx_struct_special_symmetry.label_asym_id 
_pdbx_struct_special_symmetry.label_comp_id 
_pdbx_struct_special_symmetry.label_seq_id 
1 1 A CA  195 ? E CA  . 
2 1 A HOH 370 ? H HOH . 
3 1 A HOH 378 ? H HOH . 
4 1 A HOH 393 ? H HOH . 
5 1 A HOH 396 ? H HOH . 
6 1 A HOH 399 ? H HOH . 
7 1 A HOH 407 ? H HOH . 
8 1 A HOH 438 ? H HOH . 
# 
_phasing.method   MR 
# 
loop_
_chem_comp_atom.comp_id 
_chem_comp_atom.atom_id 
_chem_comp_atom.type_symbol 
_chem_comp_atom.pdbx_aromatic_flag 
_chem_comp_atom.pdbx_stereo_config 
_chem_comp_atom.pdbx_ordinal 
ALA N      N  N N 1   
ALA CA     C  N S 2   
ALA C      C  N N 3   
ALA O      O  N N 4   
ALA CB     C  N N 5   
ALA OXT    O  N N 6   
ALA H      H  N N 7   
ALA H2     H  N N 8   
ALA HA     H  N N 9   
ALA HB1    H  N N 10  
ALA HB2    H  N N 11  
ALA HB3    H  N N 12  
ALA HXT    H  N N 13  
ARG N      N  N N 14  
ARG CA     C  N S 15  
ARG C      C  N N 16  
ARG O      O  N N 17  
ARG CB     C  N N 18  
ARG CG     C  N N 19  
ARG CD     C  N N 20  
ARG NE     N  N N 21  
ARG CZ     C  N N 22  
ARG NH1    N  N N 23  
ARG NH2    N  N N 24  
ARG OXT    O  N N 25  
ARG H      H  N N 26  
ARG H2     H  N N 27  
ARG HA     H  N N 28  
ARG HB2    H  N N 29  
ARG HB3    H  N N 30  
ARG HG2    H  N N 31  
ARG HG3    H  N N 32  
ARG HD2    H  N N 33  
ARG HD3    H  N N 34  
ARG HE     H  N N 35  
ARG HH11   H  N N 36  
ARG HH12   H  N N 37  
ARG HH21   H  N N 38  
ARG HH22   H  N N 39  
ARG HXT    H  N N 40  
ASN N      N  N N 41  
ASN CA     C  N S 42  
ASN C      C  N N 43  
ASN O      O  N N 44  
ASN CB     C  N N 45  
ASN CG     C  N N 46  
ASN OD1    O  N N 47  
ASN ND2    N  N N 48  
ASN OXT    O  N N 49  
ASN H      H  N N 50  
ASN H2     H  N N 51  
ASN HA     H  N N 52  
ASN HB2    H  N N 53  
ASN HB3    H  N N 54  
ASN HD21   H  N N 55  
ASN HD22   H  N N 56  
ASN HXT    H  N N 57  
ASP N      N  N N 58  
ASP CA     C  N S 59  
ASP C      C  N N 60  
ASP O      O  N N 61  
ASP CB     C  N N 62  
ASP CG     C  N N 63  
ASP OD1    O  N N 64  
ASP OD2    O  N N 65  
ASP OXT    O  N N 66  
ASP H      H  N N 67  
ASP H2     H  N N 68  
ASP HA     H  N N 69  
ASP HB2    H  N N 70  
ASP HB3    H  N N 71  
ASP HD2    H  N N 72  
ASP HXT    H  N N 73  
CA  CA     CA N N 74  
CYS N      N  N N 75  
CYS CA     C  N R 76  
CYS C      C  N N 77  
CYS O      O  N N 78  
CYS CB     C  N N 79  
CYS SG     S  N N 80  
CYS OXT    O  N N 81  
CYS H      H  N N 82  
CYS H2     H  N N 83  
CYS HA     H  N N 84  
CYS HB2    H  N N 85  
CYS HB3    H  N N 86  
CYS HG     H  N N 87  
CYS HXT    H  N N 88  
GLN N      N  N N 89  
GLN CA     C  N S 90  
GLN C      C  N N 91  
GLN O      O  N N 92  
GLN CB     C  N N 93  
GLN CG     C  N N 94  
GLN CD     C  N N 95  
GLN OE1    O  N N 96  
GLN NE2    N  N N 97  
GLN OXT    O  N N 98  
GLN H      H  N N 99  
GLN H2     H  N N 100 
GLN HA     H  N N 101 
GLN HB2    H  N N 102 
GLN HB3    H  N N 103 
GLN HG2    H  N N 104 
GLN HG3    H  N N 105 
GLN HE21   H  N N 106 
GLN HE22   H  N N 107 
GLN HXT    H  N N 108 
GLU N      N  N N 109 
GLU CA     C  N S 110 
GLU C      C  N N 111 
GLU O      O  N N 112 
GLU CB     C  N N 113 
GLU CG     C  N N 114 
GLU CD     C  N N 115 
GLU OE1    O  N N 116 
GLU OE2    O  N N 117 
GLU OXT    O  N N 118 
GLU H      H  N N 119 
GLU H2     H  N N 120 
GLU HA     H  N N 121 
GLU HB2    H  N N 122 
GLU HB3    H  N N 123 
GLU HG2    H  N N 124 
GLU HG3    H  N N 125 
GLU HE2    H  N N 126 
GLU HXT    H  N N 127 
GLY N      N  N N 128 
GLY CA     C  N N 129 
GLY C      C  N N 130 
GLY O      O  N N 131 
GLY OXT    O  N N 132 
GLY H      H  N N 133 
GLY H2     H  N N 134 
GLY HA2    H  N N 135 
GLY HA3    H  N N 136 
GLY HXT    H  N N 137 
GNP PG     P  N N 138 
GNP O1G    O  N N 139 
GNP O2G    O  N N 140 
GNP O3G    O  N N 141 
GNP N3B    N  N N 142 
GNP PB     P  N R 143 
GNP O1B    O  N N 144 
GNP O2B    O  N N 145 
GNP O3A    O  N N 146 
GNP PA     P  N S 147 
GNP O1A    O  N N 148 
GNP O2A    O  N N 149 
GNP "O5'"  O  N N 150 
GNP "C5'"  C  N N 151 
GNP "C4'"  C  N R 152 
GNP "O4'"  O  N N 153 
GNP "C3'"  C  N S 154 
GNP "O3'"  O  N N 155 
GNP "C2'"  C  N R 156 
GNP "O2'"  O  N N 157 
GNP "C1'"  C  N R 158 
GNP N9     N  Y N 159 
GNP C8     C  Y N 160 
GNP N7     N  Y N 161 
GNP C5     C  Y N 162 
GNP C6     C  Y N 163 
GNP O6     O  N N 164 
GNP N1     N  Y N 165 
GNP C2     C  Y N 166 
GNP N2     N  N N 167 
GNP N3     N  Y N 168 
GNP C4     C  Y N 169 
GNP HOG2   H  N N 170 
GNP HOG3   H  N N 171 
GNP HNB3   H  N N 172 
GNP HOB2   H  N N 173 
GNP HOA2   H  N N 174 
GNP "H5'2" H  N N 175 
GNP "H5'1" H  N N 176 
GNP "H4'"  H  N N 177 
GNP "H3'"  H  N N 178 
GNP "HO3'" H  N N 179 
GNP "H2'"  H  N N 180 
GNP "HO2'" H  N N 181 
GNP "H1'"  H  N N 182 
GNP H8     H  N N 183 
GNP HN1    H  N N 184 
GNP HN21   H  N N 185 
GNP HN22   H  N N 186 
HIS N      N  N N 187 
HIS CA     C  N S 188 
HIS C      C  N N 189 
HIS O      O  N N 190 
HIS CB     C  N N 191 
HIS CG     C  Y N 192 
HIS ND1    N  Y N 193 
HIS CD2    C  Y N 194 
HIS CE1    C  Y N 195 
HIS NE2    N  Y N 196 
HIS OXT    O  N N 197 
HIS H      H  N N 198 
HIS H2     H  N N 199 
HIS HA     H  N N 200 
HIS HB2    H  N N 201 
HIS HB3    H  N N 202 
HIS HD1    H  N N 203 
HIS HD2    H  N N 204 
HIS HE1    H  N N 205 
HIS HE2    H  N N 206 
HIS HXT    H  N N 207 
HOH O      O  N N 208 
HOH H1     H  N N 209 
HOH H2     H  N N 210 
ILE N      N  N N 211 
ILE CA     C  N S 212 
ILE C      C  N N 213 
ILE O      O  N N 214 
ILE CB     C  N S 215 
ILE CG1    C  N N 216 
ILE CG2    C  N N 217 
ILE CD1    C  N N 218 
ILE OXT    O  N N 219 
ILE H      H  N N 220 
ILE H2     H  N N 221 
ILE HA     H  N N 222 
ILE HB     H  N N 223 
ILE HG12   H  N N 224 
ILE HG13   H  N N 225 
ILE HG21   H  N N 226 
ILE HG22   H  N N 227 
ILE HG23   H  N N 228 
ILE HD11   H  N N 229 
ILE HD12   H  N N 230 
ILE HD13   H  N N 231 
ILE HXT    H  N N 232 
LEU N      N  N N 233 
LEU CA     C  N S 234 
LEU C      C  N N 235 
LEU O      O  N N 236 
LEU CB     C  N N 237 
LEU CG     C  N N 238 
LEU CD1    C  N N 239 
LEU CD2    C  N N 240 
LEU OXT    O  N N 241 
LEU H      H  N N 242 
LEU H2     H  N N 243 
LEU HA     H  N N 244 
LEU HB2    H  N N 245 
LEU HB3    H  N N 246 
LEU HG     H  N N 247 
LEU HD11   H  N N 248 
LEU HD12   H  N N 249 
LEU HD13   H  N N 250 
LEU HD21   H  N N 251 
LEU HD22   H  N N 252 
LEU HD23   H  N N 253 
LEU HXT    H  N N 254 
LYS N      N  N N 255 
LYS CA     C  N S 256 
LYS C      C  N N 257 
LYS O      O  N N 258 
LYS CB     C  N N 259 
LYS CG     C  N N 260 
LYS CD     C  N N 261 
LYS CE     C  N N 262 
LYS NZ     N  N N 263 
LYS OXT    O  N N 264 
LYS H      H  N N 265 
LYS H2     H  N N 266 
LYS HA     H  N N 267 
LYS HB2    H  N N 268 
LYS HB3    H  N N 269 
LYS HG2    H  N N 270 
LYS HG3    H  N N 271 
LYS HD2    H  N N 272 
LYS HD3    H  N N 273 
LYS HE2    H  N N 274 
LYS HE3    H  N N 275 
LYS HZ1    H  N N 276 
LYS HZ2    H  N N 277 
LYS HZ3    H  N N 278 
LYS HXT    H  N N 279 
MET N      N  N N 280 
MET CA     C  N S 281 
MET C      C  N N 282 
MET O      O  N N 283 
MET CB     C  N N 284 
MET CG     C  N N 285 
MET SD     S  N N 286 
MET CE     C  N N 287 
MET OXT    O  N N 288 
MET H      H  N N 289 
MET H2     H  N N 290 
MET HA     H  N N 291 
MET HB2    H  N N 292 
MET HB3    H  N N 293 
MET HG2    H  N N 294 
MET HG3    H  N N 295 
MET HE1    H  N N 296 
MET HE2    H  N N 297 
MET HE3    H  N N 298 
MET HXT    H  N N 299 
MG  MG     MG N N 300 
PHE N      N  N N 301 
PHE CA     C  N S 302 
PHE C      C  N N 303 
PHE O      O  N N 304 
PHE CB     C  N N 305 
PHE CG     C  Y N 306 
PHE CD1    C  Y N 307 
PHE CD2    C  Y N 308 
PHE CE1    C  Y N 309 
PHE CE2    C  Y N 310 
PHE CZ     C  Y N 311 
PHE OXT    O  N N 312 
PHE H      H  N N 313 
PHE H2     H  N N 314 
PHE HA     H  N N 315 
PHE HB2    H  N N 316 
PHE HB3    H  N N 317 
PHE HD1    H  N N 318 
PHE HD2    H  N N 319 
PHE HE1    H  N N 320 
PHE HE2    H  N N 321 
PHE HZ     H  N N 322 
PHE HXT    H  N N 323 
PRO N      N  N N 324 
PRO CA     C  N S 325 
PRO C      C  N N 326 
PRO O      O  N N 327 
PRO CB     C  N N 328 
PRO CG     C  N N 329 
PRO CD     C  N N 330 
PRO OXT    O  N N 331 
PRO H      H  N N 332 
PRO HA     H  N N 333 
PRO HB2    H  N N 334 
PRO HB3    H  N N 335 
PRO HG2    H  N N 336 
PRO HG3    H  N N 337 
PRO HD2    H  N N 338 
PRO HD3    H  N N 339 
PRO HXT    H  N N 340 
RSG C1     C  N S 341 
RSG O1     O  N N 342 
RSG C2     C  N R 343 
RSG O2     O  N N 344 
RSG C3     C  N S 345 
RSG O3     O  N N 346 
RSG C4     C  N N 347 
RSG C5     C  N N 348 
RSG C6     C  N N 349 
RSG H1     H  N N 350 
RSG H2     H  N N 351 
RSG H3     H  N N 352 
RSG HO3    H  N N 353 
RSG H4     H  N N 354 
RSG H4A    H  N N 355 
RSG H5     H  N N 356 
RSG H5A    H  N N 357 
RSG H6     H  N N 358 
RSG H6A    H  N N 359 
SER N      N  N N 360 
SER CA     C  N S 361 
SER C      C  N N 362 
SER O      O  N N 363 
SER CB     C  N N 364 
SER OG     O  N N 365 
SER OXT    O  N N 366 
SER H      H  N N 367 
SER H2     H  N N 368 
SER HA     H  N N 369 
SER HB2    H  N N 370 
SER HB3    H  N N 371 
SER HG     H  N N 372 
SER HXT    H  N N 373 
THR N      N  N N 374 
THR CA     C  N S 375 
THR C      C  N N 376 
THR O      O  N N 377 
THR CB     C  N R 378 
THR OG1    O  N N 379 
THR CG2    C  N N 380 
THR OXT    O  N N 381 
THR H      H  N N 382 
THR H2     H  N N 383 
THR HA     H  N N 384 
THR HB     H  N N 385 
THR HG1    H  N N 386 
THR HG21   H  N N 387 
THR HG22   H  N N 388 
THR HG23   H  N N 389 
THR HXT    H  N N 390 
TYR N      N  N N 391 
TYR CA     C  N S 392 
TYR C      C  N N 393 
TYR O      O  N N 394 
TYR CB     C  N N 395 
TYR CG     C  Y N 396 
TYR CD1    C  Y N 397 
TYR CD2    C  Y N 398 
TYR CE1    C  Y N 399 
TYR CE2    C  Y N 400 
TYR CZ     C  Y N 401 
TYR OH     O  N N 402 
TYR OXT    O  N N 403 
TYR H      H  N N 404 
TYR H2     H  N N 405 
TYR HA     H  N N 406 
TYR HB2    H  N N 407 
TYR HB3    H  N N 408 
TYR HD1    H  N N 409 
TYR HD2    H  N N 410 
TYR HE1    H  N N 411 
TYR HE2    H  N N 412 
TYR HH     H  N N 413 
TYR HXT    H  N N 414 
VAL N      N  N N 415 
VAL CA     C  N S 416 
VAL C      C  N N 417 
VAL O      O  N N 418 
VAL CB     C  N N 419 
VAL CG1    C  N N 420 
VAL CG2    C  N N 421 
VAL OXT    O  N N 422 
VAL H      H  N N 423 
VAL H2     H  N N 424 
VAL HA     H  N N 425 
VAL HB     H  N N 426 
VAL HG11   H  N N 427 
VAL HG12   H  N N 428 
VAL HG13   H  N N 429 
VAL HG21   H  N N 430 
VAL HG22   H  N N 431 
VAL HG23   H  N N 432 
VAL HXT    H  N N 433 
# 
loop_
_chem_comp_bond.comp_id 
_chem_comp_bond.atom_id_1 
_chem_comp_bond.atom_id_2 
_chem_comp_bond.value_order 
_chem_comp_bond.pdbx_aromatic_flag 
_chem_comp_bond.pdbx_stereo_config 
_chem_comp_bond.pdbx_ordinal 
ALA N     CA     sing N N 1   
ALA N     H      sing N N 2   
ALA N     H2     sing N N 3   
ALA CA    C      sing N N 4   
ALA CA    CB     sing N N 5   
ALA CA    HA     sing N N 6   
ALA C     O      doub N N 7   
ALA C     OXT    sing N N 8   
ALA CB    HB1    sing N N 9   
ALA CB    HB2    sing N N 10  
ALA CB    HB3    sing N N 11  
ALA OXT   HXT    sing N N 12  
ARG N     CA     sing N N 13  
ARG N     H      sing N N 14  
ARG N     H2     sing N N 15  
ARG CA    C      sing N N 16  
ARG CA    CB     sing N N 17  
ARG CA    HA     sing N N 18  
ARG C     O      doub N N 19  
ARG C     OXT    sing N N 20  
ARG CB    CG     sing N N 21  
ARG CB    HB2    sing N N 22  
ARG CB    HB3    sing N N 23  
ARG CG    CD     sing N N 24  
ARG CG    HG2    sing N N 25  
ARG CG    HG3    sing N N 26  
ARG CD    NE     sing N N 27  
ARG CD    HD2    sing N N 28  
ARG CD    HD3    sing N N 29  
ARG NE    CZ     sing N N 30  
ARG NE    HE     sing N N 31  
ARG CZ    NH1    sing N N 32  
ARG CZ    NH2    doub N N 33  
ARG NH1   HH11   sing N N 34  
ARG NH1   HH12   sing N N 35  
ARG NH2   HH21   sing N N 36  
ARG NH2   HH22   sing N N 37  
ARG OXT   HXT    sing N N 38  
ASN N     CA     sing N N 39  
ASN N     H      sing N N 40  
ASN N     H2     sing N N 41  
ASN CA    C      sing N N 42  
ASN CA    CB     sing N N 43  
ASN CA    HA     sing N N 44  
ASN C     O      doub N N 45  
ASN C     OXT    sing N N 46  
ASN CB    CG     sing N N 47  
ASN CB    HB2    sing N N 48  
ASN CB    HB3    sing N N 49  
ASN CG    OD1    doub N N 50  
ASN CG    ND2    sing N N 51  
ASN ND2   HD21   sing N N 52  
ASN ND2   HD22   sing N N 53  
ASN OXT   HXT    sing N N 54  
ASP N     CA     sing N N 55  
ASP N     H      sing N N 56  
ASP N     H2     sing N N 57  
ASP CA    C      sing N N 58  
ASP CA    CB     sing N N 59  
ASP CA    HA     sing N N 60  
ASP C     O      doub N N 61  
ASP C     OXT    sing N N 62  
ASP CB    CG     sing N N 63  
ASP CB    HB2    sing N N 64  
ASP CB    HB3    sing N N 65  
ASP CG    OD1    doub N N 66  
ASP CG    OD2    sing N N 67  
ASP OD2   HD2    sing N N 68  
ASP OXT   HXT    sing N N 69  
CYS N     CA     sing N N 70  
CYS N     H      sing N N 71  
CYS N     H2     sing N N 72  
CYS CA    C      sing N N 73  
CYS CA    CB     sing N N 74  
CYS CA    HA     sing N N 75  
CYS C     O      doub N N 76  
CYS C     OXT    sing N N 77  
CYS CB    SG     sing N N 78  
CYS CB    HB2    sing N N 79  
CYS CB    HB3    sing N N 80  
CYS SG    HG     sing N N 81  
CYS OXT   HXT    sing N N 82  
GLN N     CA     sing N N 83  
GLN N     H      sing N N 84  
GLN N     H2     sing N N 85  
GLN CA    C      sing N N 86  
GLN CA    CB     sing N N 87  
GLN CA    HA     sing N N 88  
GLN C     O      doub N N 89  
GLN C     OXT    sing N N 90  
GLN CB    CG     sing N N 91  
GLN CB    HB2    sing N N 92  
GLN CB    HB3    sing N N 93  
GLN CG    CD     sing N N 94  
GLN CG    HG2    sing N N 95  
GLN CG    HG3    sing N N 96  
GLN CD    OE1    doub N N 97  
GLN CD    NE2    sing N N 98  
GLN NE2   HE21   sing N N 99  
GLN NE2   HE22   sing N N 100 
GLN OXT   HXT    sing N N 101 
GLU N     CA     sing N N 102 
GLU N     H      sing N N 103 
GLU N     H2     sing N N 104 
GLU CA    C      sing N N 105 
GLU CA    CB     sing N N 106 
GLU CA    HA     sing N N 107 
GLU C     O      doub N N 108 
GLU C     OXT    sing N N 109 
GLU CB    CG     sing N N 110 
GLU CB    HB2    sing N N 111 
GLU CB    HB3    sing N N 112 
GLU CG    CD     sing N N 113 
GLU CG    HG2    sing N N 114 
GLU CG    HG3    sing N N 115 
GLU CD    OE1    doub N N 116 
GLU CD    OE2    sing N N 117 
GLU OE2   HE2    sing N N 118 
GLU OXT   HXT    sing N N 119 
GLY N     CA     sing N N 120 
GLY N     H      sing N N 121 
GLY N     H2     sing N N 122 
GLY CA    C      sing N N 123 
GLY CA    HA2    sing N N 124 
GLY CA    HA3    sing N N 125 
GLY C     O      doub N N 126 
GLY C     OXT    sing N N 127 
GLY OXT   HXT    sing N N 128 
GNP PG    O1G    doub N N 129 
GNP PG    O2G    sing N N 130 
GNP PG    O3G    sing N N 131 
GNP PG    N3B    sing N N 132 
GNP O2G   HOG2   sing N N 133 
GNP O3G   HOG3   sing N N 134 
GNP N3B   PB     sing N N 135 
GNP N3B   HNB3   sing N N 136 
GNP PB    O1B    doub N N 137 
GNP PB    O2B    sing N N 138 
GNP PB    O3A    sing N N 139 
GNP O2B   HOB2   sing N N 140 
GNP O3A   PA     sing N N 141 
GNP PA    O1A    doub N N 142 
GNP PA    O2A    sing N N 143 
GNP PA    "O5'"  sing N N 144 
GNP O2A   HOA2   sing N N 145 
GNP "O5'" "C5'"  sing N N 146 
GNP "C5'" "C4'"  sing N N 147 
GNP "C5'" "H5'2" sing N N 148 
GNP "C5'" "H5'1" sing N N 149 
GNP "C4'" "O4'"  sing N N 150 
GNP "C4'" "C3'"  sing N N 151 
GNP "C4'" "H4'"  sing N N 152 
GNP "O4'" "C1'"  sing N N 153 
GNP "C3'" "O3'"  sing N N 154 
GNP "C3'" "C2'"  sing N N 155 
GNP "C3'" "H3'"  sing N N 156 
GNP "O3'" "HO3'" sing N N 157 
GNP "C2'" "O2'"  sing N N 158 
GNP "C2'" "C1'"  sing N N 159 
GNP "C2'" "H2'"  sing N N 160 
GNP "O2'" "HO2'" sing N N 161 
GNP "C1'" N9     sing N N 162 
GNP "C1'" "H1'"  sing N N 163 
GNP N9    C8     sing Y N 164 
GNP N9    C4     sing Y N 165 
GNP C8    N7     doub Y N 166 
GNP C8    H8     sing N N 167 
GNP N7    C5     sing Y N 168 
GNP C5    C6     sing Y N 169 
GNP C5    C4     doub Y N 170 
GNP C6    O6     doub N N 171 
GNP C6    N1     sing Y N 172 
GNP N1    C2     sing Y N 173 
GNP N1    HN1    sing N N 174 
GNP C2    N2     sing N N 175 
GNP C2    N3     doub Y N 176 
GNP N2    HN21   sing N N 177 
GNP N2    HN22   sing N N 178 
GNP N3    C4     sing Y N 179 
HIS N     CA     sing N N 180 
HIS N     H      sing N N 181 
HIS N     H2     sing N N 182 
HIS CA    C      sing N N 183 
HIS CA    CB     sing N N 184 
HIS CA    HA     sing N N 185 
HIS C     O      doub N N 186 
HIS C     OXT    sing N N 187 
HIS CB    CG     sing N N 188 
HIS CB    HB2    sing N N 189 
HIS CB    HB3    sing N N 190 
HIS CG    ND1    sing Y N 191 
HIS CG    CD2    doub Y N 192 
HIS ND1   CE1    doub Y N 193 
HIS ND1   HD1    sing N N 194 
HIS CD2   NE2    sing Y N 195 
HIS CD2   HD2    sing N N 196 
HIS CE1   NE2    sing Y N 197 
HIS CE1   HE1    sing N N 198 
HIS NE2   HE2    sing N N 199 
HIS OXT   HXT    sing N N 200 
HOH O     H1     sing N N 201 
HOH O     H2     sing N N 202 
ILE N     CA     sing N N 203 
ILE N     H      sing N N 204 
ILE N     H2     sing N N 205 
ILE CA    C      sing N N 206 
ILE CA    CB     sing N N 207 
ILE CA    HA     sing N N 208 
ILE C     O      doub N N 209 
ILE C     OXT    sing N N 210 
ILE CB    CG1    sing N N 211 
ILE CB    CG2    sing N N 212 
ILE CB    HB     sing N N 213 
ILE CG1   CD1    sing N N 214 
ILE CG1   HG12   sing N N 215 
ILE CG1   HG13   sing N N 216 
ILE CG2   HG21   sing N N 217 
ILE CG2   HG22   sing N N 218 
ILE CG2   HG23   sing N N 219 
ILE CD1   HD11   sing N N 220 
ILE CD1   HD12   sing N N 221 
ILE CD1   HD13   sing N N 222 
ILE OXT   HXT    sing N N 223 
LEU N     CA     sing N N 224 
LEU N     H      sing N N 225 
LEU N     H2     sing N N 226 
LEU CA    C      sing N N 227 
LEU CA    CB     sing N N 228 
LEU CA    HA     sing N N 229 
LEU C     O      doub N N 230 
LEU C     OXT    sing N N 231 
LEU CB    CG     sing N N 232 
LEU CB    HB2    sing N N 233 
LEU CB    HB3    sing N N 234 
LEU CG    CD1    sing N N 235 
LEU CG    CD2    sing N N 236 
LEU CG    HG     sing N N 237 
LEU CD1   HD11   sing N N 238 
LEU CD1   HD12   sing N N 239 
LEU CD1   HD13   sing N N 240 
LEU CD2   HD21   sing N N 241 
LEU CD2   HD22   sing N N 242 
LEU CD2   HD23   sing N N 243 
LEU OXT   HXT    sing N N 244 
LYS N     CA     sing N N 245 
LYS N     H      sing N N 246 
LYS N     H2     sing N N 247 
LYS CA    C      sing N N 248 
LYS CA    CB     sing N N 249 
LYS CA    HA     sing N N 250 
LYS C     O      doub N N 251 
LYS C     OXT    sing N N 252 
LYS CB    CG     sing N N 253 
LYS CB    HB2    sing N N 254 
LYS CB    HB3    sing N N 255 
LYS CG    CD     sing N N 256 
LYS CG    HG2    sing N N 257 
LYS CG    HG3    sing N N 258 
LYS CD    CE     sing N N 259 
LYS CD    HD2    sing N N 260 
LYS CD    HD3    sing N N 261 
LYS CE    NZ     sing N N 262 
LYS CE    HE2    sing N N 263 
LYS CE    HE3    sing N N 264 
LYS NZ    HZ1    sing N N 265 
LYS NZ    HZ2    sing N N 266 
LYS NZ    HZ3    sing N N 267 
LYS OXT   HXT    sing N N 268 
MET N     CA     sing N N 269 
MET N     H      sing N N 270 
MET N     H2     sing N N 271 
MET CA    C      sing N N 272 
MET CA    CB     sing N N 273 
MET CA    HA     sing N N 274 
MET C     O      doub N N 275 
MET C     OXT    sing N N 276 
MET CB    CG     sing N N 277 
MET CB    HB2    sing N N 278 
MET CB    HB3    sing N N 279 
MET CG    SD     sing N N 280 
MET CG    HG2    sing N N 281 
MET CG    HG3    sing N N 282 
MET SD    CE     sing N N 283 
MET CE    HE1    sing N N 284 
MET CE    HE2    sing N N 285 
MET CE    HE3    sing N N 286 
MET OXT   HXT    sing N N 287 
PHE N     CA     sing N N 288 
PHE N     H      sing N N 289 
PHE N     H2     sing N N 290 
PHE CA    C      sing N N 291 
PHE CA    CB     sing N N 292 
PHE CA    HA     sing N N 293 
PHE C     O      doub N N 294 
PHE C     OXT    sing N N 295 
PHE CB    CG     sing N N 296 
PHE CB    HB2    sing N N 297 
PHE CB    HB3    sing N N 298 
PHE CG    CD1    doub Y N 299 
PHE CG    CD2    sing Y N 300 
PHE CD1   CE1    sing Y N 301 
PHE CD1   HD1    sing N N 302 
PHE CD2   CE2    doub Y N 303 
PHE CD2   HD2    sing N N 304 
PHE CE1   CZ     doub Y N 305 
PHE CE1   HE1    sing N N 306 
PHE CE2   CZ     sing Y N 307 
PHE CE2   HE2    sing N N 308 
PHE CZ    HZ     sing N N 309 
PHE OXT   HXT    sing N N 310 
PRO N     CA     sing N N 311 
PRO N     CD     sing N N 312 
PRO N     H      sing N N 313 
PRO CA    C      sing N N 314 
PRO CA    CB     sing N N 315 
PRO CA    HA     sing N N 316 
PRO C     O      doub N N 317 
PRO C     OXT    sing N N 318 
PRO CB    CG     sing N N 319 
PRO CB    HB2    sing N N 320 
PRO CB    HB3    sing N N 321 
PRO CG    CD     sing N N 322 
PRO CG    HG2    sing N N 323 
PRO CG    HG3    sing N N 324 
PRO CD    HD2    sing N N 325 
PRO CD    HD3    sing N N 326 
PRO OXT   HXT    sing N N 327 
RSG C4    C1     sing N N 328 
RSG C1    O3     sing N N 329 
RSG C1    C2     sing N N 330 
RSG C1    H1     sing N N 331 
RSG C4    O1     sing N N 332 
RSG O1    C3     sing N N 333 
RSG C2    C3     sing N N 334 
RSG C2    C6     sing N N 335 
RSG C2    H2     sing N N 336 
RSG C3    O2     sing N N 337 
RSG O2    C5     sing N N 338 
RSG C3    H3     sing N N 339 
RSG O3    HO3    sing N N 340 
RSG C4    H4     sing N N 341 
RSG C4    H4A    sing N N 342 
RSG C6    C5     sing N N 343 
RSG C5    H5     sing N N 344 
RSG C5    H5A    sing N N 345 
RSG C6    H6     sing N N 346 
RSG C6    H6A    sing N N 347 
SER N     CA     sing N N 348 
SER N     H      sing N N 349 
SER N     H2     sing N N 350 
SER CA    C      sing N N 351 
SER CA    CB     sing N N 352 
SER CA    HA     sing N N 353 
SER C     O      doub N N 354 
SER C     OXT    sing N N 355 
SER CB    OG     sing N N 356 
SER CB    HB2    sing N N 357 
SER CB    HB3    sing N N 358 
SER OG    HG     sing N N 359 
SER OXT   HXT    sing N N 360 
THR N     CA     sing N N 361 
THR N     H      sing N N 362 
THR N     H2     sing N N 363 
THR CA    C      sing N N 364 
THR CA    CB     sing N N 365 
THR CA    HA     sing N N 366 
THR C     O      doub N N 367 
THR C     OXT    sing N N 368 
THR CB    OG1    sing N N 369 
THR CB    CG2    sing N N 370 
THR CB    HB     sing N N 371 
THR OG1   HG1    sing N N 372 
THR CG2   HG21   sing N N 373 
THR CG2   HG22   sing N N 374 
THR CG2   HG23   sing N N 375 
THR OXT   HXT    sing N N 376 
TYR N     CA     sing N N 377 
TYR N     H      sing N N 378 
TYR N     H2     sing N N 379 
TYR CA    C      sing N N 380 
TYR CA    CB     sing N N 381 
TYR CA    HA     sing N N 382 
TYR C     O      doub N N 383 
TYR C     OXT    sing N N 384 
TYR CB    CG     sing N N 385 
TYR CB    HB2    sing N N 386 
TYR CB    HB3    sing N N 387 
TYR CG    CD1    doub Y N 388 
TYR CG    CD2    sing Y N 389 
TYR CD1   CE1    sing Y N 390 
TYR CD1   HD1    sing N N 391 
TYR CD2   CE2    doub Y N 392 
TYR CD2   HD2    sing N N 393 
TYR CE1   CZ     doub Y N 394 
TYR CE1   HE1    sing N N 395 
TYR CE2   CZ     sing Y N 396 
TYR CE2   HE2    sing N N 397 
TYR CZ    OH     sing N N 398 
TYR OH    HH     sing N N 399 
TYR OXT   HXT    sing N N 400 
VAL N     CA     sing N N 401 
VAL N     H      sing N N 402 
VAL N     H2     sing N N 403 
VAL CA    C      sing N N 404 
VAL CA    CB     sing N N 405 
VAL CA    HA     sing N N 406 
VAL C     O      doub N N 407 
VAL C     OXT    sing N N 408 
VAL CB    CG1    sing N N 409 
VAL CB    CG2    sing N N 410 
VAL CB    HB     sing N N 411 
VAL CG1   HG11   sing N N 412 
VAL CG1   HG12   sing N N 413 
VAL CG1   HG13   sing N N 414 
VAL CG2   HG21   sing N N 415 
VAL CG2   HG22   sing N N 416 
VAL CG2   HG23   sing N N 417 
VAL OXT   HXT    sing N N 418 
# 
_atom_sites.entry_id                    3RSO 
_atom_sites.fract_transf_matrix[1][1]   0.00841100 
_atom_sites.fract_transf_matrix[1][2]   -0.00342201 
_atom_sites.fract_transf_matrix[1][3]   0.00937003 
_atom_sites.fract_transf_matrix[2][1]   0.00103525 
_atom_sites.fract_transf_matrix[2][2]   0.00724575 
_atom_sites.fract_transf_matrix[2][3]   0.01080175 
_atom_sites.fract_transf_matrix[3][1]   -0.00530319 
_atom_sites.fract_transf_matrix[3][2]   -0.00410438 
_atom_sites.fract_transf_matrix[3][3]   0.00326146 
_atom_sites.fract_transf_vector[1]      0.223276 
_atom_sites.fract_transf_vector[2]      0.830520 
_atom_sites.fract_transf_vector[3]      -0.570105 
# 
loop_
_atom_type.symbol 
C  
CA 
MG 
N  
O  
P  
S  
# 
loop_
_atom_site.group_PDB 
_atom_site.id 
_atom_site.type_symbol 
_atom_site.label_atom_id 
_atom_site.label_alt_id 
_atom_site.label_comp_id 
_atom_site.label_asym_id 
_atom_site.label_entity_id 
_atom_site.label_seq_id 
_atom_site.pdbx_PDB_ins_code 
_atom_site.Cartn_x 
_atom_site.Cartn_y 
_atom_site.Cartn_z 
_atom_site.occupancy 
_atom_site.B_iso_or_equiv 
_atom_site.pdbx_formal_charge 
_atom_site.auth_seq_id 
_atom_site.auth_comp_id 
_atom_site.auth_asym_id 
_atom_site.auth_atom_id 
_atom_site.pdbx_PDB_model_num 
ATOM   1    N  N     . MET A 1 1   ? -14.206 19.880  3.124   1.00 58.32 ? 1   MET A N     1 
ATOM   2    C  CA    . MET A 1 1   ? -12.982 19.162  3.458   1.00 54.73 ? 1   MET A CA    1 
ATOM   3    C  C     . MET A 1 1   ? -12.533 18.294  2.287   1.00 48.61 ? 1   MET A C     1 
ATOM   4    O  O     . MET A 1 1   ? -13.362 17.720  1.580   1.00 57.66 ? 1   MET A O     1 
ATOM   5    C  CB    . MET A 1 1   ? -13.195 18.298  4.705   1.00 57.15 ? 1   MET A CB    1 
ATOM   6    C  CG    . MET A 1 1   ? -11.945 17.569  5.190   1.00 52.96 ? 1   MET A CG    1 
ATOM   7    S  SD    . MET A 1 1   ? -10.541 18.679  5.423   1.00 62.92 ? 1   MET A SD    1 
ATOM   8    C  CE    . MET A 1 1   ? -9.891  18.083  6.983   1.00 40.77 ? 1   MET A CE    1 
ATOM   9    N  N     . THR A 1 2   ? -11.223 18.209  2.079   1.00 47.44 ? 2   THR A N     1 
ATOM   10   C  CA    . THR A 1 2   ? -10.678 17.356  1.027   1.00 32.91 ? 2   THR A CA    1 
ATOM   11   C  C     . THR A 1 2   ? -10.270 16.005  1.600   1.00 25.05 ? 2   THR A C     1 
ATOM   12   O  O     . THR A 1 2   ? -9.344  15.916  2.395   1.00 30.09 ? 2   THR A O     1 
ATOM   13   C  CB    . THR A 1 2   ? -9.454  17.985  0.348   1.00 43.45 ? 2   THR A CB    1 
ATOM   14   O  OG1   . THR A 1 2   ? -9.800  19.275  -0.174  1.00 46.85 ? 2   THR A OG1   1 
ATOM   15   C  CG2   . THR A 1 2   ? -8.982  17.097  -0.785  1.00 27.15 ? 2   THR A CG2   1 
ATOM   16   N  N     . GLU A 1 3   ? -10.966 14.959  1.182   1.00 23.70 ? 3   GLU A N     1 
ATOM   17   C  CA    . GLU A 1 3   ? -10.757 13.625  1.731   1.00 25.30 ? 3   GLU A CA    1 
ATOM   18   C  C     . GLU A 1 3   ? -10.165 12.692  0.679   1.00 23.85 ? 3   GLU A C     1 
ATOM   19   O  O     . GLU A 1 3   ? -10.641 12.643  -0.454  1.00 25.86 ? 3   GLU A O     1 
ATOM   20   C  CB    . GLU A 1 3   ? -12.088 13.082  2.253   1.00 27.54 ? 3   GLU A CB    1 
ATOM   21   C  CG    . GLU A 1 3   ? -12.031 11.711  2.900   1.00 28.75 ? 3   GLU A CG    1 
ATOM   22   C  CD    . GLU A 1 3   ? -13.385 11.281  3.436   1.00 46.52 ? 3   GLU A CD    1 
ATOM   23   O  OE1   . GLU A 1 3   ? -13.662 10.064  3.458   1.00 52.16 ? 3   GLU A OE1   1 
ATOM   24   O  OE2   . GLU A 1 3   ? -14.175 12.165  3.830   1.00 52.81 ? 3   GLU A OE2   1 
ATOM   25   N  N     . TYR A 1 4   ? -9.119  11.958  1.053   1.00 21.28 ? 4   TYR A N     1 
ATOM   26   C  CA    . TYR A 1 4   ? -8.528  10.957  0.162   1.00 19.68 ? 4   TYR A CA    1 
ATOM   27   C  C     . TYR A 1 4   ? -8.703  9.577   0.774   1.00 21.60 ? 4   TYR A C     1 
ATOM   28   O  O     . TYR A 1 4   ? -8.304  9.354   1.911   1.00 22.50 ? 4   TYR A O     1 
ATOM   29   C  CB    . TYR A 1 4   ? -7.040  11.238  -0.063  1.00 19.43 ? 4   TYR A CB    1 
ATOM   30   C  CG    . TYR A 1 4   ? -6.765  12.532  -0.798  1.00 18.94 ? 4   TYR A CG    1 
ATOM   31   C  CD1   . TYR A 1 4   ? -6.797  12.584  -2.178  1.00 18.16 ? 4   TYR A CD1   1 
ATOM   32   C  CD2   . TYR A 1 4   ? -6.469  13.701  -0.107  1.00 20.24 ? 4   TYR A CD2   1 
ATOM   33   C  CE1   . TYR A 1 4   ? -6.555  13.768  -2.857  1.00 21.00 ? 4   TYR A CE1   1 
ATOM   34   C  CE2   . TYR A 1 4   ? -6.210  14.889  -0.782  1.00 18.86 ? 4   TYR A CE2   1 
ATOM   35   C  CZ    . TYR A 1 4   ? -6.264  14.913  -2.154  1.00 17.98 ? 4   TYR A CZ    1 
ATOM   36   O  OH    . TYR A 1 4   ? -6.024  16.073  -2.853  1.00 20.98 ? 4   TYR A OH    1 
ATOM   37   N  N     . LYS A 1 5   ? -9.306  8.657   0.027   1.00 16.55 ? 5   LYS A N     1 
ATOM   38   C  CA    . LYS A 1 5   ? -9.527  7.306   0.526   1.00 20.13 ? 5   LYS A CA    1 
ATOM   39   C  C     . LYS A 1 5   ? -8.448  6.370   -0.015  1.00 18.48 ? 5   LYS A C     1 
ATOM   40   O  O     . LYS A 1 5   ? -8.429  6.055   -1.203  1.00 16.83 ? 5   LYS A O     1 
ATOM   41   C  CB    . LYS A 1 5   ? -10.922 6.819   0.122   1.00 23.59 ? 5   LYS A CB    1 
ATOM   42   C  CG    . LYS A 1 5   ? -12.038 7.733   0.617   1.00 29.04 ? 5   LYS A CG    1 
ATOM   43   C  CD    . LYS A 1 5   ? -13.418 7.230   0.207   1.00 38.03 ? 5   LYS A CD    1 
ATOM   44   C  CE    . LYS A 1 5   ? -14.508 8.180   0.693   1.00 47.53 ? 5   LYS A CE    1 
ATOM   45   N  NZ    . LYS A 1 5   ? -15.880 7.673   0.394   1.00 48.87 ? 5   LYS A NZ    1 
ATOM   46   N  N     . LEU A 1 6   ? -7.549  5.932   0.861   1.00 13.83 ? 6   LEU A N     1 
ATOM   47   C  CA    . LEU A 1 6   ? -6.430  5.097   0.437   1.00 15.47 ? 6   LEU A CA    1 
ATOM   48   C  C     . LEU A 1 6   ? -6.648  3.673   0.927   1.00 16.88 ? 6   LEU A C     1 
ATOM   49   O  O     . LEU A 1 6   ? -7.187  3.452   2.016   1.00 19.74 ? 6   LEU A O     1 
ATOM   50   C  CB    . LEU A 1 6   ? -5.109  5.632   1.004   1.00 15.96 ? 6   LEU A CB    1 
ATOM   51   C  CG    . LEU A 1 6   ? -4.892  7.144   0.919   1.00 19.09 ? 6   LEU A CG    1 
ATOM   52   C  CD1   . LEU A 1 6   ? -3.523  7.520   1.477   1.00 18.84 ? 6   LEU A CD1   1 
ATOM   53   C  CD2   . LEU A 1 6   ? -5.020  7.597   -0.514  1.00 20.15 ? 6   LEU A CD2   1 
ATOM   54   N  N     . VAL A 1 7   ? -6.223  2.700   0.128   1.00 14.15 ? 7   VAL A N     1 
ATOM   55   C  CA    . VAL A 1 7   ? -6.356  1.306   0.510   1.00 15.52 ? 7   VAL A CA    1 
ATOM   56   C  C     . VAL A 1 7   ? -5.005  0.618   0.382   1.00 15.78 ? 7   VAL A C     1 
ATOM   57   O  O     . VAL A 1 7   ? -4.334  0.766   -0.632  1.00 15.88 ? 7   VAL A O     1 
ATOM   58   C  CB    . VAL A 1 7   ? -7.380  0.589   -0.391  1.00 15.70 ? 7   VAL A CB    1 
ATOM   59   C  CG1   . VAL A 1 7   ? -7.574  -0.842  0.076   1.00 15.37 ? 7   VAL A CG1   1 
ATOM   60   C  CG2   . VAL A 1 7   ? -8.708  1.360   -0.397  1.00 17.45 ? 7   VAL A CG2   1 
ATOM   61   N  N     . VAL A 1 8   ? -4.613  -0.122  1.416   1.00 12.03 ? 8   VAL A N     1 
ATOM   62   C  CA    . VAL A 1 8   ? -3.319  -0.806  1.436   1.00 12.21 ? 8   VAL A CA    1 
ATOM   63   C  C     . VAL A 1 8   ? -3.553  -2.299  1.236   1.00 13.43 ? 8   VAL A C     1 
ATOM   64   O  O     . VAL A 1 8   ? -4.307  -2.914  1.998   1.00 15.08 ? 8   VAL A O     1 
ATOM   65   C  CB    . VAL A 1 8   ? -2.593  -0.543  2.763   1.00 13.00 ? 8   VAL A CB    1 
ATOM   66   C  CG1   . VAL A 1 8   ? -1.196  -1.166  2.735   1.00 14.40 ? 8   VAL A CG1   1 
ATOM   67   C  CG2   . VAL A 1 8   ? -2.511  0.963   3.018   1.00 15.12 ? 8   VAL A CG2   1 
ATOM   68   N  N     . VAL A 1 9   ? -2.935  -2.869  0.194   1.00 13.97 ? 9   VAL A N     1 
ATOM   69   C  CA    . VAL A 1 9   ? -3.152  -4.270  -0.158  1.00 13.77 ? 9   VAL A CA    1 
ATOM   70   C  C     . VAL A 1 9   ? -1.834  -4.985  -0.411  1.00 13.47 ? 9   VAL A C     1 
ATOM   71   O  O     . VAL A 1 9   ? -0.798  -4.344  -0.627  1.00 14.21 ? 9   VAL A O     1 
ATOM   72   C  CB    . VAL A 1 9   ? -4.024  -4.438  -1.434  1.00 13.70 ? 9   VAL A CB    1 
ATOM   73   C  CG1   . VAL A 1 9   ? -5.386  -3.757  -1.265  1.00 15.77 ? 9   VAL A CG1   1 
ATOM   74   C  CG2   . VAL A 1 9   ? -3.280  -3.913  -2.662  1.00 17.45 ? 9   VAL A CG2   1 
ATOM   75   N  N     . GLY A 1 10  ? -1.868  -6.314  -0.392  1.00 12.78 ? 10  GLY A N     1 
ATOM   76   C  CA    . GLY A 1 10  ? -0.658  -7.099  -0.556  1.00 14.81 ? 10  GLY A CA    1 
ATOM   77   C  C     . GLY A 1 10  ? -0.693  -8.348  0.291   1.00 14.05 ? 10  GLY A C     1 
ATOM   78   O  O     . GLY A 1 10  ? -1.561  -8.491  1.146   1.00 14.62 ? 10  GLY A O     1 
ATOM   79   N  N     . ALA A 1 11  ? 0.262   -9.243  0.052   1.00 14.51 ? 11  ALA A N     1 
ATOM   80   C  CA    . ALA A 1 11  ? 0.293   -10.541 0.735   1.00 15.21 ? 11  ALA A CA    1 
ATOM   81   C  C     . ALA A 1 11  ? 0.387   -10.466 2.259   1.00 15.22 ? 11  ALA A C     1 
ATOM   82   O  O     . ALA A 1 11  ? 0.869   -9.488  2.832   1.00 14.91 ? 11  ALA A O     1 
ATOM   83   C  CB    . ALA A 1 11  ? 1.442   -11.382 0.195   1.00 16.97 ? 11  ALA A CB    1 
ATOM   84   N  N     . GLY A 1 12  ? -0.051  -11.534 2.915   1.00 17.45 ? 12  GLY A N     1 
ATOM   85   C  CA    . GLY A 1 12  ? 0.068   -11.610 4.359   1.00 17.23 ? 12  GLY A CA    1 
ATOM   86   C  C     . GLY A 1 12  ? 1.497   -11.416 4.832   1.00 17.21 ? 12  GLY A C     1 
ATOM   87   O  O     . GLY A 1 12  ? 2.441   -12.017 4.292   1.00 17.99 ? 12  GLY A O     1 
ATOM   88   N  N     . GLY A 1 13  ? 1.666   -10.555 5.837   1.00 16.28 ? 13  GLY A N     1 
ATOM   89   C  CA    . GLY A 1 13  ? 2.958   -10.407 6.484   1.00 16.45 ? 13  GLY A CA    1 
ATOM   90   C  C     . GLY A 1 13  ? 3.912   -9.393  5.875   1.00 14.20 ? 13  GLY A C     1 
ATOM   91   O  O     . GLY A 1 13  ? 5.003   -9.172  6.405   1.00 16.81 ? 13  GLY A O     1 
ATOM   92   N  N     . VAL A 1 14  ? 3.517   -8.781  4.761   1.00 12.84 ? 14  VAL A N     1 
ATOM   93   C  CA    . VAL A 1 14  ? 4.447   -7.867  4.084   1.00 13.28 ? 14  VAL A CA    1 
ATOM   94   C  C     . VAL A 1 14  ? 4.681   -6.557  4.828   1.00 14.83 ? 14  VAL A C     1 
ATOM   95   O  O     . VAL A 1 14  ? 5.664   -5.861  4.560   1.00 13.93 ? 14  VAL A O     1 
ATOM   96   C  CB    . VAL A 1 14  ? 4.054   -7.557  2.613   1.00 13.72 ? 14  VAL A CB    1 
ATOM   97   C  CG1   . VAL A 1 14  ? 4.004   -8.847  1.784   1.00 15.95 ? 14  VAL A CG1   1 
ATOM   98   C  CG2   . VAL A 1 14  ? 2.733   -6.788  2.536   1.00 14.30 ? 14  VAL A CG2   1 
ATOM   99   N  N     . GLY A 1 15  ? 3.778   -6.221  5.750   1.00 14.02 ? 15  GLY A N     1 
ATOM   100  C  CA    . GLY A 1 15  ? 3.920   -5.031  6.565   1.00 14.22 ? 15  GLY A CA    1 
ATOM   101  C  C     . GLY A 1 15  ? 2.886   -3.947  6.309   1.00 14.46 ? 15  GLY A C     1 
ATOM   102  O  O     . GLY A 1 15  ? 3.152   -2.779  6.588   1.00 14.58 ? 15  GLY A O     1 
ATOM   103  N  N     . LYS A 1 16  ? 1.725   -4.317  5.771   1.00 12.34 ? 16  LYS A N     1 
ATOM   104  C  CA    . LYS A 1 16  ? 0.671   -3.330  5.503   1.00 11.09 ? 16  LYS A CA    1 
ATOM   105  C  C     . LYS A 1 16  ? 0.264   -2.582  6.778   1.00 14.29 ? 16  LYS A C     1 
ATOM   106  O  O     . LYS A 1 16  ? 0.155   -1.354  6.788   1.00 14.05 ? 16  LYS A O     1 
ATOM   107  C  CB    . LYS A 1 16  ? -0.549  -4.013  4.880   1.00 13.68 ? 16  LYS A CB    1 
ATOM   108  C  CG    . LYS A 1 16  ? -0.261  -4.635  3.513   1.00 14.82 ? 16  LYS A CG    1 
ATOM   109  C  CD    . LYS A 1 16  ? -1.500  -5.310  2.930   1.00 16.52 ? 16  LYS A CD    1 
ATOM   110  C  CE    . LYS A 1 16  ? -2.023  -6.443  3.814   1.00 15.66 ? 16  LYS A CE    1 
ATOM   111  N  NZ    . LYS A 1 16  ? -1.058  -7.589  3.949   1.00 13.95 ? 16  LYS A NZ    1 
ATOM   112  N  N     . SER A 1 17  ? 0.021   -3.327  7.852   1.00 14.95 ? 17  SER A N     1 
ATOM   113  C  CA    . SER A 1 17  ? -0.401  -2.698  9.092   1.00 13.88 ? 17  SER A CA    1 
ATOM   114  C  C     . SER A 1 17  ? 0.701   -1.878  9.746   1.00 13.60 ? 17  SER A C     1 
ATOM   115  O  O     . SER A 1 17  ? 0.455   -0.762  10.196  1.00 14.89 ? 17  SER A O     1 
ATOM   116  C  CB    . SER A 1 17  ? -0.920  -3.747  10.071  1.00 14.57 ? 17  SER A CB    1 
ATOM   117  O  OG    . SER A 1 17  ? -2.066  -4.367  9.522   1.00 14.17 ? 17  SER A OG    1 
ATOM   118  N  N     . ALA A 1 18  ? 1.909   -2.429  9.796   1.00 13.69 ? 18  ALA A N     1 
ATOM   119  C  CA    . ALA A 1 18  ? 3.053   -1.696  10.330  1.00 14.53 ? 18  ALA A CA    1 
ATOM   120  C  C     . ALA A 1 18  ? 3.298   -0.376  9.582   1.00 14.04 ? 18  ALA A C     1 
ATOM   121  O  O     . ALA A 1 18  ? 3.611   0.642   10.200  1.00 15.14 ? 18  ALA A O     1 
ATOM   122  C  CB    . ALA A 1 18  ? 4.320   -2.580  10.306  1.00 14.08 ? 18  ALA A CB    1 
ATOM   123  N  N     . LEU A 1 19  ? 3.168   -0.394  8.257   1.00 14.04 ? 19  LEU A N     1 
ATOM   124  C  CA    . LEU A 1 19  ? 3.299   0.844   7.490   1.00 12.07 ? 19  LEU A CA    1 
ATOM   125  C  C     . LEU A 1 19  ? 2.235   1.852   7.872   1.00 15.66 ? 19  LEU A C     1 
ATOM   126  O  O     . LEU A 1 19  ? 2.530   3.020   8.116   1.00 14.44 ? 19  LEU A O     1 
ATOM   127  C  CB    . LEU A 1 19  ? 3.220   0.577   5.983   1.00 13.10 ? 19  LEU A CB    1 
ATOM   128  C  CG    . LEU A 1 19  ? 4.482   0.017   5.322   1.00 15.20 ? 19  LEU A CG    1 
ATOM   129  C  CD1   . LEU A 1 19  ? 4.169   -0.505  3.917   1.00 14.28 ? 19  LEU A CD1   1 
ATOM   130  C  CD2   . LEU A 1 19  ? 5.595   1.054   5.291   1.00 15.69 ? 19  LEU A CD2   1 
ATOM   131  N  N     . THR A 1 20  ? 0.986   1.398   7.915   1.00 13.64 ? 20  THR A N     1 
ATOM   132  C  CA    . THR A 1 20  ? -0.135  2.290   8.190   1.00 15.60 ? 20  THR A CA    1 
ATOM   133  C  C     . THR A 1 20  ? -0.049  2.842   9.607   1.00 14.04 ? 20  THR A C     1 
ATOM   134  O  O     . THR A 1 20  ? -0.246  4.031   9.835   1.00 14.77 ? 20  THR A O     1 
ATOM   135  C  CB    . THR A 1 20  ? -1.465  1.558   8.005   1.00 16.32 ? 20  THR A CB    1 
ATOM   136  O  OG1   . THR A 1 20  ? -1.555  1.079   6.652   1.00 17.15 ? 20  THR A OG1   1 
ATOM   137  C  CG2   . THR A 1 20  ? -2.638  2.502   8.294   1.00 17.22 ? 20  THR A CG2   1 
ATOM   138  N  N     . ILE A 1 21  ? 0.292   1.976   10.556  1.00 13.44 ? 21  ILE A N     1 
ATOM   139  C  CA    . ILE A 1 21  ? 0.438   2.420   11.939  1.00 16.07 ? 21  ILE A CA    1 
ATOM   140  C  C     . ILE A 1 21  ? 1.624   3.383   12.138  1.00 16.06 ? 21  ILE A C     1 
ATOM   141  O  O     . ILE A 1 21  ? 1.538   4.324   12.916  1.00 16.84 ? 21  ILE A O     1 
ATOM   142  C  CB    . ILE A 1 21  ? 0.480   1.220   12.884  1.00 14.46 ? 21  ILE A CB    1 
ATOM   143  C  CG1   . ILE A 1 21  ? -0.895  0.528   12.865  1.00 14.87 ? 21  ILE A CG1   1 
ATOM   144  C  CG2   . ILE A 1 21  ? 0.879   1.650   14.293  1.00 15.14 ? 21  ILE A CG2   1 
ATOM   145  C  CD1   . ILE A 1 21  ? -0.892  -0.883  13.417  1.00 17.06 ? 21  ILE A CD1   1 
ATOM   146  N  N     . GLN A 1 22  ? 2.720   3.173   11.414  1.00 13.68 ? 22  GLN A N     1 
ATOM   147  C  CA    . GLN A 1 22  ? 3.839   4.108   11.470  1.00 14.38 ? 22  GLN A CA    1 
ATOM   148  C  C     . GLN A 1 22  ? 3.399   5.483   10.969  1.00 16.57 ? 22  GLN A C     1 
ATOM   149  O  O     . GLN A 1 22  ? 3.668   6.507   11.605  1.00 16.51 ? 22  GLN A O     1 
ATOM   150  C  CB    . GLN A 1 22  ? 5.003   3.552   10.642  1.00 17.87 ? 22  GLN A CB    1 
ATOM   151  C  CG    . GLN A 1 22  ? 6.335   4.268   10.787  1.00 25.09 ? 22  GLN A CG    1 
ATOM   152  C  CD    . GLN A 1 22  ? 6.823   4.367   12.226  1.00 18.19 ? 22  GLN A CD    1 
ATOM   153  O  OE1   . GLN A 1 22  ? 6.537   5.342   12.902  1.00 21.58 ? 22  GLN A OE1   1 
ATOM   154  N  NE2   . GLN A 1 22  ? 7.607   3.388   12.670  1.00 19.20 ? 22  GLN A NE2   1 
ATOM   155  N  N     . LEU A 1 23  ? 2.698   5.508   9.840   1.00 16.61 ? 23  LEU A N     1 
ATOM   156  C  CA    . LEU A 1 23  ? 2.213   6.773   9.300   1.00 17.27 ? 23  LEU A CA    1 
ATOM   157  C  C     . LEU A 1 23  ? 1.291   7.510   10.259  1.00 17.04 ? 23  LEU A C     1 
ATOM   158  O  O     . LEU A 1 23  ? 1.454   8.715   10.501  1.00 18.51 ? 23  LEU A O     1 
ATOM   159  C  CB    . LEU A 1 23  ? 1.475   6.548   7.989   1.00 15.36 ? 23  LEU A CB    1 
ATOM   160  C  CG    . LEU A 1 23  ? 0.947   7.852   7.397   1.00 17.85 ? 23  LEU A CG    1 
ATOM   161  C  CD1   . LEU A 1 23  ? 2.080   8.607   6.706   1.00 20.62 ? 23  LEU A CD1   1 
ATOM   162  C  CD2   . LEU A 1 23  ? -0.192  7.559   6.436   1.00 20.41 ? 23  LEU A CD2   1 
ATOM   163  N  N     . ILE A 1 24  ? 0.318   6.783   10.794  1.00 14.94 ? 24  ILE A N     1 
ATOM   164  C  CA    . ILE A 1 24  ? -0.749  7.398   11.579  1.00 16.25 ? 24  ILE A CA    1 
ATOM   165  C  C     . ILE A 1 24  ? -0.378  7.642   13.040  1.00 18.19 ? 24  ILE A C     1 
ATOM   166  O  O     . ILE A 1 24  ? -0.740  8.680   13.620  1.00 18.93 ? 24  ILE A O     1 
ATOM   167  C  CB    . ILE A 1 24  ? -2.023  6.530   11.535  1.00 15.82 ? 24  ILE A CB    1 
ATOM   168  C  CG1   . ILE A 1 24  ? -2.527  6.369   10.094  1.00 19.76 ? 24  ILE A CG1   1 
ATOM   169  C  CG2   . ILE A 1 24  ? -3.116  7.136   12.408  1.00 18.65 ? 24  ILE A CG2   1 
ATOM   170  C  CD1   . ILE A 1 24  ? -3.036  7.651   9.459   1.00 20.98 ? 24  ILE A CD1   1 
ATOM   171  N  N     . GLN A 1 25  ? 0.356   6.701   13.622  1.00 17.60 ? 25  GLN A N     1 
ATOM   172  C  CA    . GLN A 1 25  ? 0.604   6.683   15.061  1.00 18.24 ? 25  GLN A CA    1 
ATOM   173  C  C     . GLN A 1 25  ? 2.074   6.803   15.454  1.00 21.96 ? 25  GLN A C     1 
ATOM   174  O  O     . GLN A 1 25  ? 2.386   6.860   16.637  1.00 22.49 ? 25  GLN A O     1 
ATOM   175  C  CB    . GLN A 1 25  ? 0.006   5.412   15.680  1.00 17.30 ? 25  GLN A CB    1 
ATOM   176  C  CG    . GLN A 1 25  ? -1.461  5.242   15.377  1.00 18.86 ? 25  GLN A CG    1 
ATOM   177  C  CD    . GLN A 1 25  ? -2.071  4.051   16.082  1.00 22.34 ? 25  GLN A CD    1 
ATOM   178  O  OE1   . GLN A 1 25  ? -1.361  3.236   16.689  1.00 20.96 ? 25  GLN A OE1   1 
ATOM   179  N  NE2   . GLN A 1 25  ? -3.396  3.946   16.019  1.00 20.60 ? 25  GLN A NE2   1 
ATOM   180  N  N     . ASN A 1 26  ? 2.973   6.831   14.474  1.00 18.45 ? 26  ASN A N     1 
ATOM   181  C  CA    . ASN A 1 26  ? 4.385   7.089   14.740  1.00 16.46 ? 26  ASN A CA    1 
ATOM   182  C  C     . ASN A 1 26  ? 5.074   6.101   15.677  1.00 21.90 ? 26  ASN A C     1 
ATOM   183  O  O     . ASN A 1 26  ? 5.911   6.483   16.500  1.00 24.47 ? 26  ASN A O     1 
ATOM   184  C  CB    . ASN A 1 26  ? 4.571   8.518   15.268  1.00 21.50 ? 26  ASN A CB    1 
ATOM   185  C  CG    . ASN A 1 26  ? 4.021   9.558   14.322  1.00 31.21 ? 26  ASN A CG    1 
ATOM   186  O  OD1   . ASN A 1 26  ? 4.676   9.924   13.343  1.00 40.52 ? 26  ASN A OD1   1 
ATOM   187  N  ND2   . ASN A 1 26  ? 2.805   10.037  14.598  1.00 36.82 ? 26  ASN A ND2   1 
ATOM   188  N  N     . HIS A 1 27  ? 4.720   4.827   15.563  1.00 17.85 ? 27  HIS A N     1 
ATOM   189  C  CA    . HIS A 1 27  ? 5.497   3.785   16.206  1.00 17.35 ? 27  HIS A CA    1 
ATOM   190  C  C     . HIS A 1 27  ? 5.489   2.538   15.348  1.00 18.00 ? 27  HIS A C     1 
ATOM   191  O  O     . HIS A 1 27  ? 4.642   2.387   14.451  1.00 17.55 ? 27  HIS A O     1 
ATOM   192  C  CB    . HIS A 1 27  ? 4.972   3.476   17.619  1.00 17.57 ? 27  HIS A CB    1 
ATOM   193  C  CG    . HIS A 1 27  ? 3.554   2.997   17.645  1.00 18.19 ? 27  HIS A CG    1 
ATOM   194  N  ND1   . HIS A 1 27  ? 3.216   1.670   17.784  1.00 19.82 ? 27  HIS A ND1   1 
ATOM   195  C  CD2   . HIS A 1 27  ? 2.385   3.673   17.539  1.00 17.25 ? 27  HIS A CD2   1 
ATOM   196  C  CE1   . HIS A 1 27  ? 1.901   1.548   17.777  1.00 16.57 ? 27  HIS A CE1   1 
ATOM   197  N  NE2   . HIS A 1 27  ? 1.374   2.749   17.621  1.00 20.43 ? 27  HIS A NE2   1 
ATOM   198  N  N     . PHE A 1 28  ? 6.440   1.655   15.632  1.00 16.73 ? 28  PHE A N     1 
ATOM   199  C  CA    . PHE A 1 28  ? 6.603   0.409   14.894  1.00 16.60 ? 28  PHE A CA    1 
ATOM   200  C  C     . PHE A 1 28  ? 5.959   -0.767  15.611  1.00 17.14 ? 28  PHE A C     1 
ATOM   201  O  O     . PHE A 1 28  ? 6.267   -1.038  16.768  1.00 16.98 ? 28  PHE A O     1 
ATOM   202  C  CB    . PHE A 1 28  ? 8.088   0.110   14.674  1.00 17.12 ? 28  PHE A CB    1 
ATOM   203  C  CG    . PHE A 1 28  ? 8.352   -1.210  13.983  1.00 15.56 ? 28  PHE A CG    1 
ATOM   204  C  CD1   . PHE A 1 28  ? 7.830   -1.469  12.724  1.00 17.47 ? 28  PHE A CD1   1 
ATOM   205  C  CD2   . PHE A 1 28  ? 9.135   -2.181  14.590  1.00 17.65 ? 28  PHE A CD2   1 
ATOM   206  C  CE1   . PHE A 1 28  ? 8.077   -2.685  12.092  1.00 17.01 ? 28  PHE A CE1   1 
ATOM   207  C  CE2   . PHE A 1 28  ? 9.394   -3.390  13.962  1.00 18.07 ? 28  PHE A CE2   1 
ATOM   208  C  CZ    . PHE A 1 28  ? 8.864   -3.642  12.711  1.00 15.69 ? 28  PHE A CZ    1 
ATOM   209  N  N     . VAL A 1 29  ? 5.066   -1.466  14.920  1.00 14.29 ? 29  VAL A N     1 
ATOM   210  C  CA    . VAL A 1 29  ? 4.474   -2.686  15.455  1.00 16.16 ? 29  VAL A CA    1 
ATOM   211  C  C     . VAL A 1 29  ? 5.378   -3.891  15.172  1.00 14.38 ? 29  VAL A C     1 
ATOM   212  O  O     . VAL A 1 29  ? 5.523   -4.314  14.024  1.00 16.23 ? 29  VAL A O     1 
ATOM   213  C  CB    . VAL A 1 29  ? 3.079   -2.928  14.857  1.00 14.93 ? 29  VAL A CB    1 
ATOM   214  C  CG1   . VAL A 1 29  ? 2.499   -4.240  15.355  1.00 17.64 ? 29  VAL A CG1   1 
ATOM   215  C  CG2   . VAL A 1 29  ? 2.140   -1.762  15.212  1.00 19.11 ? 29  VAL A CG2   1 
ATOM   216  N  N     . ASP A 1 30  ? 5.978   -4.422  16.236  1.00 15.95 ? 30  ASP A N     1 
ATOM   217  C  CA    . ASP A 1 30  ? 6.934   -5.540  16.165  1.00 16.07 ? 30  ASP A CA    1 
ATOM   218  C  C     . ASP A 1 30  ? 6.278   -6.909  16.052  1.00 15.01 ? 30  ASP A C     1 
ATOM   219  O  O     . ASP A 1 30  ? 6.851   -7.832  15.473  1.00 19.14 ? 30  ASP A O     1 
ATOM   220  C  CB    . ASP A 1 30  ? 7.832   -5.569  17.409  1.00 16.88 ? 30  ASP A CB    1 
ATOM   221  C  CG    . ASP A 1 30  ? 8.696   -4.336  17.541  1.00 17.32 ? 30  ASP A CG    1 
ATOM   222  O  OD1   . ASP A 1 30  ? 9.894   -4.400  17.192  1.00 21.07 ? 30  ASP A OD1   1 
ATOM   223  O  OD2   . ASP A 1 30  ? 8.191   -3.305  18.002  1.00 19.00 ? 30  ASP A OD2   1 
ATOM   224  N  N     . GLU A 1 31  ? 5.093   -7.059  16.633  1.00 16.25 ? 31  GLU A N     1 
ATOM   225  C  CA    . GLU A 1 31  ? 4.417   -8.346  16.609  1.00 15.38 ? 31  GLU A CA    1 
ATOM   226  C  C     . GLU A 1 31  ? 3.597   -8.501  15.346  1.00 19.58 ? 31  GLU A C     1 
ATOM   227  O  O     . GLU A 1 31  ? 3.347   -7.522  14.640  1.00 16.45 ? 31  GLU A O     1 
ATOM   228  C  CB    . GLU A 1 31  ? 3.510   -8.500  17.830  1.00 15.77 ? 31  GLU A CB    1 
ATOM   229  C  CG    . GLU A 1 31  ? 2.278   -7.609  17.791  1.00 15.93 ? 31  GLU A CG    1 
ATOM   230  C  CD    . GLU A 1 31  ? 1.735   -7.337  19.179  1.00 16.55 ? 31  GLU A CD    1 
ATOM   231  O  OE1   . GLU A 1 31  ? 2.265   -6.442  19.870  1.00 18.62 ? 31  GLU A OE1   1 
ATOM   232  O  OE2   . GLU A 1 31  ? 0.787   -8.028  19.577  1.00 18.61 ? 31  GLU A OE2   1 
ATOM   233  N  N     . TYR A 1 32  ? 3.195   -9.735  15.065  1.00 15.71 ? 32  TYR A N     1 
ATOM   234  C  CA    . TYR A 1 32  ? 2.399   -10.033 13.885  1.00 16.31 ? 32  TYR A CA    1 
ATOM   235  C  C     . TYR A 1 32  ? 1.011   -10.528 14.289  1.00 20.99 ? 32  TYR A C     1 
ATOM   236  O  O     . TYR A 1 32  ? 0.846   -11.682 14.721  1.00 22.46 ? 32  TYR A O     1 
ATOM   237  C  CB    . TYR A 1 32  ? 3.093   -11.074 12.993  1.00 16.48 ? 32  TYR A CB    1 
ATOM   238  C  CG    . TYR A 1 32  ? 2.301   -11.424 11.741  1.00 21.44 ? 32  TYR A CG    1 
ATOM   239  C  CD1   . TYR A 1 32  ? 2.636   -12.526 10.963  1.00 29.94 ? 32  TYR A CD1   1 
ATOM   240  C  CD2   . TYR A 1 32  ? 1.225   -10.646 11.336  1.00 20.96 ? 32  TYR A CD2   1 
ATOM   241  C  CE1   . TYR A 1 32  ? 1.905   -12.840 9.818   1.00 27.66 ? 32  TYR A CE1   1 
ATOM   242  C  CE2   . TYR A 1 32  ? 0.492   -10.960 10.211  1.00 23.78 ? 32  TYR A CE2   1 
ATOM   243  C  CZ    . TYR A 1 32  ? 0.837   -12.053 9.454   1.00 26.22 ? 32  TYR A CZ    1 
ATOM   244  O  OH    . TYR A 1 32  ? 0.106   -12.354 8.322   1.00 24.53 ? 32  TYR A OH    1 
ATOM   245  N  N     . ASP A 1 33  ? 0.027   -9.639  14.167  1.00 17.10 ? 33  ASP A N     1 
ATOM   246  C  CA    . ASP A 1 33  ? -1.381  -9.964  14.363  1.00 17.90 ? 33  ASP A CA    1 
ATOM   247  C  C     . ASP A 1 33  ? -2.074  -9.779  13.021  1.00 15.49 ? 33  ASP A C     1 
ATOM   248  O  O     . ASP A 1 33  ? -2.231  -8.652  12.549  1.00 16.44 ? 33  ASP A O     1 
ATOM   249  C  CB    . ASP A 1 33  ? -2.029  -9.016  15.377  1.00 15.78 ? 33  ASP A CB    1 
ATOM   250  C  CG    . ASP A 1 33  ? -1.614  -9.297  16.795  1.00 22.50 ? 33  ASP A CG    1 
ATOM   251  O  OD1   . ASP A 1 33  ? -1.607  -8.348  17.596  1.00 23.45 ? 33  ASP A OD1   1 
ATOM   252  O  OD2   . ASP A 1 33  ? -1.284  -10.457 17.106  1.00 29.17 ? 33  ASP A OD2   1 
ATOM   253  N  N     . PRO A 1 34  ? -2.455  -10.882 12.374  1.00 16.90 ? 34  PRO A N     1 
ATOM   254  C  CA    . PRO A 1 34  ? -3.099  -10.762 11.061  1.00 16.06 ? 34  PRO A CA    1 
ATOM   255  C  C     . PRO A 1 34  ? -4.345  -9.897  11.111  1.00 16.34 ? 34  PRO A C     1 
ATOM   256  O  O     . PRO A 1 34  ? -5.131  -9.965  12.062  1.00 19.01 ? 34  PRO A O     1 
ATOM   257  C  CB    . PRO A 1 34  ? -3.475  -12.207 10.730  1.00 20.17 ? 34  PRO A CB    1 
ATOM   258  C  CG    . PRO A 1 34  ? -2.440  -13.019 11.439  1.00 24.27 ? 34  PRO A CG    1 
ATOM   259  C  CD    . PRO A 1 34  ? -2.167  -12.287 12.723  1.00 19.53 ? 34  PRO A CD    1 
ATOM   260  N  N     . THR A 1 35  ? -4.521  -9.081  10.079  1.00 16.61 ? 35  THR A N     1 
ATOM   261  C  CA    . THR A 1 35  ? -5.631  -8.153  10.018  1.00 16.63 ? 35  THR A CA    1 
ATOM   262  C  C     . THR A 1 35  ? -6.828  -8.771  9.328   1.00 17.55 ? 35  THR A C     1 
ATOM   263  O  O     . THR A 1 35  ? -6.669  -9.566  8.405   1.00 21.05 ? 35  THR A O     1 
ATOM   264  C  CB    . THR A 1 35  ? -5.213  -6.911  9.207   1.00 16.80 ? 35  THR A CB    1 
ATOM   265  O  OG1   . THR A 1 35  ? -4.056  -6.338  9.812   1.00 15.83 ? 35  THR A OG1   1 
ATOM   266  C  CG2   . THR A 1 35  ? -6.296  -5.865  9.174   1.00 16.58 ? 35  THR A CG2   1 
ATOM   267  N  N     . ILE A 1 36  ? -8.025  -8.401  9.776   1.00 19.77 ? 36  ILE A N     1 
ATOM   268  C  CA    . ILE A 1 36  ? -9.211  -8.640  8.968   1.00 23.68 ? 36  ILE A CA    1 
ATOM   269  C  C     . ILE A 1 36  ? -9.425  -7.428  8.070   1.00 20.64 ? 36  ILE A C     1 
ATOM   270  O  O     . ILE A 1 36  ? -9.041  -7.440  6.908   1.00 24.33 ? 36  ILE A O     1 
ATOM   271  C  CB    . ILE A 1 36  ? -10.465 -8.876  9.817   1.00 26.98 ? 36  ILE A CB    1 
ATOM   272  C  CG1   . ILE A 1 36  ? -10.205 -9.961  10.859  1.00 36.61 ? 36  ILE A CG1   1 
ATOM   273  C  CG2   . ILE A 1 36  ? -11.623 -9.274  8.912   1.00 22.52 ? 36  ILE A CG2   1 
ATOM   274  C  CD1   . ILE A 1 36  ? -10.223 -11.345 10.286  1.00 47.01 ? 36  ILE A CD1   1 
ATOM   275  N  N     . GLU A 1 37  ? -10.042 -6.384  8.617   1.00 20.71 ? 37  GLU A N     1 
ATOM   276  C  CA    . GLU A 1 37  ? -10.180 -5.105  7.924   1.00 21.63 ? 37  GLU A CA    1 
ATOM   277  C  C     . GLU A 1 37  ? -10.228 -3.981  8.961   1.00 22.92 ? 37  GLU A C     1 
ATOM   278  O  O     . GLU A 1 37  ? -11.154 -3.918  9.770   1.00 25.17 ? 37  GLU A O     1 
ATOM   279  C  CB    . GLU A 1 37  ? -11.449 -5.073  7.055   1.00 23.19 ? 37  GLU A CB    1 
ATOM   280  C  CG    . GLU A 1 37  ? -11.553 -6.183  5.998   1.00 34.66 ? 37  GLU A CG    1 
ATOM   281  C  CD    . GLU A 1 37  ? -10.548 -6.032  4.861   1.00 34.04 ? 37  GLU A CD    1 
ATOM   282  O  OE1   . GLU A 1 37  ? -10.220 -7.046  4.202   1.00 27.63 ? 37  GLU A OE1   1 
ATOM   283  O  OE2   . GLU A 1 37  ? -10.097 -4.896  4.623   1.00 31.04 ? 37  GLU A OE2   1 
ATOM   284  N  N     . ASP A 1 38  ? -9.231  -3.099  8.935   1.00 17.70 ? 38  ASP A N     1 
ATOM   285  C  CA    . ASP A 1 38  ? -9.160  -1.962  9.857   1.00 15.79 ? 38  ASP A CA    1 
ATOM   286  C  C     . ASP A 1 38  ? -9.122  -0.641  9.098   1.00 19.68 ? 38  ASP A C     1 
ATOM   287  O  O     . ASP A 1 38  ? -8.629  -0.572  7.976   1.00 21.45 ? 38  ASP A O     1 
ATOM   288  C  CB    . ASP A 1 38  ? -7.913  -2.044  10.747  1.00 18.70 ? 38  ASP A CB    1 
ATOM   289  C  CG    . ASP A 1 38  ? -7.897  -3.274  11.647  1.00 20.19 ? 38  ASP A CG    1 
ATOM   290  O  OD1   . ASP A 1 38  ? -8.978  -3.796  11.976  1.00 21.77 ? 38  ASP A OD1   1 
ATOM   291  O  OD2   . ASP A 1 38  ? -6.790  -3.708  12.018  1.00 20.50 ? 38  ASP A OD2   1 
ATOM   292  N  N     . SER A 1 39  ? -9.629  0.421   9.713   1.00 19.26 ? 39  SER A N     1 
ATOM   293  C  CA    . SER A 1 39  ? -9.574  1.731   9.077   1.00 17.58 ? 39  SER A CA    1 
ATOM   294  C  C     . SER A 1 39  ? -8.957  2.749   10.022  1.00 20.04 ? 39  SER A C     1 
ATOM   295  O  O     . SER A 1 39  ? -9.106  2.654   11.245  1.00 19.82 ? 39  SER A O     1 
ATOM   296  C  CB    . SER A 1 39  ? -10.964 2.192   8.630   1.00 21.45 ? 39  SER A CB    1 
ATOM   297  O  OG    . SER A 1 39  ? -11.805 2.409   9.738   1.00 34.75 ? 39  SER A OG    1 
ATOM   298  N  N     . TYR A 1 40  ? -8.271  3.723   9.434   1.00 16.62 ? 40  TYR A N     1 
ATOM   299  C  CA    . TYR A 1 40  ? -7.629  4.796   10.161  1.00 17.32 ? 40  TYR A CA    1 
ATOM   300  C  C     . TYR A 1 40  ? -7.950  6.104   9.471   1.00 23.77 ? 40  TYR A C     1 
ATOM   301  O  O     . TYR A 1 40  ? -8.130  6.147   8.254   1.00 20.22 ? 40  TYR A O     1 
ATOM   302  C  CB    . TYR A 1 40  ? -6.115  4.616   10.177  1.00 19.56 ? 40  TYR A CB    1 
ATOM   303  C  CG    . TYR A 1 40  ? -5.635  3.374   10.868  1.00 17.11 ? 40  TYR A CG    1 
ATOM   304  C  CD1   . TYR A 1 40  ? -5.238  3.417   12.199  1.00 18.72 ? 40  TYR A CD1   1 
ATOM   305  C  CD2   . TYR A 1 40  ? -5.584  2.151   10.196  1.00 16.76 ? 40  TYR A CD2   1 
ATOM   306  C  CE1   . TYR A 1 40  ? -4.778  2.282   12.845  1.00 17.22 ? 40  TYR A CE1   1 
ATOM   307  C  CE2   . TYR A 1 40  ? -5.130  1.001   10.838  1.00 17.46 ? 40  TYR A CE2   1 
ATOM   308  C  CZ    . TYR A 1 40  ? -4.732  1.082   12.167  1.00 18.77 ? 40  TYR A CZ    1 
ATOM   309  O  OH    . TYR A 1 40  ? -4.279  -0.037  12.826  1.00 19.61 ? 40  TYR A OH    1 
ATOM   310  N  N     . ARG A 1 41  ? -8.024  7.174   10.249  1.00 19.83 ? 41  ARG A N     1 
ATOM   311  C  CA    . ARG A 1 41  ? -8.291  8.491   9.697   1.00 20.58 ? 41  ARG A CA    1 
ATOM   312  C  C     . ARG A 1 41  ? -7.339  9.486   10.331  1.00 28.15 ? 41  ARG A C     1 
ATOM   313  O  O     . ARG A 1 41  ? -7.067  9.407   11.526  1.00 29.24 ? 41  ARG A O     1 
ATOM   314  C  CB    . ARG A 1 41  ? -9.746  8.876   9.964   1.00 24.83 ? 41  ARG A CB    1 
ATOM   315  C  CG    . ARG A 1 41  ? -10.026 10.355  9.898   1.00 39.19 ? 41  ARG A CG    1 
ATOM   316  C  CD    . ARG A 1 41  ? -11.515 10.627  9.967   1.00 45.38 ? 41  ARG A CD    1 
ATOM   317  N  NE    . ARG A 1 41  ? -12.199 10.293  8.720   1.00 43.39 ? 41  ARG A NE    1 
ATOM   318  C  CZ    . ARG A 1 41  ? -13.460 10.617  8.457   1.00 45.50 ? 41  ARG A CZ    1 
ATOM   319  N  NH1   . ARG A 1 41  ? -14.175 11.283  9.354   1.00 50.47 ? 41  ARG A NH1   1 
ATOM   320  N  NH2   . ARG A 1 41  ? -14.007 10.281  7.297   1.00 42.43 ? 41  ARG A NH2   1 
ATOM   321  N  N     . LYS A 1 42  ? -6.807  10.408  9.532   1.00 21.15 ? 42  LYS A N     1 
ATOM   322  C  CA    . LYS A 1 42  ? -5.932  11.445  10.069  1.00 24.62 ? 42  LYS A CA    1 
ATOM   323  C  C     . LYS A 1 42  ? -5.955  12.695  9.205   1.00 24.66 ? 42  LYS A C     1 
ATOM   324  O  O     . LYS A 1 42  ? -5.927  12.618  7.980   1.00 23.09 ? 42  LYS A O     1 
ATOM   325  C  CB    . LYS A 1 42  ? -4.497  10.940  10.203  1.00 31.14 ? 42  LYS A CB    1 
ATOM   326  C  CG    . LYS A 1 42  ? -3.585  11.869  11.002  1.00 36.21 ? 42  LYS A CG    1 
ATOM   327  C  CD    . LYS A 1 42  ? -2.220  11.225  11.237  1.00 43.72 ? 42  LYS A CD    1 
ATOM   328  C  CE    . LYS A 1 42  ? -1.279  12.146  12.003  1.00 42.82 ? 42  LYS A CE    1 
ATOM   329  N  NZ    . LYS A 1 42  ? 0.094   11.566  12.119  1.00 44.52 ? 42  LYS A NZ    1 
ATOM   330  N  N     . GLN A 1 43  ? -6.021  13.848  9.860   1.00 24.05 ? 43  GLN A N     1 
ATOM   331  C  CA    . GLN A 1 43  ? -5.958  15.126  9.173   1.00 21.44 ? 43  GLN A CA    1 
ATOM   332  C  C     . GLN A 1 43  ? -4.498  15.547  9.053   1.00 24.89 ? 43  GLN A C     1 
ATOM   333  O  O     . GLN A 1 43  ? -3.764  15.569  10.044  1.00 24.13 ? 43  GLN A O     1 
ATOM   334  C  CB    . GLN A 1 43  ? -6.754  16.174  9.951   1.00 26.41 ? 43  GLN A CB    1 
ATOM   335  C  CG    . GLN A 1 43  ? -6.840  17.529  9.273   1.00 32.91 ? 43  GLN A CG    1 
ATOM   336  C  CD    . GLN A 1 43  ? -7.674  18.512  10.071  1.00 36.51 ? 43  GLN A CD    1 
ATOM   337  O  OE1   . GLN A 1 43  ? -8.790  18.198  10.489  1.00 40.16 ? 43  GLN A OE1   1 
ATOM   338  N  NE2   . GLN A 1 43  ? -7.131  19.704  10.295  1.00 43.39 ? 43  GLN A NE2   1 
ATOM   339  N  N     . VAL A 1 44  ? -4.076  15.862  7.831   1.00 22.14 ? 44  VAL A N     1 
ATOM   340  C  CA    . VAL A 1 44  ? -2.687  16.200  7.554   1.00 21.09 ? 44  VAL A CA    1 
ATOM   341  C  C     . VAL A 1 44  ? -2.630  17.259  6.463   1.00 23.31 ? 44  VAL A C     1 
ATOM   342  O  O     . VAL A 1 44  ? -3.567  17.400  5.680   1.00 29.43 ? 44  VAL A O     1 
ATOM   343  C  CB    . VAL A 1 44  ? -1.898  14.968  7.063   1.00 22.11 ? 44  VAL A CB    1 
ATOM   344  C  CG1   . VAL A 1 44  ? -1.787  13.920  8.168   1.00 34.62 ? 44  VAL A CG1   1 
ATOM   345  C  CG2   . VAL A 1 44  ? -2.562  14.369  5.839   1.00 24.19 ? 44  VAL A CG2   1 
ATOM   346  N  N     . VAL A 1 45  ? -1.541  18.014  6.422   1.00 22.06 ? 45  VAL A N     1 
ATOM   347  C  CA    . VAL A 1 45  ? -1.328  18.965  5.338   1.00 19.90 ? 45  VAL A CA    1 
ATOM   348  C  C     . VAL A 1 45  ? -0.372  18.324  4.340   1.00 18.20 ? 45  VAL A C     1 
ATOM   349  O  O     . VAL A 1 45  ? 0.732   17.921  4.701   1.00 20.50 ? 45  VAL A O     1 
ATOM   350  C  CB    . VAL A 1 45  ? -0.726  20.292  5.837   1.00 26.73 ? 45  VAL A CB    1 
ATOM   351  C  CG1   . VAL A 1 45  ? -0.443  21.222  4.660   1.00 26.43 ? 45  VAL A CG1   1 
ATOM   352  C  CG2   . VAL A 1 45  ? -1.662  20.960  6.834   1.00 28.63 ? 45  VAL A CG2   1 
ATOM   353  N  N     . ILE A 1 46  ? -0.822  18.190  3.099   1.00 17.70 ? 46  ILE A N     1 
ATOM   354  C  CA    . ILE A 1 46  ? -0.002  17.598  2.056   1.00 16.80 ? 46  ILE A CA    1 
ATOM   355  C  C     . ILE A 1 46  ? 0.122   18.616  0.937   1.00 17.26 ? 46  ILE A C     1 
ATOM   356  O  O     . ILE A 1 46  ? -0.866  18.970  0.301   1.00 18.90 ? 46  ILE A O     1 
ATOM   357  C  CB    . ILE A 1 46  ? -0.622  16.287  1.519   1.00 17.54 ? 46  ILE A CB    1 
ATOM   358  C  CG1   . ILE A 1 46  ? -0.764  15.261  2.647   1.00 17.03 ? 46  ILE A CG1   1 
ATOM   359  C  CG2   . ILE A 1 46  ? 0.246   15.702  0.406   1.00 20.18 ? 46  ILE A CG2   1 
ATOM   360  C  CD1   . ILE A 1 46  ? -1.533  14.004  2.235   1.00 19.66 ? 46  ILE A CD1   1 
ATOM   361  N  N     . ASP A 1 47  ? 1.340   19.105  0.711   1.00 19.77 ? 47  ASP A N     1 
ATOM   362  C  CA    . ASP A 1 47  ? 1.578   20.124  -0.313  1.00 20.65 ? 47  ASP A CA    1 
ATOM   363  C  C     . ASP A 1 47  ? 0.661   21.336  -0.175  1.00 19.92 ? 47  ASP A C     1 
ATOM   364  O  O     . ASP A 1 47  ? 0.084   21.805  -1.153  1.00 25.16 ? 47  ASP A O     1 
ATOM   365  C  CB    . ASP A 1 47  ? 1.453   19.516  -1.714  1.00 20.10 ? 47  ASP A CB    1 
ATOM   366  C  CG    . ASP A 1 47  ? 2.301   18.275  -1.876  1.00 19.44 ? 47  ASP A CG    1 
ATOM   367  O  OD1   . ASP A 1 47  ? 3.512   18.335  -1.576  1.00 19.27 ? 47  ASP A OD1   1 
ATOM   368  O  OD2   . ASP A 1 47  ? 1.754   17.223  -2.283  1.00 21.84 ? 47  ASP A OD2   1 
ATOM   369  N  N     . GLY A 1 48  ? 0.519   21.829  1.051   1.00 23.75 ? 48  GLY A N     1 
ATOM   370  C  CA    . GLY A 1 48  ? -0.225  23.046  1.300   1.00 24.64 ? 48  GLY A CA    1 
ATOM   371  C  C     . GLY A 1 48  ? -1.725  22.855  1.353   1.00 27.36 ? 48  GLY A C     1 
ATOM   372  O  O     . GLY A 1 48  ? -2.476  23.807  1.521   1.00 28.69 ? 48  GLY A O     1 
ATOM   373  N  N     . GLU A 1 49  ? -2.171  21.614  1.214   1.00 22.80 ? 49  GLU A N     1 
ATOM   374  C  CA    . GLU A 1 49  ? -3.594  21.334  1.277   1.00 23.83 ? 49  GLU A CA    1 
ATOM   375  C  C     . GLU A 1 49  ? -3.941  20.585  2.553   1.00 22.28 ? 49  GLU A C     1 
ATOM   376  O  O     . GLU A 1 49  ? -3.364  19.542  2.848   1.00 20.62 ? 49  GLU A O     1 
ATOM   377  C  CB    . GLU A 1 49  ? -4.036  20.523  0.054   1.00 20.88 ? 49  GLU A CB    1 
ATOM   378  C  CG    . GLU A 1 49  ? -5.498  20.149  0.064   1.00 21.45 ? 49  GLU A CG    1 
ATOM   379  C  CD    . GLU A 1 49  ? -5.885  19.294  -1.124  1.00 25.59 ? 49  GLU A CD    1 
ATOM   380  O  OE1   . GLU A 1 49  ? -5.390  18.155  -1.230  1.00 27.35 ? 49  GLU A OE1   1 
ATOM   381  O  OE2   . GLU A 1 49  ? -6.679  19.766  -1.961  1.00 33.51 ? 49  GLU A OE2   1 
ATOM   382  N  N     . THR A 1 50  ? -4.870  21.132  3.325   1.00 23.76 ? 50  THR A N     1 
ATOM   383  C  CA    . THR A 1 50  ? -5.371  20.422  4.490   1.00 21.54 ? 50  THR A CA    1 
ATOM   384  C  C     . THR A 1 50  ? -6.343  19.351  4.017   1.00 22.24 ? 50  THR A C     1 
ATOM   385  O  O     . THR A 1 50  ? -7.293  19.629  3.281   1.00 24.35 ? 50  THR A O     1 
ATOM   386  C  CB    . THR A 1 50  ? -6.068  21.361  5.494   1.00 28.94 ? 50  THR A CB    1 
ATOM   387  O  OG1   . THR A 1 50  ? -5.150  22.384  5.903   1.00 32.97 ? 50  THR A OG1   1 
ATOM   388  C  CG2   . THR A 1 50  ? -6.516  20.577  6.725   1.00 31.68 ? 50  THR A CG2   1 
ATOM   389  N  N     . CYS A 1 51  ? -6.097  18.111  4.406   1.00 24.55 ? 51  CYS A N     1 
ATOM   390  C  CA    . CYS A 1 51  ? -6.975  17.058  3.947   1.00 29.67 ? 51  CYS A CA    1 
ATOM   391  C  C     . CYS A 1 51  ? -7.107  15.947  4.958   1.00 22.67 ? 51  CYS A C     1 
ATOM   392  O  O     . CYS A 1 51  ? -6.352  15.864  5.928   1.00 23.61 ? 51  CYS A O     1 
ATOM   393  C  CB    . CYS A 1 51  ? -6.492  16.501  2.617   1.00 28.54 ? 51  CYS A CB    1 
ATOM   394  S  SG    . CYS A 1 51  ? -4.828  15.869  2.698   1.00 32.25 ? 51  CYS A SG    1 
ATOM   395  N  N     . LEU A 1 52  ? -8.094  15.098  4.720   1.00 21.23 ? 52  LEU A N     1 
ATOM   396  C  CA    . LEU A 1 52  ? -8.367  13.995  5.611   1.00 19.79 ? 52  LEU A CA    1 
ATOM   397  C  C     . LEU A 1 52  ? -7.989  12.719  4.873   1.00 18.95 ? 52  LEU A C     1 
ATOM   398  O  O     . LEU A 1 52  ? -8.496  12.455  3.797   1.00 22.29 ? 52  LEU A O     1 
ATOM   399  C  CB    . LEU A 1 52  ? -9.854  13.990  5.967   1.00 25.38 ? 52  LEU A CB    1 
ATOM   400  C  CG    . LEU A 1 52  ? -10.247 13.214  7.224   1.00 40.58 ? 52  LEU A CG    1 
ATOM   401  C  CD1   . LEU A 1 52  ? -9.944  11.735  7.044   1.00 37.85 ? 52  LEU A CD1   1 
ATOM   402  C  CD2   . LEU A 1 52  ? -9.535  13.770  8.455   1.00 34.65 ? 52  LEU A CD2   1 
ATOM   403  N  N     . LEU A 1 53  ? -7.084  11.941  5.456   1.00 17.58 ? 53  LEU A N     1 
ATOM   404  C  CA    . LEU A 1 53  ? -6.748  10.632  4.913   1.00 18.60 ? 53  LEU A CA    1 
ATOM   405  C  C     . LEU A 1 53  ? -7.583  9.557   5.583   1.00 18.95 ? 53  LEU A C     1 
ATOM   406  O  O     . LEU A 1 53  ? -7.577  9.441   6.808   1.00 22.75 ? 53  LEU A O     1 
ATOM   407  C  CB    . LEU A 1 53  ? -5.269  10.312  5.124   1.00 20.96 ? 53  LEU A CB    1 
ATOM   408  C  CG    . LEU A 1 53  ? -4.272  11.283  4.493   1.00 22.37 ? 53  LEU A CG    1 
ATOM   409  C  CD1   . LEU A 1 53  ? -2.862  10.739  4.647   1.00 23.26 ? 53  LEU A CD1   1 
ATOM   410  C  CD2   . LEU A 1 53  ? -4.618  11.503  3.026   1.00 23.12 ? 53  LEU A CD2   1 
ATOM   411  N  N     . ASP A 1 54  ? -8.295  8.773   4.781   1.00 20.02 ? 54  ASP A N     1 
ATOM   412  C  CA    . ASP A 1 54  ? -9.005  7.612   5.284   1.00 20.62 ? 54  ASP A CA    1 
ATOM   413  C  C     . ASP A 1 54  ? -8.287  6.406   4.729   1.00 22.50 ? 54  ASP A C     1 
ATOM   414  O  O     . ASP A 1 54  ? -8.283  6.196   3.519   1.00 23.86 ? 54  ASP A O     1 
ATOM   415  C  CB    . ASP A 1 54  ? -10.456 7.607   4.815   1.00 22.92 ? 54  ASP A CB    1 
ATOM   416  C  CG    . ASP A 1 54  ? -11.322 8.582   5.588   1.00 35.66 ? 54  ASP A CG    1 
ATOM   417  O  OD1   . ASP A 1 54  ? -11.955 9.443   4.952   1.00 40.52 ? 54  ASP A OD1   1 
ATOM   418  O  OD2   . ASP A 1 54  ? -11.376 8.482   6.828   1.00 38.39 ? 54  ASP A OD2   1 
ATOM   419  N  N     . ILE A 1 55  ? -7.655  5.632   5.603   1.00 16.97 ? 55  ILE A N     1 
ATOM   420  C  CA    . ILE A 1 55  ? -6.825  4.519   5.143   1.00 16.92 ? 55  ILE A CA    1 
ATOM   421  C  C     . ILE A 1 55  ? -7.438  3.188   5.537   1.00 19.11 ? 55  ILE A C     1 
ATOM   422  O  O     . ILE A 1 55  ? -7.686  2.932   6.718   1.00 19.31 ? 55  ILE A O     1 
ATOM   423  C  CB    . ILE A 1 55  ? -5.387  4.618   5.686   1.00 18.15 ? 55  ILE A CB    1 
ATOM   424  C  CG1   . ILE A 1 55  ? -4.783  5.980   5.321   1.00 21.59 ? 55  ILE A CG1   1 
ATOM   425  C  CG2   . ILE A 1 55  ? -4.523  3.469   5.143   1.00 18.52 ? 55  ILE A CG2   1 
ATOM   426  C  CD1   . ILE A 1 55  ? -3.429  6.217   5.898   1.00 21.99 ? 55  ILE A CD1   1 
ATOM   427  N  N     . LEU A 1 56  ? -7.679  2.342   4.543   1.00 15.79 ? 56  LEU A N     1 
ATOM   428  C  CA    . LEU A 1 56  ? -8.174  1.001   4.795   1.00 15.85 ? 56  LEU A CA    1 
ATOM   429  C  C     . LEU A 1 56  ? -7.012  0.013   4.746   1.00 15.24 ? 56  LEU A C     1 
ATOM   430  O  O     . LEU A 1 56  ? -6.332  -0.131  3.728   1.00 16.90 ? 56  LEU A O     1 
ATOM   431  C  CB    . LEU A 1 56  ? -9.256  0.619   3.780   1.00 17.13 ? 56  LEU A CB    1 
ATOM   432  C  CG    . LEU A 1 56  ? -9.754  -0.827  3.842   1.00 22.23 ? 56  LEU A CG    1 
ATOM   433  C  CD1   . LEU A 1 56  ? -10.443 -1.129  5.166   1.00 30.23 ? 56  LEU A CD1   1 
ATOM   434  C  CD2   . LEU A 1 56  ? -10.685 -1.110  2.674   1.00 25.87 ? 56  LEU A CD2   1 
ATOM   435  N  N     . ASP A 1 57  ? -6.787  -0.638  5.879   1.00 15.30 ? 57  ASP A N     1 
ATOM   436  C  CA    . ASP A 1 57  ? -5.751  -1.640  6.049   1.00 15.99 ? 57  ASP A CA    1 
ATOM   437  C  C     . ASP A 1 57  ? -6.401  -3.013  5.892   1.00 17.88 ? 57  ASP A C     1 
ATOM   438  O  O     . ASP A 1 57  ? -7.182  -3.444  6.743   1.00 18.74 ? 57  ASP A O     1 
ATOM   439  C  CB    . ASP A 1 57  ? -5.150  -1.474  7.443   1.00 15.48 ? 57  ASP A CB    1 
ATOM   440  C  CG    . ASP A 1 57  ? -4.038  -2.448  7.719   1.00 17.40 ? 57  ASP A CG    1 
ATOM   441  O  OD1   . ASP A 1 57  ? -3.447  -2.975  6.758   1.00 17.15 ? 57  ASP A OD1   1 
ATOM   442  O  OD2   . ASP A 1 57  ? -3.751  -2.690  8.905   1.00 19.22 ? 57  ASP A OD2   1 
ATOM   443  N  N     . THR A 1 58  ? -6.100  -3.687  4.788   1.00 15.82 ? 58  THR A N     1 
ATOM   444  C  CA    . THR A 1 58  ? -6.792  -4.911  4.413   1.00 16.28 ? 58  THR A CA    1 
ATOM   445  C  C     . THR A 1 58  ? -6.048  -6.187  4.801   1.00 16.06 ? 58  THR A C     1 
ATOM   446  O  O     . THR A 1 58  ? -4.854  -6.170  5.106   1.00 18.65 ? 58  THR A O     1 
ATOM   447  C  CB    . THR A 1 58  ? -7.058  -4.960  2.887   1.00 17.46 ? 58  THR A CB    1 
ATOM   448  O  OG1   . THR A 1 58  ? -5.814  -5.127  2.185   1.00 17.19 ? 58  THR A OG1   1 
ATOM   449  C  CG2   . THR A 1 58  ? -7.745  -3.680  2.418   1.00 17.72 ? 58  THR A CG2   1 
ATOM   450  N  N     . ALA A 1 59  ? -6.759  -7.307  4.774   1.00 17.94 ? 59  ALA A N     1 
ATOM   451  C  CA    . ALA A 1 59  ? -6.151  -8.594  5.058   1.00 17.53 ? 59  ALA A CA    1 
ATOM   452  C  C     . ALA A 1 59  ? -5.310  -9.095  3.891   1.00 19.33 ? 59  ALA A C     1 
ATOM   453  O  O     . ALA A 1 59  ? -5.701  -8.972  2.731   1.00 20.86 ? 59  ALA A O     1 
ATOM   454  C  CB    . ALA A 1 59  ? -7.226  -9.611  5.385   1.00 20.62 ? 59  ALA A CB    1 
ATOM   455  N  N     . GLY A 1 60  ? -4.151  -9.651  4.206   1.00 18.73 ? 60  GLY A N     1 
ATOM   456  C  CA    . GLY A 1 60  ? -3.330  -10.315 3.214   1.00 17.69 ? 60  GLY A CA    1 
ATOM   457  C  C     . GLY A 1 60  ? -3.477  -11.824 3.300   1.00 27.54 ? 60  GLY A C     1 
ATOM   458  O  O     . GLY A 1 60  ? -3.265  -12.530 2.316   1.00 29.59 ? 60  GLY A O     1 
ATOM   459  N  N     . GLN A 1 61  ? -3.831  -12.322 4.477   1.00 27.17 ? 61  GLN A N     1 
ATOM   460  C  CA    . GLN A 1 61  ? -4.067  -13.752 4.638   1.00 32.39 ? 61  GLN A CA    1 
ATOM   461  C  C     . GLN A 1 61  ? -5.397  -14.130 3.992   1.00 32.96 ? 61  GLN A C     1 
ATOM   462  O  O     . GLN A 1 61  ? -6.439  -13.554 4.306   1.00 35.19 ? 61  GLN A O     1 
ATOM   463  C  CB    . GLN A 1 61  ? -4.051  -14.159 6.116   1.00 31.91 ? 61  GLN A CB    1 
ATOM   464  C  CG    . GLN A 1 61  ? -2.703  -13.973 6.811   1.00 28.92 ? 61  GLN A CG    1 
ATOM   465  C  CD    . GLN A 1 61  ? -1.637  -14.943 6.325   1.00 40.49 ? 61  GLN A CD    1 
ATOM   466  O  OE1   . GLN A 1 61  ? -1.931  -15.911 5.619   1.00 37.81 ? 61  GLN A OE1   1 
ATOM   467  N  NE2   . GLN A 1 61  ? -0.385  -14.683 6.703   1.00 33.32 ? 61  GLN A NE2   1 
ATOM   468  N  N     . GLU A 1 62  ? -5.345  -15.094 3.076   1.00 36.90 ? 62  GLU A N     1 
ATOM   469  C  CA    . GLU A 1 62  ? -6.532  -15.558 2.371   1.00 35.96 ? 62  GLU A CA    1 
ATOM   470  C  C     . GLU A 1 62  ? -7.672  -15.873 3.335   1.00 43.40 ? 62  GLU A C     1 
ATOM   471  O  O     . GLU A 1 62  ? -8.836  -15.570 3.060   1.00 45.06 ? 62  GLU A O     1 
ATOM   472  C  CB    . GLU A 1 62  ? -6.190  -16.800 1.539   1.00 20.00 ? 62  GLU A CB    1 
ATOM   473  N  N     . GLU A 1 63  ? -7.323  -16.472 4.470   1.00 44.24 ? 63  GLU A N     1 
ATOM   474  C  CA    . GLU A 1 63  ? -8.302  -16.871 5.476   1.00 41.33 ? 63  GLU A CA    1 
ATOM   475  C  C     . GLU A 1 63  ? -9.071  -15.692 6.067   1.00 46.52 ? 63  GLU A C     1 
ATOM   476  O  O     . GLU A 1 63  ? -10.246 -15.820 6.417   1.00 50.29 ? 63  GLU A O     1 
ATOM   477  C  CB    . GLU A 1 63  ? -7.607  -17.635 6.605   1.00 20.00 ? 63  GLU A CB    1 
ATOM   478  N  N     . TYR A 1 64  ? -8.402  -14.547 6.185   1.00 39.38 ? 64  TYR A N     1 
ATOM   479  C  CA    . TYR A 1 64  ? -8.995  -13.375 6.823   1.00 40.34 ? 64  TYR A CA    1 
ATOM   480  C  C     . TYR A 1 64  ? -9.607  -12.407 5.808   1.00 37.80 ? 64  TYR A C     1 
ATOM   481  O  O     . TYR A 1 64  ? -10.148 -11.366 6.184   1.00 37.23 ? 64  TYR A O     1 
ATOM   482  C  CB    . TYR A 1 64  ? -7.944  -12.633 7.659   1.00 37.05 ? 64  TYR A CB    1 
ATOM   483  C  CG    . TYR A 1 64  ? -7.360  -13.426 8.813   1.00 39.30 ? 64  TYR A CG    1 
ATOM   484  C  CD1   . TYR A 1 64  ? -6.356  -14.361 8.604   1.00 46.43 ? 64  TYR A CD1   1 
ATOM   485  C  CD2   . TYR A 1 64  ? -7.801  -13.222 10.113  1.00 48.57 ? 64  TYR A CD2   1 
ATOM   486  C  CE1   . TYR A 1 64  ? -5.817  -15.081 9.655   1.00 48.11 ? 64  TYR A CE1   1 
ATOM   487  C  CE2   . TYR A 1 64  ? -7.270  -13.938 11.172  1.00 50.81 ? 64  TYR A CE2   1 
ATOM   488  C  CZ    . TYR A 1 64  ? -6.278  -14.867 10.937  1.00 51.98 ? 64  TYR A CZ    1 
ATOM   489  O  OH    . TYR A 1 64  ? -5.743  -15.582 11.986  1.00 59.09 ? 64  TYR A OH    1 
ATOM   490  N  N     . SER A 1 65  ? -9.532  -12.760 4.527   1.00 38.28 ? 65  SER A N     1 
ATOM   491  C  CA    . SER A 1 65  ? -9.836  -11.814 3.450   1.00 39.45 ? 65  SER A CA    1 
ATOM   492  C  C     . SER A 1 65  ? -11.289 -11.804 2.987   1.00 44.27 ? 65  SER A C     1 
ATOM   493  O  O     . SER A 1 65  ? -11.583 -11.320 1.894   1.00 43.93 ? 65  SER A O     1 
ATOM   494  C  CB    . SER A 1 65  ? -8.939  -12.080 2.239   1.00 42.50 ? 65  SER A CB    1 
ATOM   495  O  OG    . SER A 1 65  ? -9.323  -13.276 1.579   1.00 48.46 ? 65  SER A OG    1 
ATOM   496  N  N     . ALA A 1 66  ? -12.191 -12.334 3.803   1.00 49.00 ? 66  ALA A N     1 
ATOM   497  C  CA    . ALA A 1 66  ? -13.609 -12.345 3.451   1.00 49.48 ? 66  ALA A CA    1 
ATOM   498  C  C     . ALA A 1 66  ? -14.119 -10.935 3.150   1.00 48.43 ? 66  ALA A C     1 
ATOM   499  O  O     . ALA A 1 66  ? -13.951 -10.020 3.955   1.00 49.79 ? 66  ALA A O     1 
ATOM   500  C  CB    . ALA A 1 66  ? -14.430 -12.986 4.565   1.00 44.89 ? 66  ALA A CB    1 
ATOM   501  N  N     . MET A 1 67  ? -14.729 -10.768 1.980   1.00 47.47 ? 67  MET A N     1 
ATOM   502  C  CA    . MET A 1 67  ? -15.343 -9.495  1.593   1.00 46.15 ? 67  MET A CA    1 
ATOM   503  C  C     . MET A 1 67  ? -14.359 -8.334  1.441   1.00 45.00 ? 67  MET A C     1 
ATOM   504  O  O     . MET A 1 67  ? -14.760 -7.169  1.515   1.00 42.51 ? 67  MET A O     1 
ATOM   505  C  CB    . MET A 1 67  ? -16.445 -9.093  2.580   1.00 47.66 ? 67  MET A CB    1 
ATOM   506  C  CG    . MET A 1 67  ? -17.699 -9.952  2.518   1.00 56.52 ? 67  MET A CG    1 
ATOM   507  S  SD    . MET A 1 67  ? -19.095 -9.163  3.346   1.00 74.79 ? 67  MET A SD    1 
ATOM   508  C  CE    . MET A 1 67  ? -18.410 -8.876  4.977   1.00 59.23 ? 67  MET A CE    1 
ATOM   509  N  N     . ARG A 1 68  ? -13.083 -8.640  1.234   1.00 44.64 ? 68  ARG A N     1 
ATOM   510  C  CA    . ARG A 1 68  ? -12.101 -7.586  1.012   1.00 37.99 ? 68  ARG A CA    1 
ATOM   511  C  C     . ARG A 1 68  ? -12.519 -6.739  -0.185  1.00 39.10 ? 68  ARG A C     1 
ATOM   512  O  O     . ARG A 1 68  ? -12.452 -5.512  -0.142  1.00 36.65 ? 68  ARG A O     1 
ATOM   513  C  CB    . ARG A 1 68  ? -10.700 -8.159  0.781   1.00 39.65 ? 68  ARG A CB    1 
ATOM   514  C  CG    . ARG A 1 68  ? -9.615  -7.086  0.699   1.00 37.08 ? 68  ARG A CG    1 
ATOM   515  C  CD    . ARG A 1 68  ? -8.382  -7.587  -0.038  1.00 39.65 ? 68  ARG A CD    1 
ATOM   516  N  NE    . ARG A 1 68  ? -7.808  -8.771  0.585   1.00 45.74 ? 68  ARG A NE    1 
ATOM   517  C  CZ    . ARG A 1 68  ? -7.192  -9.741  -0.085  1.00 39.11 ? 68  ARG A CZ    1 
ATOM   518  N  NH1   . ARG A 1 68  ? -7.075  -9.676  -1.406  1.00 43.22 ? 68  ARG A NH1   1 
ATOM   519  N  NH2   . ARG A 1 68  ? -6.695  -10.782 0.567   1.00 37.75 ? 68  ARG A NH2   1 
ATOM   520  N  N     . ASP A 1 69  ? -12.962 -7.403  -1.250  1.00 39.86 ? 69  ASP A N     1 
ATOM   521  C  CA    . ASP A 1 69  ? -13.395 -6.708  -2.460  1.00 35.35 ? 69  ASP A CA    1 
ATOM   522  C  C     . ASP A 1 69  ? -14.463 -5.662  -2.158  1.00 31.15 ? 69  ASP A C     1 
ATOM   523  O  O     . ASP A 1 69  ? -14.492 -4.596  -2.772  1.00 34.43 ? 69  ASP A O     1 
ATOM   524  C  CB    . ASP A 1 69  ? -13.909 -7.704  -3.509  1.00 20.00 ? 69  ASP A CB    1 
ATOM   525  N  N     . GLN A 1 70  ? -15.342 -5.970  -1.210  1.00 30.28 ? 70  GLN A N     1 
ATOM   526  C  CA    . GLN A 1 70  ? -16.417 -5.051  -0.858  1.00 34.52 ? 70  GLN A CA    1 
ATOM   527  C  C     . GLN A 1 70  ? -15.859 -3.791  -0.214  1.00 39.14 ? 70  GLN A C     1 
ATOM   528  O  O     . GLN A 1 70  ? -16.311 -2.682  -0.498  1.00 34.89 ? 70  GLN A O     1 
ATOM   529  C  CB    . GLN A 1 70  ? -17.410 -5.716  0.095   1.00 20.00 ? 70  GLN A CB    1 
ATOM   530  N  N     . TYR A 1 71  ? -14.879 -3.972  0.665   1.00 37.63 ? 71  TYR A N     1 
ATOM   531  C  CA    . TYR A 1 71  ? -14.246 -2.847  1.344   1.00 42.24 ? 71  TYR A CA    1 
ATOM   532  C  C     . TYR A 1 71  ? -13.459 -1.985  0.367   1.00 34.97 ? 71  TYR A C     1 
ATOM   533  O  O     . TYR A 1 71  ? -13.451 -0.757  0.471   1.00 41.61 ? 71  TYR A O     1 
ATOM   534  C  CB    . TYR A 1 71  ? -13.329 -3.348  2.459   1.00 37.21 ? 71  TYR A CB    1 
ATOM   535  C  CG    . TYR A 1 71  ? -14.069 -3.851  3.672   1.00 46.72 ? 71  TYR A CG    1 
ATOM   536  C  CD1   . TYR A 1 71  ? -14.675 -5.100  3.672   1.00 45.99 ? 71  TYR A CD1   1 
ATOM   537  C  CD2   . TYR A 1 71  ? -14.164 -3.076  4.822   1.00 49.58 ? 71  TYR A CD2   1 
ATOM   538  C  CE1   . TYR A 1 71  ? -15.357 -5.563  4.781   1.00 51.44 ? 71  TYR A CE1   1 
ATOM   539  C  CE2   . TYR A 1 71  ? -14.843 -3.530  5.936   1.00 49.29 ? 71  TYR A CE2   1 
ATOM   540  C  CZ    . TYR A 1 71  ? -15.438 -4.775  5.911   1.00 50.09 ? 71  TYR A CZ    1 
ATOM   541  O  OH    . TYR A 1 71  ? -16.117 -5.232  7.018   1.00 65.55 ? 71  TYR A OH    1 
ATOM   542  N  N     . MET A 1 72  ? -12.805 -2.634  -0.591  1.00 34.48 ? 72  MET A N     1 
ATOM   543  C  CA    . MET A 1 72  ? -11.922 -1.943  -1.525  1.00 34.32 ? 72  MET A CA    1 
ATOM   544  C  C     . MET A 1 72  ? -12.647 -1.047  -2.536  1.00 36.73 ? 72  MET A C     1 
ATOM   545  O  O     . MET A 1 72  ? -12.035 -0.153  -3.112  1.00 30.72 ? 72  MET A O     1 
ATOM   546  C  CB    . MET A 1 72  ? -11.045 -2.953  -2.268  1.00 31.71 ? 72  MET A CB    1 
ATOM   547  C  CG    . MET A 1 72  ? -10.080 -3.724  -1.375  1.00 37.32 ? 72  MET A CG    1 
ATOM   548  S  SD    . MET A 1 72  ? -9.258  -5.064  -2.252  1.00 47.87 ? 72  MET A SD    1 
ATOM   549  C  CE    . MET A 1 72  ? -8.453  -4.171  -3.576  1.00 43.04 ? 72  MET A CE    1 
ATOM   550  N  N     . ARG A 1 73  ? -13.939 -1.289  -2.748  1.00 34.14 ? 73  ARG A N     1 
ATOM   551  C  CA    . ARG A 1 73  ? -14.705 -0.594  -3.788  1.00 33.61 ? 73  ARG A CA    1 
ATOM   552  C  C     . ARG A 1 73  ? -14.632 0.928   -3.737  1.00 29.69 ? 73  ARG A C     1 
ATOM   553  O  O     . ARG A 1 73  ? -14.621 1.590   -4.776  1.00 29.69 ? 73  ARG A O     1 
ATOM   554  C  CB    . ARG A 1 73  ? -16.179 -1.019  -3.741  1.00 41.31 ? 73  ARG A CB    1 
ATOM   555  C  CG    . ARG A 1 73  ? -16.481 -2.340  -4.425  1.00 47.21 ? 73  ARG A CG    1 
ATOM   556  C  CD    . ARG A 1 73  ? -17.976 -2.643  -4.407  1.00 38.01 ? 73  ARG A CD    1 
ATOM   557  N  NE    . ARG A 1 73  ? -18.763 -1.587  -5.036  1.00 41.42 ? 73  ARG A NE    1 
ATOM   558  C  CZ    . ARG A 1 73  ? -18.995 -1.508  -6.344  1.00 42.55 ? 73  ARG A CZ    1 
ATOM   559  N  NH1   . ARG A 1 73  ? -18.483 -2.423  -7.159  1.00 44.32 ? 73  ARG A NH1   1 
ATOM   560  N  NH2   . ARG A 1 73  ? -19.732 -0.517  -6.839  1.00 43.22 ? 73  ARG A NH2   1 
ATOM   561  N  N     . THR A 1 74  ? -14.600 1.479   -2.528  1.00 29.46 ? 74  THR A N     1 
ATOM   562  C  CA    . THR A 1 74  ? -14.654 2.919   -2.332  1.00 30.64 ? 74  THR A CA    1 
ATOM   563  C  C     . THR A 1 74  ? -13.276 3.572   -2.422  1.00 27.50 ? 74  THR A C     1 
ATOM   564  O  O     . THR A 1 74  ? -13.160 4.796   -2.427  1.00 28.81 ? 74  THR A O     1 
ATOM   565  C  CB    . THR A 1 74  ? -15.277 3.257   -0.962  1.00 39.28 ? 74  THR A CB    1 
ATOM   566  O  OG1   . THR A 1 74  ? -15.463 4.673   -0.852  1.00 52.17 ? 74  THR A OG1   1 
ATOM   567  C  CG2   . THR A 1 74  ? -14.380 2.770   0.164   1.00 40.09 ? 74  THR A CG2   1 
ATOM   568  N  N     . GLY A 1 75  ? -12.233 2.752   -2.504  1.00 25.84 ? 75  GLY A N     1 
ATOM   569  C  CA    . GLY A 1 75  ? -10.882 3.280   -2.522  1.00 22.42 ? 75  GLY A CA    1 
ATOM   570  C  C     . GLY A 1 75  ? -10.598 4.167   -3.721  1.00 20.65 ? 75  GLY A C     1 
ATOM   571  O  O     . GLY A 1 75  ? -10.992 3.853   -4.846  1.00 23.25 ? 75  GLY A O     1 
ATOM   572  N  N     . GLU A 1 76  ? -9.897  5.268   -3.481  1.00 16.19 ? 76  GLU A N     1 
ATOM   573  C  CA    . GLU A 1 76  ? -9.504  6.181   -4.550  1.00 16.83 ? 76  GLU A CA    1 
ATOM   574  C  C     . GLU A 1 76  ? -8.092  5.918   -5.069  1.00 18.95 ? 76  GLU A C     1 
ATOM   575  O  O     . GLU A 1 76  ? -7.796  6.193   -6.227  1.00 19.16 ? 76  GLU A O     1 
ATOM   576  C  CB    . GLU A 1 76  ? -9.658  7.636   -4.106  1.00 18.38 ? 76  GLU A CB    1 
ATOM   577  C  CG    . GLU A 1 76  ? -11.119 8.018   -3.947  1.00 21.38 ? 76  GLU A CG    1 
ATOM   578  C  CD    . GLU A 1 76  ? -11.342 9.268   -3.124  1.00 30.48 ? 76  GLU A CD    1 
ATOM   579  O  OE1   . GLU A 1 76  ? -10.423 9.704   -2.403  1.00 25.20 ? 76  GLU A OE1   1 
ATOM   580  O  OE2   . GLU A 1 76  ? -12.460 9.819   -3.202  1.00 37.12 ? 76  GLU A OE2   1 
ATOM   581  N  N     . GLY A 1 77  ? -7.228  5.377   -4.213  1.00 16.67 ? 77  GLY A N     1 
ATOM   582  C  CA    . GLY A 1 77  ? -5.870  5.039   -4.619  1.00 15.59 ? 77  GLY A CA    1 
ATOM   583  C  C     . GLY A 1 77  ? -5.407  3.854   -3.790  1.00 13.17 ? 77  GLY A C     1 
ATOM   584  O  O     . GLY A 1 77  ? -5.884  3.662   -2.673  1.00 15.36 ? 77  GLY A O     1 
ATOM   585  N  N     . PHE A 1 78  ? -4.518  3.043   -4.351  1.00 12.94 ? 78  PHE A N     1 
ATOM   586  C  CA    . PHE A 1 78  ? -4.092  1.803   -3.695  1.00 13.78 ? 78  PHE A CA    1 
ATOM   587  C  C     . PHE A 1 78  ? -2.582  1.714   -3.553  1.00 14.26 ? 78  PHE A C     1 
ATOM   588  O  O     . PHE A 1 78  ? -1.858  1.945   -4.510  1.00 13.63 ? 78  PHE A O     1 
ATOM   589  C  CB    . PHE A 1 78  ? -4.613  0.589   -4.486  1.00 14.12 ? 78  PHE A CB    1 
ATOM   590  C  CG    . PHE A 1 78  ? -6.111  0.519   -4.521  1.00 14.44 ? 78  PHE A CG    1 
ATOM   591  C  CD1   . PHE A 1 78  ? -6.836  1.366   -5.346  1.00 18.35 ? 78  PHE A CD1   1 
ATOM   592  C  CD2   . PHE A 1 78  ? -6.792  -0.350  -3.698  1.00 16.54 ? 78  PHE A CD2   1 
ATOM   593  C  CE1   . PHE A 1 78  ? -8.222  1.328   -5.346  1.00 17.48 ? 78  PHE A CE1   1 
ATOM   594  C  CE2   . PHE A 1 78  ? -8.180  -0.386  -3.687  1.00 18.62 ? 78  PHE A CE2   1 
ATOM   595  C  CZ    . PHE A 1 78  ? -8.889  0.450   -4.513  1.00 16.95 ? 78  PHE A CZ    1 
ATOM   596  N  N     . LEU A 1 79  ? -2.120  1.364   -2.350  1.00 13.55 ? 79  LEU A N     1 
ATOM   597  C  CA    . LEU A 1 79  ? -0.721  1.032   -2.109  1.00 12.02 ? 79  LEU A CA    1 
ATOM   598  C  C     . LEU A 1 79  ? -0.614  -0.460  -2.284  1.00 14.04 ? 79  LEU A C     1 
ATOM   599  O  O     . LEU A 1 79  ? -1.230  -1.214  -1.521  1.00 15.97 ? 79  LEU A O     1 
ATOM   600  C  CB    . LEU A 1 79  ? -0.338  1.400   -0.673  1.00 17.07 ? 79  LEU A CB    1 
ATOM   601  C  CG    . LEU A 1 79  ? 0.963   2.144   -0.396  1.00 25.64 ? 79  LEU A CG    1 
ATOM   602  C  CD1   . LEU A 1 79  ? 1.055   3.442   -1.210  1.00 17.28 ? 79  LEU A CD1   1 
ATOM   603  C  CD2   . LEU A 1 79  ? 1.069   2.410   1.100   1.00 19.66 ? 79  LEU A CD2   1 
ATOM   604  N  N     . CYS A 1 80  ? 0.122   -0.899  -3.303  1.00 12.70 ? 80  CYS A N     1 
ATOM   605  C  CA    . CYS A 1 80  ? 0.325   -2.324  -3.514  1.00 12.46 ? 80  CYS A CA    1 
ATOM   606  C  C     . CYS A 1 80  ? 1.664   -2.704  -2.901  1.00 11.90 ? 80  CYS A C     1 
ATOM   607  O  O     . CYS A 1 80  ? 2.710   -2.347  -3.437  1.00 14.17 ? 80  CYS A O     1 
ATOM   608  C  CB    . CYS A 1 80  ? 0.353   -2.660  -4.994  1.00 13.52 ? 80  CYS A CB    1 
ATOM   609  S  SG    . CYS A 1 80  ? -1.216  -2.334  -5.837  1.00 19.32 ? 80  CYS A SG    1 
ATOM   610  N  N     . VAL A 1 81  ? 1.628   -3.429  -1.781  1.00 11.19 ? 81  VAL A N     1 
ATOM   611  C  CA    . VAL A 1 81  ? 2.826   -3.653  -0.978  1.00 11.78 ? 81  VAL A CA    1 
ATOM   612  C  C     . VAL A 1 81  ? 3.330   -5.083  -1.109  1.00 11.63 ? 81  VAL A C     1 
ATOM   613  O  O     . VAL A 1 81  ? 2.550   -6.044  -1.024  1.00 14.23 ? 81  VAL A O     1 
ATOM   614  C  CB    . VAL A 1 81  ? 2.547   -3.399  0.522   1.00 12.14 ? 81  VAL A CB    1 
ATOM   615  C  CG1   . VAL A 1 81  ? 3.845   -3.501  1.330   1.00 13.13 ? 81  VAL A CG1   1 
ATOM   616  C  CG2   . VAL A 1 81  ? 1.891   -2.036  0.735   1.00 13.44 ? 81  VAL A CG2   1 
ATOM   617  N  N     . PHE A 1 82  ? 4.628   -5.219  -1.348  1.00 12.45 ? 82  PHE A N     1 
ATOM   618  C  CA    . PHE A 1 82  ? 5.299   -6.516  -1.191  1.00 12.98 ? 82  PHE A CA    1 
ATOM   619  C  C     . PHE A 1 82  ? 6.480   -6.284  -0.254  1.00 13.59 ? 82  PHE A C     1 
ATOM   620  O  O     . PHE A 1 82  ? 6.771   -5.138  0.107   1.00 14.40 ? 82  PHE A O     1 
ATOM   621  C  CB    . PHE A 1 82  ? 5.751   -7.078  -2.555  1.00 13.31 ? 82  PHE A CB    1 
ATOM   622  C  CG    . PHE A 1 82  ? 6.872   -6.309  -3.176  1.00 11.45 ? 82  PHE A CG    1 
ATOM   623  C  CD1   . PHE A 1 82  ? 6.603   -5.169  -3.941  1.00 12.16 ? 82  PHE A CD1   1 
ATOM   624  C  CD2   . PHE A 1 82  ? 8.195   -6.695  -2.981  1.00 14.20 ? 82  PHE A CD2   1 
ATOM   625  C  CE1   . PHE A 1 82  ? 7.642   -4.429  -4.495  1.00 12.44 ? 82  PHE A CE1   1 
ATOM   626  C  CE2   . PHE A 1 82  ? 9.236   -5.955  -3.528  1.00 13.45 ? 82  PHE A CE2   1 
ATOM   627  C  CZ    . PHE A 1 82  ? 8.961   -4.821  -4.289  1.00 13.97 ? 82  PHE A CZ    1 
ATOM   628  N  N     . ALA A 1 83  ? 7.150   -7.354  0.167   1.00 11.91 ? 83  ALA A N     1 
ATOM   629  C  CA    . ALA A 1 83  ? 8.344   -7.219  1.008   1.00 11.88 ? 83  ALA A CA    1 
ATOM   630  C  C     . ALA A 1 83  ? 9.588   -7.630  0.216   1.00 13.42 ? 83  ALA A C     1 
ATOM   631  O  O     . ALA A 1 83  ? 9.549   -8.613  -0.528  1.00 14.35 ? 83  ALA A O     1 
ATOM   632  C  CB    . ALA A 1 83  ? 8.194   -8.037  2.284   1.00 14.99 ? 83  ALA A CB    1 
ATOM   633  N  N     . ILE A 1 84  ? 10.664  -6.860  0.351   1.00 13.22 ? 84  ILE A N     1 
ATOM   634  C  CA    . ILE A 1 84  ? 11.848  -7.072  -0.488  1.00 12.72 ? 84  ILE A CA    1 
ATOM   635  C  C     . ILE A 1 84  ? 12.580  -8.372  -0.166  1.00 16.90 ? 84  ILE A C     1 
ATOM   636  O  O     . ILE A 1 84  ? 13.431  -8.799  -0.943  1.00 16.44 ? 84  ILE A O     1 
ATOM   637  C  CB    . ILE A 1 84  ? 12.819  -5.870  -0.457  1.00 16.06 ? 84  ILE A CB    1 
ATOM   638  C  CG1   . ILE A 1 84  ? 13.307  -5.569  0.962   1.00 19.35 ? 84  ILE A CG1   1 
ATOM   639  C  CG2   . ILE A 1 84  ? 12.122  -4.632  -1.037  1.00 16.53 ? 84  ILE A CG2   1 
ATOM   640  C  CD1   . ILE A 1 84  ? 14.533  -6.353  1.397   1.00 22.36 ? 84  ILE A CD1   1 
ATOM   641  N  N     . ASN A 1 85  ? 12.239  -8.981  0.967   1.00 15.85 ? 85  ASN A N     1 
ATOM   642  C  CA    . ASN A 1 85  ? 12.762  -10.291 1.341   1.00 17.76 ? 85  ASN A CA    1 
ATOM   643  C  C     . ASN A 1 85  ? 11.728  -11.406 1.166   1.00 15.58 ? 85  ASN A C     1 
ATOM   644  O  O     . ASN A 1 85  ? 11.810  -12.451 1.813   1.00 17.01 ? 85  ASN A O     1 
ATOM   645  C  CB    . ASN A 1 85  ? 13.240  -10.270 2.796   1.00 17.99 ? 85  ASN A CB    1 
ATOM   646  C  CG    . ASN A 1 85  ? 12.100  -10.085 3.776   1.00 17.85 ? 85  ASN A CG    1 
ATOM   647  O  OD1   . ASN A 1 85  ? 11.028  -9.615  3.417   1.00 17.61 ? 85  ASN A OD1   1 
ATOM   648  N  ND2   . ASN A 1 85  ? 12.328  -10.469 5.031   1.00 23.96 ? 85  ASN A ND2   1 
ATOM   649  N  N     . ASN A 1 86  ? 10.748  -11.184 0.295   1.00 14.54 ? 86  ASN A N     1 
ATOM   650  C  CA    . ASN A 1 86  ? 9.688   -12.160 0.076   1.00 15.11 ? 86  ASN A CA    1 
ATOM   651  C  C     . ASN A 1 86  ? 9.334   -12.186 -1.396  1.00 16.57 ? 86  ASN A C     1 
ATOM   652  O  O     . ASN A 1 86  ? 8.462   -11.443 -1.861  1.00 14.72 ? 86  ASN A O     1 
ATOM   653  C  CB    . ASN A 1 86  ? 8.470   -11.797 0.939   1.00 14.82 ? 86  ASN A CB    1 
ATOM   654  C  CG    . ASN A 1 86  ? 7.327   -12.782 0.806   1.00 16.73 ? 86  ASN A CG    1 
ATOM   655  O  OD1   . ASN A 1 86  ? 7.255   -13.574 -0.132  1.00 31.24 ? 86  ASN A OD1   1 
ATOM   656  N  ND2   . ASN A 1 86  ? 6.400   -12.712 1.754   1.00 16.51 ? 86  ASN A ND2   1 
ATOM   657  N  N     . THR A 1 87  ? 10.044  -13.017 -2.151  1.00 13.41 ? 87  THR A N     1 
ATOM   658  C  CA    . THR A 1 87  ? 9.829   -13.085 -3.590  1.00 12.99 ? 87  THR A CA    1 
ATOM   659  C  C     . THR A 1 87  ? 8.386   -13.407 -3.981  1.00 15.44 ? 87  THR A C     1 
ATOM   660  O  O     . THR A 1 87  ? 7.847   -12.812 -4.909  1.00 17.23 ? 87  THR A O     1 
ATOM   661  C  CB    . THR A 1 87  ? 10.839  -14.070 -4.244  1.00 17.25 ? 87  THR A CB    1 
ATOM   662  O  OG1   . THR A 1 87  ? 12.116  -13.427 -4.346  1.00 22.97 ? 87  THR A OG1   1 
ATOM   663  C  CG2   . THR A 1 87  ? 10.382  -14.475 -5.632  1.00 18.96 ? 87  THR A CG2   1 
ATOM   664  N  N     . LYS A 1 88  ? 7.750   -14.323 -3.261  1.00 15.75 ? 88  LYS A N     1 
ATOM   665  C  CA    . LYS A 1 88  ? 6.370   -14.669 -3.541  1.00 17.33 ? 88  LYS A CA    1 
ATOM   666  C  C     . LYS A 1 88  ? 5.438   -13.450 -3.454  1.00 16.95 ? 88  LYS A C     1 
ATOM   667  O  O     . LYS A 1 88  ? 4.562   -13.285 -4.302  1.00 16.40 ? 88  LYS A O     1 
ATOM   668  C  CB    . LYS A 1 88  ? 5.895   -15.761 -2.584  1.00 22.14 ? 88  LYS A CB    1 
ATOM   669  C  CG    . LYS A 1 88  ? 4.531   -16.351 -2.927  1.00 28.68 ? 88  LYS A CG    1 
ATOM   670  C  CD    . LYS A 1 88  ? 4.573   -17.060 -4.280  1.00 32.78 ? 88  LYS A CD    1 
ATOM   671  C  CE    . LYS A 1 88  ? 3.874   -16.263 -5.375  1.00 42.06 ? 88  LYS A CE    1 
ATOM   672  N  NZ    . LYS A 1 88  ? 4.050   -16.875 -6.730  1.00 41.43 ? 88  LYS A NZ    1 
ATOM   673  N  N     . SER A 1 89  ? 5.646   -12.591 -2.452  1.00 16.77 ? 89  SER A N     1 
ATOM   674  C  CA    . SER A 1 89  ? 4.794   -11.406 -2.303  1.00 16.08 ? 89  SER A CA    1 
ATOM   675  C  C     . SER A 1 89  ? 4.912   -10.474 -3.512  1.00 14.98 ? 89  SER A C     1 
ATOM   676  O  O     . SER A 1 89  ? 3.952   -9.793  -3.881  1.00 14.68 ? 89  SER A O     1 
ATOM   677  C  CB    . SER A 1 89  ? 5.067   -10.652 -0.992  1.00 14.55 ? 89  SER A CB    1 
ATOM   678  O  OG    . SER A 1 89  ? 6.328   -9.998  -0.980  1.00 14.26 ? 89  SER A OG    1 
ATOM   679  N  N     . PHE A 1 90  ? 6.096   -10.432 -4.116  1.00 14.18 ? 90  PHE A N     1 
ATOM   680  C  CA    . PHE A 1 90  ? 6.311   -9.609  -5.301  1.00 13.20 ? 90  PHE A CA    1 
ATOM   681  C  C     . PHE A 1 90  ? 5.588   -10.240 -6.494  1.00 16.53 ? 90  PHE A C     1 
ATOM   682  O  O     . PHE A 1 90  ? 4.911   -9.561  -7.278  1.00 16.33 ? 90  PHE A O     1 
ATOM   683  C  CB    . PHE A 1 90  ? 7.823   -9.514  -5.557  1.00 13.33 ? 90  PHE A CB    1 
ATOM   684  C  CG    . PHE A 1 90  ? 8.200   -8.751  -6.804  1.00 15.10 ? 90  PHE A CG    1 
ATOM   685  C  CD1   . PHE A 1 90  ? 8.019   -7.372  -6.875  1.00 15.52 ? 90  PHE A CD1   1 
ATOM   686  C  CD2   . PHE A 1 90  ? 8.775   -9.406  -7.883  1.00 15.21 ? 90  PHE A CD2   1 
ATOM   687  C  CE1   . PHE A 1 90  ? 8.374   -6.670  -8.008  1.00 16.35 ? 90  PHE A CE1   1 
ATOM   688  C  CE2   . PHE A 1 90  ? 9.141   -8.706  -9.023  1.00 17.77 ? 90  PHE A CE2   1 
ATOM   689  C  CZ    . PHE A 1 90  ? 8.941   -7.334  -9.084  1.00 19.16 ? 90  PHE A CZ    1 
ATOM   690  N  N     . GLU A 1 91  ? 5.720   -11.552 -6.621  1.00 15.63 ? 91  GLU A N     1 
ATOM   691  C  CA    . GLU A 1 91  ? 5.048   -12.265 -7.698  1.00 17.68 ? 91  GLU A CA    1 
ATOM   692  C  C     . GLU A 1 91  ? 3.529   -12.140 -7.563  1.00 19.83 ? 91  GLU A C     1 
ATOM   693  O  O     . GLU A 1 91  ? 2.817   -12.168 -8.570  1.00 24.47 ? 91  GLU A O     1 
ATOM   694  C  CB    . GLU A 1 91  ? 5.483   -13.731 -7.716  1.00 17.13 ? 91  GLU A CB    1 
ATOM   695  C  CG    . GLU A 1 91  ? 6.972   -13.901 -8.002  1.00 17.13 ? 91  GLU A CG    1 
ATOM   696  C  CD    . GLU A 1 91  ? 7.479   -15.320 -7.835  1.00 16.58 ? 91  GLU A CD    1 
ATOM   697  O  OE1   . GLU A 1 91  ? 6.802   -16.162 -7.209  1.00 18.25 ? 91  GLU A OE1   1 
ATOM   698  O  OE2   . GLU A 1 91  ? 8.590   -15.582 -8.338  1.00 16.97 ? 91  GLU A OE2   1 
ATOM   699  N  N     . ASP A 1 92  ? 3.055   -11.991 -6.327  1.00 18.43 ? 92  ASP A N     1 
ATOM   700  C  CA    . ASP A 1 92  ? 1.628   -11.838 -6.031  1.00 16.93 ? 92  ASP A CA    1 
ATOM   701  C  C     . ASP A 1 92  ? 1.044   -10.486 -6.468  1.00 18.12 ? 92  ASP A C     1 
ATOM   702  O  O     . ASP A 1 92  ? -0.171  -10.345 -6.542  1.00 17.06 ? 92  ASP A O     1 
ATOM   703  C  CB    . ASP A 1 92  ? 1.366   -11.954 -4.518  1.00 19.62 ? 92  ASP A CB    1 
ATOM   704  C  CG    . ASP A 1 92  ? 1.528   -13.372 -3.969  1.00 25.56 ? 92  ASP A CG    1 
ATOM   705  O  OD1   . ASP A 1 92  ? 1.463   -14.356 -4.735  1.00 25.06 ? 92  ASP A OD1   1 
ATOM   706  O  OD2   . ASP A 1 92  ? 1.697   -13.493 -2.730  1.00 27.56 ? 92  ASP A OD2   1 
ATOM   707  N  N     . ILE A 1 93  ? 1.887   -9.481  -6.692  1.00 16.98 ? 93  ILE A N     1 
ATOM   708  C  CA    . ILE A 1 93  ? 1.378   -8.127  -6.951  1.00 15.98 ? 93  ILE A CA    1 
ATOM   709  C  C     . ILE A 1 93  ? 0.410   -8.075  -8.131  1.00 19.44 ? 93  ILE A C     1 
ATOM   710  O  O     . ILE A 1 93  ? -0.614  -7.405  -8.054  1.00 19.55 ? 93  ILE A O     1 
ATOM   711  C  CB    . ILE A 1 93  ? 2.536   -7.112  -7.171  1.00 14.81 ? 93  ILE A CB    1 
ATOM   712  C  CG1   . ILE A 1 93  ? 3.274   -6.880  -5.852  1.00 15.75 ? 93  ILE A CG1   1 
ATOM   713  C  CG2   . ILE A 1 93  ? 2.006   -5.784  -7.751  1.00 16.44 ? 93  ILE A CG2   1 
ATOM   714  C  CD1   . ILE A 1 93  ? 2.504   -6.022  -4.814  1.00 15.14 ? 93  ILE A CD1   1 
ATOM   715  N  N     . HIS A 1 94  ? 0.736   -8.798  -9.201  1.00 19.44 ? 94  HIS A N     1 
ATOM   716  C  CA    . HIS A 1 94  ? -0.099  -8.844  -10.397 1.00 22.94 ? 94  HIS A CA    1 
ATOM   717  C  C     . HIS A 1 94  ? -1.539  -9.180  -10.026 1.00 20.80 ? 94  HIS A C     1 
ATOM   718  O  O     . HIS A 1 94  ? -2.482  -8.579  -10.544 1.00 23.34 ? 94  HIS A O     1 
ATOM   719  C  CB    . HIS A 1 94  ? 0.447   -9.890  -11.376 1.00 27.47 ? 94  HIS A CB    1 
ATOM   720  C  CG    . HIS A 1 94  ? -0.327  -9.984  -12.656 1.00 34.07 ? 94  HIS A CG    1 
ATOM   721  N  ND1   . HIS A 1 94  ? -0.179  -9.076  -13.682 1.00 42.84 ? 94  HIS A ND1   1 
ATOM   722  C  CD2   . HIS A 1 94  ? -1.257  -10.875 -13.074 1.00 46.75 ? 94  HIS A CD2   1 
ATOM   723  C  CE1   . HIS A 1 94  ? -0.983  -9.405  -14.679 1.00 42.67 ? 94  HIS A CE1   1 
ATOM   724  N  NE2   . HIS A 1 94  ? -1.648  -10.492 -14.335 1.00 45.41 ? 94  HIS A NE2   1 
ATOM   725  N  N     . GLN A 1 95  ? -1.700  -10.142 -9.122  1.00 20.59 ? 95  GLN A N     1 
ATOM   726  C  CA    . GLN A 1 95  ? -3.020  -10.591 -8.688  1.00 22.67 ? 95  GLN A CA    1 
ATOM   727  C  C     . GLN A 1 95  ? -3.780  -9.518  -7.908  1.00 19.83 ? 95  GLN A C     1 
ATOM   728  O  O     . GLN A 1 95  ? -4.988  -9.331  -8.105  1.00 20.51 ? 95  GLN A O     1 
ATOM   729  C  CB    . GLN A 1 95  ? -2.920  -11.884 -7.868  1.00 24.28 ? 95  GLN A CB    1 
ATOM   730  C  CG    . GLN A 1 95  ? -2.746  -13.142 -8.716  1.00 32.58 ? 95  GLN A CG    1 
ATOM   731  C  CD    . GLN A 1 95  ? -1.314  -13.646 -8.765  1.00 44.36 ? 95  GLN A CD    1 
ATOM   732  O  OE1   . GLN A 1 95  ? -1.043  -14.802 -8.433  1.00 47.57 ? 95  GLN A OE1   1 
ATOM   733  N  NE2   . GLN A 1 95  ? -0.392  -12.786 -9.190  1.00 39.88 ? 95  GLN A NE2   1 
ATOM   734  N  N     . TYR A 1 96  ? -3.074  -8.804  -7.029  1.00 20.18 ? 96  TYR A N     1 
ATOM   735  C  CA    . TYR A 1 96  ? -3.683  -7.699  -6.296  1.00 19.41 ? 96  TYR A CA    1 
ATOM   736  C  C     . TYR A 1 96  ? -4.095  -6.566  -7.214  1.00 19.19 ? 96  TYR A C     1 
ATOM   737  O  O     . TYR A 1 96  ? -5.165  -5.980  -7.040  1.00 20.94 ? 96  TYR A O     1 
ATOM   738  C  CB    . TYR A 1 96  ? -2.755  -7.190  -5.173  1.00 16.58 ? 96  TYR A CB    1 
ATOM   739  C  CG    . TYR A 1 96  ? -2.671  -8.182  -4.049  1.00 16.16 ? 96  TYR A CG    1 
ATOM   740  C  CD1   . TYR A 1 96  ? -1.584  -9.048  -3.938  1.00 20.82 ? 96  TYR A CD1   1 
ATOM   741  C  CD2   . TYR A 1 96  ? -3.706  -8.305  -3.131  1.00 22.28 ? 96  TYR A CD2   1 
ATOM   742  C  CE1   . TYR A 1 96  ? -1.521  -9.981  -2.931  1.00 22.41 ? 96  TYR A CE1   1 
ATOM   743  C  CE2   . TYR A 1 96  ? -3.649  -9.242  -2.126  1.00 21.36 ? 96  TYR A CE2   1 
ATOM   744  C  CZ    . TYR A 1 96  ? -2.555  -10.076 -2.030  1.00 20.15 ? 96  TYR A CZ    1 
ATOM   745  O  OH    . TYR A 1 96  ? -2.497  -11.009 -1.021  1.00 25.59 ? 96  TYR A OH    1 
ATOM   746  N  N     A ARG A 1 97  ? -3.252  -6.243  -8.189  0.49 18.07 ? 97  ARG A N     1 
ATOM   747  N  N     B ARG A 1 97  ? -3.249  -6.252  -8.188  0.51 18.07 ? 97  ARG A N     1 
ATOM   748  C  CA    A ARG A 1 97  ? -3.605  -5.192  -9.136  0.49 19.49 ? 97  ARG A CA    1 
ATOM   749  C  CA    B ARG A 1 97  ? -3.577  -5.208  -9.150  0.51 19.49 ? 97  ARG A CA    1 
ATOM   750  C  C     A ARG A 1 97  ? -4.837  -5.583  -9.945  0.49 22.25 ? 97  ARG A C     1 
ATOM   751  C  C     B ARG A 1 97  ? -4.824  -5.585  -9.944  0.51 22.26 ? 97  ARG A C     1 
ATOM   752  O  O     A ARG A 1 97  ? -5.729  -4.768  -10.157 0.49 20.43 ? 97  ARG A O     1 
ATOM   753  O  O     B ARG A 1 97  ? -5.714  -4.762  -10.139 0.51 20.40 ? 97  ARG A O     1 
ATOM   754  C  CB    A ARG A 1 97  ? -2.441  -4.847  -10.068 0.49 21.35 ? 97  ARG A CB    1 
ATOM   755  C  CB    B ARG A 1 97  ? -2.404  -4.945  -10.094 0.51 21.29 ? 97  ARG A CB    1 
ATOM   756  C  CG    A ARG A 1 97  ? -2.819  -3.802  -11.114 0.49 26.28 ? 97  ARG A CG    1 
ATOM   757  C  CG    B ARG A 1 97  ? -2.663  -3.817  -11.081 0.51 26.52 ? 97  ARG A CG    1 
ATOM   758  C  CD    A ARG A 1 97  ? -1.621  -3.341  -11.928 0.49 29.47 ? 97  ARG A CD    1 
ATOM   759  C  CD    B ARG A 1 97  ? -1.414  -3.506  -11.884 0.51 29.20 ? 97  ARG A CD    1 
ATOM   760  N  NE    A ARG A 1 97  ? -2.017  -2.411  -12.983 0.49 29.04 ? 97  ARG A NE    1 
ATOM   761  N  NE    B ARG A 1 97  ? -1.619  -2.406  -12.823 0.51 29.43 ? 97  ARG A NE    1 
ATOM   762  C  CZ    A ARG A 1 97  ? -1.976  -1.086  -12.877 0.49 27.92 ? 97  ARG A CZ    1 
ATOM   763  C  CZ    B ARG A 1 97  ? -2.076  -2.562  -14.060 0.51 29.01 ? 97  ARG A CZ    1 
ATOM   764  N  NH1   A ARG A 1 97  ? -1.546  -0.514  -11.762 0.49 24.74 ? 97  ARG A NH1   1 
ATOM   765  N  NH1   B ARG A 1 97  ? -2.389  -3.772  -14.503 0.51 29.67 ? 97  ARG A NH1   1 
ATOM   766  N  NH2   A ARG A 1 97  ? -2.362  -0.330  -13.896 0.49 31.17 ? 97  ARG A NH2   1 
ATOM   767  N  NH2   B ARG A 1 97  ? -2.232  -1.509  -14.852 0.51 34.19 ? 97  ARG A NH2   1 
ATOM   768  N  N     . GLU A 1 98  ? -4.888  -6.835  -10.392 1.00 20.86 ? 98  GLU A N     1 
ATOM   769  C  CA    . GLU A 1 98  ? -6.046  -7.304  -11.152 1.00 20.36 ? 98  GLU A CA    1 
ATOM   770  C  C     . GLU A 1 98  ? -7.330  -7.254  -10.322 1.00 21.84 ? 98  GLU A C     1 
ATOM   771  O  O     . GLU A 1 98  ? -8.394  -6.898  -10.840 1.00 24.56 ? 98  GLU A O     1 
ATOM   772  C  CB    . GLU A 1 98  ? -5.799  -8.702  -11.728 1.00 25.95 ? 98  GLU A CB    1 
ATOM   773  C  CG    . GLU A 1 98  ? -4.929  -8.674  -12.968 1.00 35.41 ? 98  GLU A CG    1 
ATOM   774  C  CD    . GLU A 1 98  ? -5.414  -7.651  -13.983 1.00 44.60 ? 98  GLU A CD    1 
ATOM   775  O  OE1   . GLU A 1 98  ? -6.625  -7.655  -14.300 1.00 45.81 ? 98  GLU A OE1   1 
ATOM   776  O  OE2   . GLU A 1 98  ? -4.591  -6.833  -14.455 1.00 47.54 ? 98  GLU A OE2   1 
ATOM   777  N  N     . GLN A 1 99  ? -7.233  -7.588  -9.037  1.00 18.57 ? 99  GLN A N     1 
ATOM   778  C  CA    . GLN A 1 99  ? -8.386  -7.493  -8.146  1.00 21.37 ? 99  GLN A CA    1 
ATOM   779  C  C     . GLN A 1 99  ? -8.848  -6.049  -8.014  1.00 23.62 ? 99  GLN A C     1 
ATOM   780  O  O     . GLN A 1 99  ? -10.043 -5.767  -8.029  1.00 22.32 ? 99  GLN A O     1 
ATOM   781  C  CB    . GLN A 1 99  ? -8.088  -8.081  -6.762  1.00 24.56 ? 99  GLN A CB    1 
ATOM   782  C  CG    . GLN A 1 99  ? -9.249  -7.925  -5.794  1.00 33.56 ? 99  GLN A CG    1 
ATOM   783  C  CD    . GLN A 1 99  ? -8.978  -8.528  -4.432  1.00 46.11 ? 99  GLN A CD    1 
ATOM   784  O  OE1   . GLN A 1 99  ? -7.972  -8.223  -3.791  1.00 43.13 ? 99  GLN A OE1   1 
ATOM   785  N  NE2   . GLN A 1 99  ? -9.882  -9.391  -3.981  1.00 42.25 ? 99  GLN A NE2   1 
ATOM   786  N  N     . ILE A 1 100 ? -7.899  -5.125  -7.899  1.00 19.49 ? 100 ILE A N     1 
ATOM   787  C  CA    . ILE A 1 100 ? -8.237  -3.712  -7.819  1.00 18.22 ? 100 ILE A CA    1 
ATOM   788  C  C     . ILE A 1 100 ? -8.971  -3.265  -9.078  1.00 20.19 ? 100 ILE A C     1 
ATOM   789  O  O     . ILE A 1 100 ? -9.993  -2.583  -8.999  1.00 21.55 ? 100 ILE A O     1 
ATOM   790  C  CB    . ILE A 1 100 ? -6.968  -2.846  -7.631  1.00 18.76 ? 100 ILE A CB    1 
ATOM   791  C  CG1   . ILE A 1 100 ? -6.408  -3.043  -6.222  1.00 22.09 ? 100 ILE A CG1   1 
ATOM   792  C  CG2   . ILE A 1 100 ? -7.263  -1.376  -7.895  1.00 24.40 ? 100 ILE A CG2   1 
ATOM   793  C  CD1   . ILE A 1 100 ? -4.977  -2.611  -6.089  1.00 21.42 ? 100 ILE A CD1   1 
ATOM   794  N  N     A LYS A 1 101 ? -8.448  -3.660  -10.234 1.00 19.69 ? 101 LYS A N     1 
ATOM   795  N  N     B LYS A 1 101 ? -8.441  -3.642  -10.236 0.00 19.92 ? 101 LYS A N     1 
ATOM   796  C  CA    A LYS A 1 101 ? -9.054  -3.255  -11.503 1.00 20.12 ? 101 LYS A CA    1 
ATOM   797  C  CA    B LYS A 1 101 ? -9.054  -3.273  -11.505 0.00 20.32 ? 101 LYS A CA    1 
ATOM   798  C  C     A LYS A 1 101 ? -10.464 -3.827  -11.612 1.00 22.96 ? 101 LYS A C     1 
ATOM   799  C  C     B LYS A 1 101 ? -10.463 -3.833  -11.616 0.00 22.92 ? 101 LYS A C     1 
ATOM   800  O  O     A LYS A 1 101 ? -11.376 -3.154  -12.103 1.00 24.39 ? 101 LYS A O     1 
ATOM   801  O  O     B LYS A 1 101 ? -11.363 -3.174  -12.135 0.00 24.30 ? 101 LYS A O     1 
ATOM   802  C  CB    A LYS A 1 101 ? -8.174  -3.662  -12.696 1.00 21.48 ? 101 LYS A CB    1 
ATOM   803  C  CB    B LYS A 1 101 ? -8.209  -3.758  -12.678 0.00 21.66 ? 101 LYS A CB    1 
ATOM   804  C  CG    A LYS A 1 101 ? -6.907  -2.811  -12.832 1.00 24.23 ? 101 LYS A CG    1 
ATOM   805  C  CG    B LYS A 1 101 ? -6.900  -3.021  -12.834 0.00 24.48 ? 101 LYS A CG    1 
ATOM   806  C  CD    A LYS A 1 101 ? -6.062  -3.189  -14.043 1.00 30.02 ? 101 LYS A CD    1 
ATOM   807  C  CD    B LYS A 1 101 ? -6.276  -3.318  -14.178 0.00 29.32 ? 101 LYS A CD    1 
ATOM   808  C  CE    A LYS A 1 101 ? -4.869  -2.240  -14.185 1.00 30.83 ? 101 LYS A CE    1 
ATOM   809  C  CE    B LYS A 1 101 ? -5.076  -2.434  -14.421 0.00 30.48 ? 101 LYS A CE    1 
ATOM   810  N  NZ    A LYS A 1 101 ? -3.907  -2.672  -15.237 1.00 36.09 ? 101 LYS A NZ    1 
ATOM   811  N  NZ    B LYS A 1 101 ? -5.390  -0.992  -14.242 0.00 31.12 ? 101 LYS A NZ    1 
ATOM   812  N  N     . ARG A 1 102 ? -10.649 -5.055  -11.131 1.00 21.40 ? 102 ARG A N     1 
ATOM   813  C  CA    . ARG A 1 102 ? -11.975 -5.666  -11.133 1.00 24.66 ? 102 ARG A CA    1 
ATOM   814  C  C     . ARG A 1 102 ? -12.910 -4.877  -10.227 1.00 27.05 ? 102 ARG A C     1 
ATOM   815  O  O     . ARG A 1 102 ? -13.944 -4.410  -10.672 1.00 28.62 ? 102 ARG A O     1 
ATOM   816  C  CB    . ARG A 1 102 ? -11.926 -7.148  -10.752 1.00 28.24 ? 102 ARG A CB    1 
ATOM   817  C  CG    . ARG A 1 102 ? -11.388 -8.030  -11.860 1.00 35.79 ? 102 ARG A CG    1 
ATOM   818  C  CD    . ARG A 1 102 ? -11.660 -9.506  -11.599 1.00 44.28 ? 102 ARG A CD    1 
ATOM   819  N  NE    . ARG A 1 102 ? -10.495 -10.181 -11.038 1.00 49.20 ? 102 ARG A NE    1 
ATOM   820  C  CZ    . ARG A 1 102 ? -10.322 -10.423 -9.743  1.00 45.79 ? 102 ARG A CZ    1 
ATOM   821  N  NH1   . ARG A 1 102 ? -11.244 -10.053 -8.863  1.00 46.00 ? 102 ARG A NH1   1 
ATOM   822  N  NH2   . ARG A 1 102 ? -9.225  -11.039 -9.329  1.00 37.97 ? 102 ARG A NH2   1 
ATOM   823  N  N     . VAL A 1 103 ? -12.526 -4.682  -8.971  1.00 22.87 ? 103 VAL A N     1 
ATOM   824  C  CA    . VAL A 1 103 ? -13.357 -3.951  -8.020  1.00 23.41 ? 103 VAL A CA    1 
ATOM   825  C  C     . VAL A 1 103 ? -13.707 -2.526  -8.476  1.00 27.39 ? 103 VAL A C     1 
ATOM   826  O  O     . VAL A 1 103 ? -14.815 -2.044  -8.223  1.00 31.88 ? 103 VAL A O     1 
ATOM   827  C  CB    . VAL A 1 103 ? -12.690 -3.914  -6.628  1.00 30.80 ? 103 VAL A CB    1 
ATOM   828  C  CG1   . VAL A 1 103 ? -13.444 -2.998  -5.689  1.00 32.99 ? 103 VAL A CG1   1 
ATOM   829  C  CG2   . VAL A 1 103 ? -12.598 -5.319  -6.051  1.00 32.16 ? 103 VAL A CG2   1 
ATOM   830  N  N     . LYS A 1 104 ? -12.776 -1.862  -9.152  1.00 23.27 ? 104 LYS A N     1 
ATOM   831  C  CA    . LYS A 1 104 ? -12.989 -0.491  -9.615  1.00 22.34 ? 104 LYS A CA    1 
ATOM   832  C  C     . LYS A 1 104 ? -13.572 -0.417  -11.031 1.00 27.10 ? 104 LYS A C     1 
ATOM   833  O  O     . LYS A 1 104 ? -13.983 0.655   -11.482 1.00 26.96 ? 104 LYS A O     1 
ATOM   834  C  CB    . LYS A 1 104 ? -11.677 0.301   -9.569  1.00 21.52 ? 104 LYS A CB    1 
ATOM   835  C  CG    . LYS A 1 104 ? -11.080 0.450   -8.173  1.00 23.92 ? 104 LYS A CG    1 
ATOM   836  C  CD    . LYS A 1 104 ? -12.060 1.090   -7.194  1.00 26.03 ? 104 LYS A CD    1 
ATOM   837  C  CE    . LYS A 1 104 ? -12.270 2.571   -7.481  1.00 29.72 ? 104 LYS A CE    1 
ATOM   838  N  NZ    . LYS A 1 104 ? -13.177 3.213   -6.483  1.00 28.08 ? 104 LYS A NZ    1 
ATOM   839  N  N     . ASP A 1 105 ? -13.591 -1.552  -11.726 1.00 24.93 ? 105 ASP A N     1 
ATOM   840  C  CA    . ASP A 1 105 ? -14.058 -1.616  -13.113 1.00 23.29 ? 105 ASP A CA    1 
ATOM   841  C  C     . ASP A 1 105 ? -13.366 -0.604  -13.992 1.00 33.74 ? 105 ASP A C     1 
ATOM   842  O  O     . ASP A 1 105 ? -13.998 0.059   -14.814 1.00 28.38 ? 105 ASP A O     1 
ATOM   843  C  CB    . ASP A 1 105 ? -15.562 -1.404  -13.178 1.00 27.94 ? 105 ASP A CB    1 
ATOM   844  C  CG    . ASP A 1 105 ? -16.312 -2.581  -12.664 1.00 34.98 ? 105 ASP A CG    1 
ATOM   845  O  OD1   . ASP A 1 105 ? -16.681 -3.450  -13.482 1.00 53.48 ? 105 ASP A OD1   1 
ATOM   846  O  OD2   . ASP A 1 105 ? -16.514 -2.647  -11.438 1.00 32.60 ? 105 ASP A OD2   1 
ATOM   847  N  N     . SER A 1 106 ? -12.059 -0.493  -13.817 1.00 21.53 ? 106 SER A N     1 
ATOM   848  C  CA    . SER A 1 106 ? -11.275 0.476   -14.553 1.00 23.52 ? 106 SER A CA    1 
ATOM   849  C  C     . SER A 1 106 ? -9.847  -0.007  -14.671 1.00 25.40 ? 106 SER A C     1 
ATOM   850  O  O     . SER A 1 106 ? -9.343  -0.715  -13.791 1.00 26.12 ? 106 SER A O     1 
ATOM   851  C  CB    . SER A 1 106 ? -11.297 1.821   -13.832 1.00 27.87 ? 106 SER A CB    1 
ATOM   852  O  OG    . SER A 1 106 ? -10.494 2.763   -14.516 1.00 34.28 ? 106 SER A OG    1 
ATOM   853  N  N     . ASP A 1 107 ? -9.188  0.389   -15.753 1.00 26.34 ? 107 ASP A N     1 
ATOM   854  C  CA    . ASP A 1 107 ? -7.784  0.064   -15.944 1.00 32.23 ? 107 ASP A CA    1 
ATOM   855  C  C     . ASP A 1 107 ? -6.946  1.289   -15.604 1.00 33.01 ? 107 ASP A C     1 
ATOM   856  O  O     . ASP A 1 107 ? -5.735  1.298   -15.812 1.00 39.90 ? 107 ASP A O     1 
ATOM   857  C  CB    . ASP A 1 107 ? -7.522  -0.364  -17.386 1.00 38.55 ? 107 ASP A CB    1 
ATOM   858  C  CG    . ASP A 1 107 ? -7.483  0.808   -18.344 1.00 44.39 ? 107 ASP A CG    1 
ATOM   859  O  OD1   . ASP A 1 107 ? -8.145  1.831   -18.068 1.00 47.29 ? 107 ASP A OD1   1 
ATOM   860  O  OD2   . ASP A 1 107 ? -6.785  0.707   -19.377 1.00 61.84 ? 107 ASP A OD2   1 
ATOM   861  N  N     . ASP A 1 108 ? -7.610  2.322   -15.093 1.00 24.60 ? 108 ASP A N     1 
ATOM   862  C  CA    . ASP A 1 108 ? -6.962  3.588   -14.765 1.00 29.32 ? 108 ASP A CA    1 
ATOM   863  C  C     . ASP A 1 108 ? -7.211  3.917   -13.301 1.00 25.71 ? 108 ASP A C     1 
ATOM   864  O  O     . ASP A 1 108 ? -8.077  4.740   -12.977 1.00 28.34 ? 108 ASP A O     1 
ATOM   865  C  CB    . ASP A 1 108 ? -7.517  4.720   -15.632 1.00 32.40 ? 108 ASP A CB    1 
ATOM   866  C  CG    . ASP A 1 108 ? -6.705  5.996   -15.512 1.00 39.25 ? 108 ASP A CG    1 
ATOM   867  O  OD1   . ASP A 1 108 ? -7.293  7.092   -15.634 1.00 47.42 ? 108 ASP A OD1   1 
ATOM   868  O  OD2   . ASP A 1 108 ? -5.476  5.903   -15.302 1.00 43.63 ? 108 ASP A OD2   1 
ATOM   869  N  N     . VAL A 1 109 ? -6.466  3.265   -12.413 1.00 21.73 ? 109 VAL A N     1 
ATOM   870  C  CA    . VAL A 1 109 ? -6.668  3.460   -10.981 1.00 19.47 ? 109 VAL A CA    1 
ATOM   871  C  C     . VAL A 1 109 ? -5.360  3.922   -10.355 1.00 17.38 ? 109 VAL A C     1 
ATOM   872  O  O     . VAL A 1 109 ? -4.323  3.303   -10.584 1.00 18.68 ? 109 VAL A O     1 
ATOM   873  C  CB    . VAL A 1 109 ? -7.085  2.150   -10.294 1.00 18.93 ? 109 VAL A CB    1 
ATOM   874  C  CG1   . VAL A 1 109 ? -7.312  2.386   -8.808  1.00 18.31 ? 109 VAL A CG1   1 
ATOM   875  C  CG2   . VAL A 1 109 ? -8.337  1.563   -10.959 1.00 22.48 ? 109 VAL A CG2   1 
ATOM   876  N  N     . PRO A 1 110 ? -5.402  4.998   -9.556  1.00 15.47 ? 110 PRO A N     1 
ATOM   877  C  CA    . PRO A 1 110 ? -4.159  5.480   -8.941  1.00 14.21 ? 110 PRO A CA    1 
ATOM   878  C  C     . PRO A 1 110 ? -3.555  4.418   -8.030  1.00 13.70 ? 110 PRO A C     1 
ATOM   879  O  O     . PRO A 1 110 ? -4.257  3.853   -7.178  1.00 14.29 ? 110 PRO A O     1 
ATOM   880  C  CB    . PRO A 1 110 ? -4.622  6.674   -8.108  1.00 14.46 ? 110 PRO A CB    1 
ATOM   881  C  CG    . PRO A 1 110 ? -5.858  7.156   -8.783  1.00 15.90 ? 110 PRO A CG    1 
ATOM   882  C  CD    . PRO A 1 110 ? -6.533  5.908   -9.302  1.00 16.87 ? 110 PRO A CD    1 
ATOM   883  N  N     . MET A 1 111 ? -2.262  4.159   -8.214  1.00 14.90 ? 111 MET A N     1 
ATOM   884  C  CA    . MET A 1 111 ? -1.560  3.126   -7.467  1.00 15.08 ? 111 MET A CA    1 
ATOM   885  C  C     . MET A 1 111 ? -0.097  3.503   -7.285  1.00 12.73 ? 111 MET A C     1 
ATOM   886  O  O     . MET A 1 111 ? 0.479   4.242   -8.094  1.00 15.83 ? 111 MET A O     1 
ATOM   887  C  CB    . MET A 1 111 ? -1.631  1.788   -8.208  1.00 19.57 ? 111 MET A CB    1 
ATOM   888  C  CG    . MET A 1 111 ? -2.973  1.117   -8.174  1.00 22.34 ? 111 MET A CG    1 
ATOM   889  S  SD    . MET A 1 111 ? -2.800  -0.522  -8.918  1.00 25.93 ? 111 MET A SD    1 
ATOM   890  C  CE    . MET A 1 111 ? -1.052  -0.818  -8.684  1.00 43.03 ? 111 MET A CE    1 
ATOM   891  N  N     . VAL A 1 112 ? 0.503   2.976   -6.218  1.00 13.22 ? 112 VAL A N     1 
ATOM   892  C  CA    . VAL A 1 112 ? 1.938   3.068   -5.999  1.00 13.31 ? 112 VAL A CA    1 
ATOM   893  C  C     . VAL A 1 112 ? 2.421   1.671   -5.610  1.00 12.92 ? 112 VAL A C     1 
ATOM   894  O  O     . VAL A 1 112 ? 1.776   0.999   -4.803  1.00 12.99 ? 112 VAL A O     1 
ATOM   895  C  CB    . VAL A 1 112 ? 2.272   4.065   -4.874  1.00 13.79 ? 112 VAL A CB    1 
ATOM   896  C  CG1   . VAL A 1 112 ? 3.754   3.979   -4.487  1.00 13.66 ? 112 VAL A CG1   1 
ATOM   897  C  CG2   . VAL A 1 112 ? 1.902   5.490   -5.300  1.00 13.97 ? 112 VAL A CG2   1 
ATOM   898  N  N     . LEU A 1 113 ? 3.532   1.231   -6.200  1.00 11.49 ? 113 LEU A N     1 
ATOM   899  C  CA    . LEU A 1 113 ? 4.145   -0.040  -5.827  1.00 14.85 ? 113 LEU A CA    1 
ATOM   900  C  C     . LEU A 1 113 ? 5.124   0.206   -4.676  1.00 11.68 ? 113 LEU A C     1 
ATOM   901  O  O     . LEU A 1 113 ? 5.981   1.086   -4.760  1.00 12.28 ? 113 LEU A O     1 
ATOM   902  C  CB    . LEU A 1 113 ? 4.881   -0.653  -7.018  1.00 13.38 ? 113 LEU A CB    1 
ATOM   903  C  CG    . LEU A 1 113 ? 5.531   -2.007  -6.734  1.00 12.88 ? 113 LEU A CG    1 
ATOM   904  C  CD1   . LEU A 1 113 ? 4.423   -3.032  -6.466  1.00 13.51 ? 113 LEU A CD1   1 
ATOM   905  C  CD2   . LEU A 1 113 ? 6.403   -2.415  -7.921  1.00 16.71 ? 113 LEU A CD2   1 
ATOM   906  N  N     . VAL A 1 114 ? 4.989   -0.566  -3.599  1.00 11.21 ? 114 VAL A N     1 
ATOM   907  C  CA    . VAL A 1 114 ? 5.785   -0.368  -2.402  1.00 11.21 ? 114 VAL A CA    1 
ATOM   908  C  C     . VAL A 1 114 ? 6.564   -1.631  -2.039  1.00 13.77 ? 114 VAL A C     1 
ATOM   909  O  O     . VAL A 1 114 ? 5.971   -2.683  -1.820  1.00 13.97 ? 114 VAL A O     1 
ATOM   910  C  CB    . VAL A 1 114 ? 4.892   0.031   -1.210  1.00 10.04 ? 114 VAL A CB    1 
ATOM   911  C  CG1   . VAL A 1 114 ? 5.748   0.153   0.082   1.00 15.94 ? 114 VAL A CG1   1 
ATOM   912  C  CG2   . VAL A 1 114 ? 4.200   1.356   -1.491  1.00 15.51 ? 114 VAL A CG2   1 
ATOM   913  N  N     . GLY A 1 115 ? 7.886   -1.506  -1.981  1.00 11.71 ? 115 GLY A N     1 
ATOM   914  C  CA    . GLY A 1 115 ? 8.756   -2.580  -1.522  1.00 12.12 ? 115 GLY A CA    1 
ATOM   915  C  C     . GLY A 1 115 ? 9.150   -2.318  -0.074  1.00 13.33 ? 115 GLY A C     1 
ATOM   916  O  O     . GLY A 1 115 ? 9.969   -1.446  0.216   1.00 14.02 ? 115 GLY A O     1 
ATOM   917  N  N     . ASN A 1 116 ? 8.541   -3.062  0.845   1.00 12.76 ? 116 ASN A N     1 
ATOM   918  C  CA    . ASN A 1 116 ? 8.711   -2.798  2.275   1.00 12.12 ? 116 ASN A CA    1 
ATOM   919  C  C     . ASN A 1 116 ? 9.779   -3.695  2.908   1.00 14.24 ? 116 ASN A C     1 
ATOM   920  O  O     . ASN A 1 116 ? 10.250  -4.650  2.290   1.00 14.33 ? 116 ASN A O     1 
ATOM   921  C  CB    . ASN A 1 116 ? 7.360   -2.955  2.999   1.00 11.52 ? 116 ASN A CB    1 
ATOM   922  C  CG    . ASN A 1 116 ? 7.414   -2.531  4.466   1.00 12.17 ? 116 ASN A CG    1 
ATOM   923  O  OD1   . ASN A 1 116 ? 7.911   -1.461  4.802   1.00 15.20 ? 116 ASN A OD1   1 
ATOM   924  N  ND2   . ASN A 1 116 ? 6.859   -3.376  5.347   1.00 14.07 ? 116 ASN A ND2   1 
ATOM   925  N  N     . LYS A 1 117 ? 10.135  -3.378  4.152   1.00 12.26 ? 117 LYS A N     1 
ATOM   926  C  CA    . LYS A 1 117 ? 11.168  -4.094  4.912   1.00 13.57 ? 117 LYS A CA    1 
ATOM   927  C  C     . LYS A 1 117 ? 12.568  -3.838  4.360   1.00 16.01 ? 117 LYS A C     1 
ATOM   928  O  O     . LYS A 1 117 ? 13.427  -4.713  4.406   1.00 15.60 ? 117 LYS A O     1 
ATOM   929  C  CB    . LYS A 1 117 ? 10.877  -5.600  5.031   1.00 15.95 ? 117 LYS A CB    1 
ATOM   930  C  CG    . LYS A 1 117 ? 9.493   -5.904  5.574   1.00 15.48 ? 117 LYS A CG    1 
ATOM   931  C  CD    . LYS A 1 117 ? 9.382   -7.340  6.076   1.00 15.86 ? 117 LYS A CD    1 
ATOM   932  C  CE    . LYS A 1 117 ? 7.933   -7.684  6.370   1.00 14.02 ? 117 LYS A CE    1 
ATOM   933  N  NZ    . LYS A 1 117 ? 7.763   -9.069  6.935   1.00 17.93 ? 117 LYS A NZ    1 
ATOM   934  N  N     . CYS A 1 118 ? 12.799  -2.636  3.845   1.00 14.00 ? 118 CYS A N     1 
ATOM   935  C  CA    . CYS A 1 118 ? 14.088  -2.325  3.221   1.00 16.99 ? 118 CYS A CA    1 
ATOM   936  C  C     . CYS A 1 118 ? 15.241  -2.196  4.226   1.00 17.83 ? 118 CYS A C     1 
ATOM   937  O  O     . CYS A 1 118 ? 16.400  -2.054  3.833   1.00 20.37 ? 118 CYS A O     1 
ATOM   938  C  CB    . CYS A 1 118 ? 13.989  -1.094  2.306   1.00 19.86 ? 118 CYS A CB    1 
ATOM   939  S  SG    . CYS A 1 118 ? 13.809  0.482   3.172   1.00 19.75 ? 118 CYS A SG    1 
ATOM   940  N  N     . ASP A 1 119 ? 14.919  -2.270  5.517   1.00 17.35 ? 119 ASP A N     1 
ATOM   941  C  CA    . ASP A 1 119 ? 15.930  -2.317  6.573   1.00 19.30 ? 119 ASP A CA    1 
ATOM   942  C  C     . ASP A 1 119 ? 16.577  -3.700  6.686   1.00 22.00 ? 119 ASP A C     1 
ATOM   943  O  O     . ASP A 1 119 ? 17.612  -3.848  7.342   1.00 22.88 ? 119 ASP A O     1 
ATOM   944  C  CB    . ASP A 1 119 ? 15.305  -1.930  7.910   1.00 16.76 ? 119 ASP A CB    1 
ATOM   945  C  CG    . ASP A 1 119 ? 14.163  -2.845  8.290   1.00 22.48 ? 119 ASP A CG    1 
ATOM   946  O  OD1   . ASP A 1 119 ? 13.082  -2.732  7.658   1.00 18.65 ? 119 ASP A OD1   1 
ATOM   947  O  OD2   . ASP A 1 119 ? 14.349  -3.684  9.198   1.00 21.44 ? 119 ASP A OD2   1 
ATOM   948  N  N     . LEU A 1 120 ? 15.966  -4.709  6.065   1.00 18.13 ? 120 LEU A N     1 
ATOM   949  C  CA    . LEU A 1 120 ? 16.450  -6.092  6.147   1.00 20.22 ? 120 LEU A CA    1 
ATOM   950  C  C     . LEU A 1 120 ? 17.384  -6.431  4.988   1.00 21.46 ? 120 LEU A C     1 
ATOM   951  O  O     . LEU A 1 120 ? 17.227  -5.913  3.882   1.00 21.86 ? 120 LEU A O     1 
ATOM   952  C  CB    . LEU A 1 120 ? 15.279  -7.080  6.178   1.00 21.83 ? 120 LEU A CB    1 
ATOM   953  C  CG    . LEU A 1 120 ? 14.319  -6.982  7.366   1.00 22.25 ? 120 LEU A CG    1 
ATOM   954  C  CD1   . LEU A 1 120 ? 13.207  -8.021  7.243   1.00 27.66 ? 120 LEU A CD1   1 
ATOM   955  C  CD2   . LEU A 1 120 ? 15.050  -7.141  8.695   1.00 27.50 ? 120 LEU A CD2   1 
ATOM   956  N  N     . ALA A 1 121 ? 18.346  -7.322  5.232   1.00 24.59 ? 121 ALA A N     1 
ATOM   957  C  CA    . ALA A 1 121 ? 19.388  -7.594  4.238   1.00 21.82 ? 121 ALA A CA    1 
ATOM   958  C  C     . ALA A 1 121 ? 19.218  -8.871  3.413   1.00 23.58 ? 121 ALA A C     1 
ATOM   959  O  O     . ALA A 1 121 ? 19.993  -9.119  2.491   1.00 26.11 ? 121 ALA A O     1 
ATOM   960  C  CB    . ALA A 1 121 ? 20.770  -7.580  4.900   1.00 30.97 ? 121 ALA A CB    1 
ATOM   961  N  N     . ALA A 1 122 ? 18.218  -9.685  3.740   1.00 22.00 ? 122 ALA A N     1 
ATOM   962  C  CA    . ALA A 1 122 ? 17.940  -10.887 2.963   1.00 27.36 ? 122 ALA A CA    1 
ATOM   963  C  C     . ALA A 1 122 ? 17.093  -10.545 1.738   1.00 24.28 ? 122 ALA A C     1 
ATOM   964  O  O     . ALA A 1 122 ? 16.037  -11.145 1.489   1.00 20.39 ? 122 ALA A O     1 
ATOM   965  C  CB    . ALA A 1 122 ? 17.249  -11.931 3.823   1.00 28.59 ? 122 ALA A CB    1 
ATOM   966  N  N     . ARG A 1 123 ? 17.565  -9.564  0.980   1.00 21.91 ? 123 ARG A N     1 
ATOM   967  C  CA    . ARG A 1 123 ? 16.844  -9.090  -0.182  1.00 19.43 ? 123 ARG A CA    1 
ATOM   968  C  C     . ARG A 1 123 ? 16.836  -10.142 -1.284  1.00 23.35 ? 123 ARG A C     1 
ATOM   969  O  O     . ARG A 1 123 ? 17.880  -10.661 -1.671  1.00 24.45 ? 123 ARG A O     1 
ATOM   970  C  CB    . ARG A 1 123 ? 17.479  -7.800  -0.691  1.00 21.21 ? 123 ARG A CB    1 
ATOM   971  C  CG    . ARG A 1 123 ? 16.852  -7.281  -1.963  1.00 22.98 ? 123 ARG A CG    1 
ATOM   972  C  CD    . ARG A 1 123 ? 17.552  -6.014  -2.446  1.00 21.67 ? 123 ARG A CD    1 
ATOM   973  N  NE    . ARG A 1 123 ? 17.334  -4.868  -1.574  1.00 23.71 ? 123 ARG A NE    1 
ATOM   974  C  CZ    . ARG A 1 123 ? 16.407  -3.936  -1.782  1.00 19.03 ? 123 ARG A CZ    1 
ATOM   975  N  NH1   . ARG A 1 123 ? 16.304  -2.918  -0.944  1.00 20.98 ? 123 ARG A NH1   1 
ATOM   976  N  NH2   . ARG A 1 123 ? 15.584  -4.030  -2.820  1.00 18.82 ? 123 ARG A NH2   1 
ATOM   977  N  N     . THR A 1 124 ? 15.646  -10.466 -1.771  1.00 17.18 ? 124 THR A N     1 
ATOM   978  C  CA    . THR A 1 124 ? 15.508  -11.342 -2.927  1.00 16.07 ? 124 THR A CA    1 
ATOM   979  C  C     . THR A 1 124 ? 14.815  -10.634 -4.099  1.00 18.20 ? 124 THR A C     1 
ATOM   980  O  O     . THR A 1 124 ? 14.756  -11.171 -5.200  1.00 20.91 ? 124 THR A O     1 
ATOM   981  C  CB    . THR A 1 124 ? 14.750  -12.627 -2.574  1.00 17.11 ? 124 THR A CB    1 
ATOM   982  O  OG1   . THR A 1 124 ? 13.465  -12.294 -2.039  1.00 19.18 ? 124 THR A OG1   1 
ATOM   983  C  CG2   . THR A 1 124 ? 15.533  -13.459 -1.527  1.00 16.46 ? 124 THR A CG2   1 
ATOM   984  N  N     . VAL A 1 125 ? 14.286  -9.435  -3.850  1.00 19.11 ? 125 VAL A N     1 
ATOM   985  C  CA    . VAL A 1 125 ? 13.770  -8.593  -4.934  1.00 18.86 ? 125 VAL A CA    1 
ATOM   986  C  C     . VAL A 1 125 ? 14.663  -7.360  -5.062  1.00 15.66 ? 125 VAL A C     1 
ATOM   987  O  O     . VAL A 1 125 ? 14.729  -6.526  -4.152  1.00 19.68 ? 125 VAL A O     1 
ATOM   988  C  CB    . VAL A 1 125 ? 12.303  -8.152  -4.690  1.00 18.55 ? 125 VAL A CB    1 
ATOM   989  C  CG1   . VAL A 1 125 ? 11.771  -7.418  -5.915  1.00 17.75 ? 125 VAL A CG1   1 
ATOM   990  C  CG2   . VAL A 1 125 ? 11.409  -9.359  -4.379  1.00 18.96 ? 125 VAL A CG2   1 
ATOM   991  N  N     . GLU A 1 126 ? 15.377  -7.257  -6.181  1.00 22.59 ? 126 GLU A N     1 
ATOM   992  C  CA    . GLU A 1 126 ? 16.263  -6.114  -6.378  1.00 23.82 ? 126 GLU A CA    1 
ATOM   993  C  C     . GLU A 1 126 ? 15.455  -4.911  -6.863  1.00 18.52 ? 126 GLU A C     1 
ATOM   994  O  O     . GLU A 1 126 ? 14.433  -5.072  -7.534  1.00 20.73 ? 126 GLU A O     1 
ATOM   995  C  CB    . GLU A 1 126 ? 17.381  -6.451  -7.361  1.00 28.84 ? 126 GLU A CB    1 
ATOM   996  C  CG    . GLU A 1 126 ? 18.323  -7.551  -6.864  1.00 32.73 ? 126 GLU A CG    1 
ATOM   997  C  CD    . GLU A 1 126 ? 19.129  -7.130  -5.649  1.00 35.37 ? 126 GLU A CD    1 
ATOM   998  O  OE1   . GLU A 1 126 ? 19.487  -8.009  -4.832  1.00 39.48 ? 126 GLU A OE1   1 
ATOM   999  O  OE2   . GLU A 1 126 ? 19.414  -5.918  -5.511  1.00 44.76 ? 126 GLU A OE2   1 
ATOM   1000 N  N     . SER A 1 127 ? 15.915  -3.721  -6.489  1.00 24.13 ? 127 SER A N     1 
ATOM   1001 C  CA    . SER A 1 127 ? 15.258  -2.475  -6.864  1.00 19.30 ? 127 SER A CA    1 
ATOM   1002 C  C     . SER A 1 127 ? 14.896  -2.448  -8.346  1.00 23.57 ? 127 SER A C     1 
ATOM   1003 O  O     . SER A 1 127 ? 13.759  -2.140  -8.705  1.00 18.04 ? 127 SER A O     1 
ATOM   1004 C  CB    . SER A 1 127 ? 16.130  -1.271  -6.521  1.00 24.41 ? 127 SER A CB    1 
ATOM   1005 O  OG    . SER A 1 127 ? 15.427  -0.063  -6.797  1.00 22.99 ? 127 SER A OG    1 
ATOM   1006 N  N     . ARG A 1 128 ? 15.851  -2.777  -9.208  1.00 21.52 ? 128 ARG A N     1 
ATOM   1007 C  CA    . ARG A 1 128 ? 15.609  -2.719  -10.650 1.00 25.15 ? 128 ARG A CA    1 
ATOM   1008 C  C     . ARG A 1 128 ? 14.414  -3.568  -11.102 1.00 20.82 ? 128 ARG A C     1 
ATOM   1009 O  O     . ARG A 1 128 ? 13.643  -3.158  -11.975 1.00 21.56 ? 128 ARG A O     1 
ATOM   1010 C  CB    . ARG A 1 128 ? 16.868  -3.096  -11.437 1.00 29.49 ? 128 ARG A CB    1 
ATOM   1011 C  CG    . ARG A 1 128 ? 16.712  -2.924  -12.940 1.00 40.71 ? 128 ARG A CG    1 
ATOM   1012 C  CD    . ARG A 1 128 ? 16.326  -1.490  -13.285 1.00 41.48 ? 128 ARG A CD    1 
ATOM   1013 N  NE    . ARG A 1 128 ? 15.607  -1.410  -14.554 1.00 47.73 ? 128 ARG A NE    1 
ATOM   1014 C  CZ    . ARG A 1 128 ? 16.187  -1.200  -15.731 1.00 54.38 ? 128 ARG A CZ    1 
ATOM   1015 N  NH1   . ARG A 1 128 ? 17.503  -1.043  -15.807 1.00 60.20 ? 128 ARG A NH1   1 
ATOM   1016 N  NH2   . ARG A 1 128 ? 15.452  -1.141  -16.835 1.00 56.31 ? 128 ARG A NH2   1 
ATOM   1017 N  N     . GLN A 1 129 ? 14.245  -4.745  -10.499 1.00 21.34 ? 129 GLN A N     1 
ATOM   1018 C  CA    . GLN A 1 129 ? 13.135  -5.624  -10.845 1.00 19.38 ? 129 GLN A CA    1 
ATOM   1019 C  C     . GLN A 1 129 ? 11.790  -4.970  -10.538 1.00 16.03 ? 129 GLN A C     1 
ATOM   1020 O  O     . GLN A 1 129 ? 10.852  -5.053  -11.325 1.00 18.21 ? 129 GLN A O     1 
ATOM   1021 C  CB    . GLN A 1 129 ? 13.225  -6.955  -10.089 1.00 22.71 ? 129 GLN A CB    1 
ATOM   1022 C  CG    . GLN A 1 129 ? 14.456  -7.782  -10.416 1.00 32.47 ? 129 GLN A CG    1 
ATOM   1023 C  CD    . GLN A 1 129 ? 14.568  -9.024  -9.544  1.00 36.97 ? 129 GLN A CD    1 
ATOM   1024 O  OE1   . GLN A 1 129 ? 14.842  -8.936  -8.343  1.00 28.50 ? 129 GLN A OE1   1 
ATOM   1025 N  NE2   . GLN A 1 129 ? 14.361  -10.188 -10.147 1.00 37.99 ? 129 GLN A NE2   1 
ATOM   1026 N  N     . ALA A 1 130 ? 11.711  -4.341  -9.371  1.00 17.90 ? 130 ALA A N     1 
ATOM   1027 C  CA    . ALA A 1 130 ? 10.491  -3.692  -8.938  1.00 16.75 ? 130 ALA A CA    1 
ATOM   1028 C  C     . ALA A 1 130 ? 10.238  -2.416  -9.732  1.00 16.47 ? 130 ALA A C     1 
ATOM   1029 O  O     . ALA A 1 130 ? 9.088   -2.105  -10.065 1.00 16.39 ? 130 ALA A O     1 
ATOM   1030 C  CB    . ALA A 1 130 ? 10.563  -3.401  -7.427  1.00 16.23 ? 130 ALA A CB    1 
ATOM   1031 N  N     . GLN A 1 131 ? 11.312  -1.692  -10.048 1.00 16.75 ? 131 GLN A N     1 
ATOM   1032 C  CA    . GLN A 1 131 ? 11.197  -0.521  -10.921 1.00 15.15 ? 131 GLN A CA    1 
ATOM   1033 C  C     . GLN A 1 131 ? 10.587  -0.910  -12.263 1.00 18.03 ? 131 GLN A C     1 
ATOM   1034 O  O     . GLN A 1 131 ? 9.738   -0.187  -12.795 1.00 20.19 ? 131 GLN A O     1 
ATOM   1035 C  CB    . GLN A 1 131 ? 12.567  0.124   -11.149 1.00 15.24 ? 131 GLN A CB    1 
ATOM   1036 C  CG    . GLN A 1 131 ? 13.231  0.674   -9.889  1.00 16.80 ? 131 GLN A CG    1 
ATOM   1037 C  CD    . GLN A 1 131 ? 14.630  1.227   -10.165 1.00 21.61 ? 131 GLN A CD    1 
ATOM   1038 O  OE1   . GLN A 1 131 ? 15.516  1.201   -9.298  1.00 25.05 ? 131 GLN A OE1   1 
ATOM   1039 N  NE2   . GLN A 1 131 ? 14.831  1.723   -11.374 1.00 17.55 ? 131 GLN A NE2   1 
ATOM   1040 N  N     . ASP A 1 132 ? 11.032  -2.041  -12.809 1.00 17.71 ? 132 ASP A N     1 
ATOM   1041 C  CA    . ASP A 1 132 ? 10.531  -2.531  -14.091 1.00 17.68 ? 132 ASP A CA    1 
ATOM   1042 C  C     . ASP A 1 132 ? 9.042   -2.879  -14.033 1.00 16.81 ? 132 ASP A C     1 
ATOM   1043 O  O     . ASP A 1 132 ? 8.274   -2.550  -14.937 1.00 17.50 ? 132 ASP A O     1 
ATOM   1044 C  CB    . ASP A 1 132 ? 11.325  -3.760  -14.537 1.00 20.27 ? 132 ASP A CB    1 
ATOM   1045 C  CG    . ASP A 1 132 ? 12.726  -3.422  -15.018 1.00 31.24 ? 132 ASP A CG    1 
ATOM   1046 O  OD1   . ASP A 1 132 ? 13.050  -2.225  -15.161 1.00 32.70 ? 132 ASP A OD1   1 
ATOM   1047 O  OD2   . ASP A 1 132 ? 13.504  -4.368  -15.265 1.00 33.15 ? 132 ASP A OD2   1 
ATOM   1048 N  N     . LEU A 1 133 ? 8.632   -3.543  -12.959 1.00 17.49 ? 133 LEU A N     1 
ATOM   1049 C  CA    . LEU A 1 133 ? 7.229   -3.875  -12.780 1.00 17.10 ? 133 LEU A CA    1 
ATOM   1050 C  C     . LEU A 1 133 ? 6.389   -2.596  -12.696 1.00 16.70 ? 133 LEU A C     1 
ATOM   1051 O  O     . LEU A 1 133 ? 5.389   -2.458  -13.393 1.00 16.94 ? 133 LEU A O     1 
ATOM   1052 C  CB    . LEU A 1 133 ? 7.032   -4.741  -11.533 1.00 17.41 ? 133 LEU A CB    1 
ATOM   1053 C  CG    . LEU A 1 133 ? 5.574   -5.088  -11.228 1.00 16.42 ? 133 LEU A CG    1 
ATOM   1054 C  CD1   . LEU A 1 133 ? 4.913   -5.811  -12.384 1.00 17.01 ? 133 LEU A CD1   1 
ATOM   1055 C  CD2   . LEU A 1 133 ? 5.434   -5.895  -9.928  1.00 18.40 ? 133 LEU A CD2   1 
ATOM   1056 N  N     . ALA A 1 134 ? 6.798   -1.669  -11.836 1.00 15.27 ? 134 ALA A N     1 
ATOM   1057 C  CA    . ALA A 1 134 ? 6.112   -0.387  -11.710 1.00 14.70 ? 134 ALA A CA    1 
ATOM   1058 C  C     . ALA A 1 134 ? 6.015   0.343   -13.054 1.00 16.82 ? 134 ALA A C     1 
ATOM   1059 O  O     . ALA A 1 134 ? 4.961   0.873   -13.405 1.00 17.21 ? 134 ALA A O     1 
ATOM   1060 C  CB    . ALA A 1 134 ? 6.797   0.490   -10.650 1.00 16.97 ? 134 ALA A CB    1 
ATOM   1061 N  N     . ARG A 1 135 ? 7.110   0.341   -13.808 1.00 17.03 ? 135 ARG A N     1 
ATOM   1062 C  CA    . ARG A 1 135 ? 7.129   0.972   -15.129 1.00 16.88 ? 135 ARG A CA    1 
ATOM   1063 C  C     . ARG A 1 135 ? 6.084   0.363   -16.067 1.00 19.89 ? 135 ARG A C     1 
ATOM   1064 O  O     . ARG A 1 135 ? 5.408   1.084   -16.815 1.00 22.87 ? 135 ARG A O     1 
ATOM   1065 C  CB    . ARG A 1 135 ? 8.525   0.876   -15.747 1.00 18.71 ? 135 ARG A CB    1 
ATOM   1066 C  CG    . ARG A 1 135 ? 8.617   1.444   -17.157 1.00 22.09 ? 135 ARG A CG    1 
ATOM   1067 C  CD    . ARG A 1 135 ? 10.000  1.226   -17.756 1.00 28.05 ? 135 ARG A CD    1 
ATOM   1068 N  NE    . ARG A 1 135 ? 11.054  1.682   -16.858 1.00 41.53 ? 135 ARG A NE    1 
ATOM   1069 C  CZ    . ARG A 1 135 ? 11.925  0.875   -16.262 1.00 47.30 ? 135 ARG A CZ    1 
ATOM   1070 N  NH1   . ARG A 1 135 ? 11.875  -0.431  -16.486 1.00 45.53 ? 135 ARG A NH1   1 
ATOM   1071 N  NH2   . ARG A 1 135 ? 12.852  1.371   -15.450 1.00 44.88 ? 135 ARG A NH2   1 
ATOM   1072 N  N     . SER A 1 136 ? 5.945   -0.960  -16.021 1.00 19.63 ? 136 SER A N     1 
ATOM   1073 C  CA    . SER A 1 136 ? 4.957   -1.647  -16.846 1.00 19.71 ? 136 SER A CA    1 
ATOM   1074 C  C     . SER A 1 136 ? 3.526   -1.255  -16.473 1.00 22.96 ? 136 SER A C     1 
ATOM   1075 O  O     . SER A 1 136 ? 2.618   -1.315  -17.307 1.00 26.36 ? 136 SER A O     1 
ATOM   1076 C  CB    . SER A 1 136 ? 5.136   -3.166  -16.774 1.00 23.88 ? 136 SER A CB    1 
ATOM   1077 O  OG    . SER A 1 136 ? 4.519   -3.725  -15.619 1.00 26.12 ? 136 SER A OG    1 
ATOM   1078 N  N     . TYR A 1 137 ? 3.326   -0.860  -15.216 1.00 17.94 ? 137 TYR A N     1 
ATOM   1079 C  CA    . TYR A 1 137 ? 2.015   -0.453  -14.728 1.00 17.94 ? 137 TYR A CA    1 
ATOM   1080 C  C     . TYR A 1 137 ? 1.790   1.054   -14.872 1.00 19.37 ? 137 TYR A C     1 
ATOM   1081 O  O     . TYR A 1 137 ? 0.671   1.550   -14.668 1.00 22.47 ? 137 TYR A O     1 
ATOM   1082 C  CB    . TYR A 1 137 ? 1.850   -0.844  -13.251 1.00 21.04 ? 137 TYR A CB    1 
ATOM   1083 C  CG    . TYR A 1 137 ? 1.773   -2.333  -12.961 1.00 20.58 ? 137 TYR A CG    1 
ATOM   1084 C  CD1   . TYR A 1 137 ? 1.602   -3.265  -13.982 1.00 21.70 ? 137 TYR A CD1   1 
ATOM   1085 C  CD2   . TYR A 1 137 ? 1.872   -2.804  -11.655 1.00 24.16 ? 137 TYR A CD2   1 
ATOM   1086 C  CE1   . TYR A 1 137 ? 1.539   -4.630  -13.704 1.00 24.40 ? 137 TYR A CE1   1 
ATOM   1087 C  CE2   . TYR A 1 137 ? 1.804   -4.158  -11.370 1.00 22.51 ? 137 TYR A CE2   1 
ATOM   1088 C  CZ    . TYR A 1 137 ? 1.642   -5.066  -12.393 1.00 24.68 ? 137 TYR A CZ    1 
ATOM   1089 O  OH    . TYR A 1 137 ? 1.575   -6.409  -12.085 1.00 25.71 ? 137 TYR A OH    1 
ATOM   1090 N  N     . GLY A 1 138 ? 2.850   1.784   -15.204 1.00 18.25 ? 138 GLY A N     1 
ATOM   1091 C  CA    . GLY A 1 138 ? 2.792   3.235   -15.276 1.00 18.86 ? 138 GLY A CA    1 
ATOM   1092 C  C     . GLY A 1 138 ? 2.696   3.929   -13.922 1.00 19.39 ? 138 GLY A C     1 
ATOM   1093 O  O     . GLY A 1 138 ? 2.076   4.987   -13.791 1.00 19.09 ? 138 GLY A O     1 
ATOM   1094 N  N     . ILE A 1 139 ? 3.330   3.339   -12.911 1.00 17.02 ? 139 ILE A N     1 
ATOM   1095 C  CA    . ILE A 1 139 ? 3.247   3.869   -11.553 1.00 15.40 ? 139 ILE A CA    1 
ATOM   1096 C  C     . ILE A 1 139 ? 4.632   3.985   -10.918 1.00 15.24 ? 139 ILE A C     1 
ATOM   1097 O  O     . ILE A 1 139 ? 5.602   3.399   -11.398 1.00 14.80 ? 139 ILE A O     1 
ATOM   1098 C  CB    . ILE A 1 139 ? 2.347   2.973   -10.659 1.00 15.69 ? 139 ILE A CB    1 
ATOM   1099 C  CG1   . ILE A 1 139 ? 2.968   1.584   -10.451 1.00 16.07 ? 139 ILE A CG1   1 
ATOM   1100 C  CG2   . ILE A 1 139 ? 0.967   2.841   -11.265 1.00 19.28 ? 139 ILE A CG2   1 
ATOM   1101 C  CD1   . ILE A 1 139 ? 2.105   0.668   -9.564  1.00 16.66 ? 139 ILE A CD1   1 
ATOM   1102 N  N     . PRO A 1 140 ? 4.742   4.758   -9.833  1.00 13.52 ? 140 PRO A N     1 
ATOM   1103 C  CA    . PRO A 1 140 ? 6.018   4.854   -9.113  1.00 13.77 ? 140 PRO A CA    1 
ATOM   1104 C  C     . PRO A 1 140 ? 6.305   3.632   -8.260  1.00 14.14 ? 140 PRO A C     1 
ATOM   1105 O  O     . PRO A 1 140 ? 5.370   2.967   -7.798  1.00 13.99 ? 140 PRO A O     1 
ATOM   1106 C  CB    . PRO A 1 140 ? 5.810   6.051   -8.182  1.00 17.15 ? 140 PRO A CB    1 
ATOM   1107 C  CG    . PRO A 1 140 ? 4.535   6.723   -8.660  1.00 17.25 ? 140 PRO A CG    1 
ATOM   1108 C  CD    . PRO A 1 140 ? 3.723   5.679   -9.307  1.00 16.34 ? 140 PRO A CD    1 
ATOM   1109 N  N     . TYR A 1 141 ? 7.590   3.344   -8.078  1.00 12.53 ? 141 TYR A N     1 
ATOM   1110 C  CA    . TYR A 1 141 ? 8.046   2.371   -7.088  1.00 12.27 ? 141 TYR A CA    1 
ATOM   1111 C  C     . TYR A 1 141 ? 8.757   3.086   -5.962  1.00 14.69 ? 141 TYR A C     1 
ATOM   1112 O  O     . TYR A 1 141 ? 9.633   3.910   -6.196  1.00 14.23 ? 141 TYR A O     1 
ATOM   1113 C  CB    . TYR A 1 141 ? 9.020   1.376   -7.733  1.00 12.45 ? 141 TYR A CB    1 
ATOM   1114 C  CG    . TYR A 1 141 ? 9.664   0.429   -6.751  1.00 13.36 ? 141 TYR A CG    1 
ATOM   1115 C  CD1   . TYR A 1 141 ? 8.883   -0.386  -5.928  1.00 13.29 ? 141 TYR A CD1   1 
ATOM   1116 C  CD2   . TYR A 1 141 ? 11.053  0.343   -6.646  1.00 12.84 ? 141 TYR A CD2   1 
ATOM   1117 C  CE1   . TYR A 1 141 ? 9.465   -1.252  -5.024  1.00 13.02 ? 141 TYR A CE1   1 
ATOM   1118 C  CE2   . TYR A 1 141 ? 11.649  -0.529  -5.751  1.00 14.52 ? 141 TYR A CE2   1 
ATOM   1119 C  CZ    . TYR A 1 141 ? 10.846  -1.331  -4.948  1.00 14.56 ? 141 TYR A CZ    1 
ATOM   1120 O  OH    . TYR A 1 141 ? 11.429  -2.221  -4.066  1.00 13.56 ? 141 TYR A OH    1 
ATOM   1121 N  N     . ILE A 1 142 ? 8.387   2.759   -4.732  1.00 12.62 ? 142 ILE A N     1 
ATOM   1122 C  CA    . ILE A 1 142 ? 9.046   3.354   -3.579  1.00 13.94 ? 142 ILE A CA    1 
ATOM   1123 C  C     . ILE A 1 142 ? 9.364   2.275   -2.560  1.00 13.95 ? 142 ILE A C     1 
ATOM   1124 O  O     . ILE A 1 142 ? 8.516   1.435   -2.258  1.00 14.45 ? 142 ILE A O     1 
ATOM   1125 C  CB    . ILE A 1 142 ? 8.137   4.411   -2.918  1.00 14.48 ? 142 ILE A CB    1 
ATOM   1126 C  CG1   . ILE A 1 142 ? 7.833   5.541   -3.905  1.00 16.01 ? 142 ILE A CG1   1 
ATOM   1127 C  CG2   . ILE A 1 142 ? 8.802   4.968   -1.649  1.00 19.22 ? 142 ILE A CG2   1 
ATOM   1128 C  CD1   . ILE A 1 142 ? 6.786   6.534   -3.403  1.00 17.83 ? 142 ILE A CD1   1 
ATOM   1129 N  N     . GLU A 1 143 ? 10.579  2.302   -2.021  1.00 14.89 ? 143 GLU A N     1 
ATOM   1130 C  CA    . GLU A 1 143 ? 10.925  1.388   -0.933  1.00 13.72 ? 143 GLU A CA    1 
ATOM   1131 C  C     . GLU A 1 143 ? 10.703  2.008   0.437   1.00 17.39 ? 143 GLU A C     1 
ATOM   1132 O  O     . GLU A 1 143 ? 10.891  3.207   0.635   1.00 17.55 ? 143 GLU A O     1 
ATOM   1133 C  CB    . GLU A 1 143 ? 12.348  0.842   -1.085  1.00 14.70 ? 143 GLU A CB    1 
ATOM   1134 C  CG    . GLU A 1 143 ? 12.452  -0.133  -2.226  1.00 13.68 ? 143 GLU A CG    1 
ATOM   1135 C  CD    . GLU A 1 143 ? 13.740  -0.935  -2.231  1.00 15.54 ? 143 GLU A CD    1 
ATOM   1136 O  OE1   . GLU A 1 143 ? 14.644  -0.661  -1.393  1.00 19.82 ? 143 GLU A OE1   1 
ATOM   1137 O  OE2   . GLU A 1 143 ? 13.825  -1.851  -3.075  1.00 17.22 ? 143 GLU A OE2   1 
ATOM   1138 N  N     . THR A 1 144 ? 10.263  1.179   1.378   1.00 12.48 ? 144 THR A N     1 
ATOM   1139 C  CA    . THR A 1 144 ? 9.945   1.651   2.718   1.00 13.99 ? 144 THR A CA    1 
ATOM   1140 C  C     . THR A 1 144 ? 10.519  0.705   3.762   1.00 14.09 ? 144 THR A C     1 
ATOM   1141 O  O     . THR A 1 144 ? 10.808  -0.461  3.475   1.00 15.38 ? 144 THR A O     1 
ATOM   1142 C  CB    . THR A 1 144 ? 8.409   1.693   2.948   1.00 12.77 ? 144 THR A CB    1 
ATOM   1143 O  OG1   . THR A 1 144 ? 7.862   0.386   2.728   1.00 14.56 ? 144 THR A OG1   1 
ATOM   1144 C  CG2   . THR A 1 144 ? 7.730   2.682   1.984   1.00 14.70 ? 144 THR A CG2   1 
ATOM   1145 N  N     . SER A 1 145 ? 10.681  1.233   4.970   1.00 14.86 ? 145 SER A N     1 
ATOM   1146 C  CA    . SER A 1 145 ? 10.793  0.433   6.184   1.00 15.74 ? 145 SER A CA    1 
ATOM   1147 C  C     . SER A 1 145 ? 9.831   0.949   7.241   1.00 15.45 ? 145 SER A C     1 
ATOM   1148 O  O     . SER A 1 145 ? 9.971   2.071   7.712   1.00 15.94 ? 145 SER A O     1 
ATOM   1149 C  CB    . SER A 1 145 ? 12.215  0.470   6.740   1.00 15.76 ? 145 SER A CB    1 
ATOM   1150 O  OG    . SER A 1 145 ? 12.274  -0.167  8.014   1.00 16.49 ? 145 SER A OG    1 
ATOM   1151 N  N     . ALA A 1 146 ? 8.846   0.138   7.619   1.00 14.35 ? 146 ALA A N     1 
ATOM   1152 C  CA    . ALA A 1 146 ? 7.973   0.509   8.722   1.00 16.06 ? 146 ALA A CA    1 
ATOM   1153 C  C     . ALA A 1 146 ? 8.764   0.558   10.023  1.00 16.35 ? 146 ALA A C     1 
ATOM   1154 O  O     . ALA A 1 146 ? 8.367   1.240   10.953  1.00 20.10 ? 146 ALA A O     1 
ATOM   1155 C  CB    . ALA A 1 146 ? 6.809   -0.474  8.842   1.00 16.21 ? 146 ALA A CB    1 
ATOM   1156 N  N     . LYS A 1 147 ? 9.871   -0.177  10.080  1.00 16.70 ? 147 LYS A N     1 
ATOM   1157 C  CA    . LYS A 1 147 ? 10.701  -0.194  11.288  1.00 17.38 ? 147 LYS A CA    1 
ATOM   1158 C  C     . LYS A 1 147 ? 11.476  1.108   11.518  1.00 19.91 ? 147 LYS A C     1 
ATOM   1159 O  O     . LYS A 1 147 ? 11.471  1.648   12.627  1.00 20.36 ? 147 LYS A O     1 
ATOM   1160 C  CB    . LYS A 1 147 ? 11.650  -1.386  11.256  1.00 17.45 ? 147 LYS A CB    1 
ATOM   1161 C  CG    . LYS A 1 147 ? 12.364  -1.628  12.583  1.00 19.73 ? 147 LYS A CG    1 
ATOM   1162 C  CD    . LYS A 1 147 ? 13.388  -2.727  12.446  1.00 25.40 ? 147 LYS A CD    1 
ATOM   1163 C  CE    . LYS A 1 147 ? 14.187  -2.892  13.734  1.00 39.45 ? 147 LYS A CE    1 
ATOM   1164 N  NZ    . LYS A 1 147 ? 15.289  -3.886  13.583  1.00 41.73 ? 147 LYS A NZ    1 
ATOM   1165 N  N     . THR A 1 148 ? 12.126  1.626   10.479  1.00 18.44 ? 148 THR A N     1 
ATOM   1166 C  CA    . THR A 1 148 ? 12.924  2.851   10.626  1.00 19.66 ? 148 THR A CA    1 
ATOM   1167 C  C     . THR A 1 148 ? 12.179  4.117   10.224  1.00 20.67 ? 148 THR A C     1 
ATOM   1168 O  O     . THR A 1 148 ? 12.668  5.229   10.450  1.00 23.39 ? 148 THR A O     1 
ATOM   1169 C  CB    . THR A 1 148 ? 14.196  2.799   9.782   1.00 19.13 ? 148 THR A CB    1 
ATOM   1170 O  OG1   . THR A 1 148 ? 13.842  2.873   8.395   1.00 18.68 ? 148 THR A OG1   1 
ATOM   1171 C  CG2   . THR A 1 148 ? 14.964  1.519   10.052  1.00 18.99 ? 148 THR A CG2   1 
ATOM   1172 N  N     . ARG A 1 149 ? 11.007  3.930   9.623   1.00 18.23 ? 149 ARG A N     1 
ATOM   1173 C  CA    . ARG A 1 149 ? 10.185  5.001   9.051   1.00 18.58 ? 149 ARG A CA    1 
ATOM   1174 C  C     . ARG A 1 149 ? 10.684  5.499   7.678   1.00 18.11 ? 149 ARG A C     1 
ATOM   1175 O  O     . ARG A 1 149 ? 10.053  6.355   7.055   1.00 18.89 ? 149 ARG A O     1 
ATOM   1176 C  CB    . ARG A 1 149 ? 9.940   6.155   10.049  1.00 23.80 ? 149 ARG A CB    1 
ATOM   1177 C  CG    . ARG A 1 149 ? 8.520   6.722   9.956   1.00 33.38 ? 149 ARG A CG    1 
ATOM   1178 C  CD    . ARG A 1 149 ? 8.162   7.677   11.103  1.00 34.35 ? 149 ARG A CD    1 
ATOM   1179 N  NE    . ARG A 1 149 ? 6.727   7.975   11.108  1.00 32.01 ? 149 ARG A NE    1 
ATOM   1180 C  CZ    . ARG A 1 149 ? 6.174   8.989   10.451  1.00 33.54 ? 149 ARG A CZ    1 
ATOM   1181 N  NH1   . ARG A 1 149 ? 6.937   9.812   9.752   1.00 32.65 ? 149 ARG A NH1   1 
ATOM   1182 N  NH2   . ARG A 1 149 ? 4.861   9.189   10.502  1.00 37.69 ? 149 ARG A NH2   1 
ATOM   1183 N  N     . GLN A 1 150 ? 11.799  4.949   7.198   1.00 16.93 ? 150 GLN A N     1 
ATOM   1184 C  CA    . GLN A 1 150 ? 12.309  5.321   5.871   1.00 17.68 ? 150 GLN A CA    1 
ATOM   1185 C  C     . GLN A 1 150 ? 11.223  5.150   4.806   1.00 17.76 ? 150 GLN A C     1 
ATOM   1186 O  O     . GLN A 1 150 ? 10.645  4.086   4.686   1.00 17.07 ? 150 GLN A O     1 
ATOM   1187 C  CB    . GLN A 1 150 ? 13.539  4.482   5.485   1.00 23.85 ? 150 GLN A CB    1 
ATOM   1188 C  CG    . GLN A 1 150 ? 14.111  4.796   4.090   1.00 34.12 ? 150 GLN A CG    1 
ATOM   1189 C  CD    . GLN A 1 150 ? 15.028  3.699   3.535   1.00 40.29 ? 150 GLN A CD    1 
ATOM   1190 O  OE1   . GLN A 1 150 ? 15.614  2.910   4.282   1.00 37.69 ? 150 GLN A OE1   1 
ATOM   1191 N  NE2   . GLN A 1 150 ? 15.142  3.645   2.210   1.00 45.37 ? 150 GLN A NE2   1 
ATOM   1192 N  N     . GLY A 1 151 ? 10.934  6.216   4.064   1.00 17.81 ? 151 GLY A N     1 
ATOM   1193 C  CA    . GLY A 1 151 ? 10.038  6.134   2.921   1.00 16.26 ? 151 GLY A CA    1 
ATOM   1194 C  C     . GLY A 1 151 ? 8.546   6.088   3.214   1.00 14.25 ? 151 GLY A C     1 
ATOM   1195 O  O     . GLY A 1 151 ? 7.734   6.144   2.289   1.00 15.48 ? 151 GLY A O     1 
ATOM   1196 N  N     . VAL A 1 152 ? 8.174   5.991   4.484   1.00 15.59 ? 152 VAL A N     1 
ATOM   1197 C  CA    . VAL A 1 152 ? 6.761   5.790   4.827   1.00 14.04 ? 152 VAL A CA    1 
ATOM   1198 C  C     . VAL A 1 152 ? 5.870   6.961   4.421   1.00 14.92 ? 152 VAL A C     1 
ATOM   1199 O  O     . VAL A 1 152 ? 4.891   6.787   3.697   1.00 16.95 ? 152 VAL A O     1 
ATOM   1200 C  CB    . VAL A 1 152 ? 6.590   5.453   6.313   1.00 15.67 ? 152 VAL A CB    1 
ATOM   1201 C  CG1   . VAL A 1 152 ? 5.105   5.279   6.650   1.00 17.87 ? 152 VAL A CG1   1 
ATOM   1202 C  CG2   . VAL A 1 152 ? 7.388   4.199   6.647   1.00 16.82 ? 152 VAL A CG2   1 
ATOM   1203 N  N     . GLU A 1 153 ? 6.218   8.159   4.877   1.00 16.41 ? 153 GLU A N     1 
ATOM   1204 C  CA    . GLU A 1 153 ? 5.473   9.343   4.481   1.00 16.54 ? 153 GLU A CA    1 
ATOM   1205 C  C     . GLU A 1 153 ? 5.489   9.487   2.962   1.00 18.84 ? 153 GLU A C     1 
ATOM   1206 O  O     . GLU A 1 153 ? 4.455   9.762   2.349   1.00 17.43 ? 153 GLU A O     1 
ATOM   1207 C  CB    . GLU A 1 153 ? 6.026   10.598  5.158   1.00 19.81 ? 153 GLU A CB    1 
ATOM   1208 C  CG    . GLU A 1 153 ? 5.739   10.656  6.648   1.00 31.18 ? 153 GLU A CG    1 
ATOM   1209 C  CD    . GLU A 1 153 ? 5.938   12.047  7.234   1.00 41.08 ? 153 GLU A CD    1 
ATOM   1210 O  OE1   . GLU A 1 153 ? 6.300   12.140  8.426   1.00 41.80 ? 153 GLU A OE1   1 
ATOM   1211 O  OE2   . GLU A 1 153 ? 5.725   13.042  6.505   1.00 42.47 ? 153 GLU A OE2   1 
ATOM   1212 N  N     . ASP A 1 154 ? 6.657   9.266   2.359   1.00 17.12 ? 154 ASP A N     1 
ATOM   1213 C  CA    . ASP A 1 154 ? 6.822   9.418   0.919   1.00 17.42 ? 154 ASP A CA    1 
ATOM   1214 C  C     . ASP A 1 154 ? 5.865   8.481   0.183   1.00 16.93 ? 154 ASP A C     1 
ATOM   1215 O  O     . ASP A 1 154 ? 5.238   8.874   -0.792  1.00 16.60 ? 154 ASP A O     1 
ATOM   1216 C  CB    . ASP A 1 154 ? 8.275   9.122   0.529   1.00 22.10 ? 154 ASP A CB    1 
ATOM   1217 C  CG    . ASP A 1 154 ? 8.671   9.745   -0.790  1.00 37.20 ? 154 ASP A CG    1 
ATOM   1218 O  OD1   . ASP A 1 154 ? 9.893   9.837   -1.056  1.00 39.05 ? 154 ASP A OD1   1 
ATOM   1219 O  OD2   . ASP A 1 154 ? 7.770   10.160  -1.549  1.00 41.11 ? 154 ASP A OD2   1 
ATOM   1220 N  N     . ALA A 1 155 ? 5.733   7.248   0.657   1.00 15.74 ? 155 ALA A N     1 
ATOM   1221 C  CA    . ALA A 1 155 ? 4.865   6.284   -0.030  1.00 14.32 ? 155 ALA A CA    1 
ATOM   1222 C  C     . ALA A 1 155 ? 3.397   6.722   -0.009  1.00 14.67 ? 155 ALA A C     1 
ATOM   1223 O  O     . ALA A 1 155 ? 2.741   6.740   -1.049  1.00 12.96 ? 155 ALA A O     1 
ATOM   1224 C  CB    . ALA A 1 155 ? 5.025   4.876   0.559   1.00 16.90 ? 155 ALA A CB    1 
ATOM   1225 N  N     . PHE A 1 156 ? 2.890   7.068   1.168   1.00 14.91 ? 156 PHE A N     1 
ATOM   1226 C  CA    . PHE A 1 156 ? 1.498   7.492   1.287   1.00 14.37 ? 156 PHE A CA    1 
ATOM   1227 C  C     . PHE A 1 156 ? 1.232   8.825   0.598   1.00 15.83 ? 156 PHE A C     1 
ATOM   1228 O  O     . PHE A 1 156 ? 0.223   8.970   -0.085  1.00 13.88 ? 156 PHE A O     1 
ATOM   1229 C  CB    . PHE A 1 156 ? 1.055   7.535   2.743   1.00 14.89 ? 156 PHE A CB    1 
ATOM   1230 C  CG    . PHE A 1 156 ? 0.823   6.175   3.344   1.00 13.85 ? 156 PHE A CG    1 
ATOM   1231 C  CD1   . PHE A 1 156 ? -0.404  5.536   3.197   1.00 15.06 ? 156 PHE A CD1   1 
ATOM   1232 C  CD2   . PHE A 1 156 ? 1.819   5.550   4.076   1.00 16.66 ? 156 PHE A CD2   1 
ATOM   1233 C  CE1   . PHE A 1 156 ? -0.621  4.279   3.779   1.00 14.90 ? 156 PHE A CE1   1 
ATOM   1234 C  CE2   . PHE A 1 156 ? 1.610   4.298   4.651   1.00 15.26 ? 156 PHE A CE2   1 
ATOM   1235 C  CZ    . PHE A 1 156 ? 0.388   3.665   4.505   1.00 15.52 ? 156 PHE A CZ    1 
ATOM   1236 N  N     . TYR A 1 157 ? 2.139   9.786   0.751   1.00 15.40 ? 157 TYR A N     1 
ATOM   1237 C  CA    . TYR A 1 157 ? 1.934   11.094  0.120   1.00 16.39 ? 157 TYR A CA    1 
ATOM   1238 C  C     . TYR A 1 157 ? 2.059   11.011  -1.397  1.00 14.88 ? 157 TYR A C     1 
ATOM   1239 O  O     . TYR A 1 157 ? 1.355   11.712  -2.122  1.00 15.94 ? 157 TYR A O     1 
ATOM   1240 C  CB    . TYR A 1 157 ? 2.904   12.140  0.677   1.00 15.54 ? 157 TYR A CB    1 
ATOM   1241 C  CG    . TYR A 1 157 ? 2.583   12.592  2.083   1.00 17.54 ? 157 TYR A CG    1 
ATOM   1242 C  CD1   . TYR A 1 157 ? 1.670   11.908  2.870   1.00 19.42 ? 157 TYR A CD1   1 
ATOM   1243 C  CD2   . TYR A 1 157 ? 3.188   13.725  2.615   1.00 26.72 ? 157 TYR A CD2   1 
ATOM   1244 C  CE1   . TYR A 1 157 ? 1.376   12.326  4.157   1.00 28.15 ? 157 TYR A CE1   1 
ATOM   1245 C  CE2   . TYR A 1 157 ? 2.899   14.152  3.895   1.00 32.78 ? 157 TYR A CE2   1 
ATOM   1246 C  CZ    . TYR A 1 157 ? 1.996   13.448  4.661   1.00 31.74 ? 157 TYR A CZ    1 
ATOM   1247 O  OH    . TYR A 1 157 ? 1.709   13.878  5.938   1.00 38.11 ? 157 TYR A OH    1 
ATOM   1248 N  N     . THR A 1 158 ? 2.943   10.147  -1.885  1.00 14.70 ? 158 THR A N     1 
ATOM   1249 C  CA    . THR A 1 158 ? 3.041   9.914   -3.320  1.00 15.37 ? 158 THR A CA    1 
ATOM   1250 C  C     . THR A 1 158 ? 1.722   9.349   -3.857  1.00 14.27 ? 158 THR A C     1 
ATOM   1251 O  O     . THR A 1 158 ? 1.275   9.720   -4.938  1.00 15.14 ? 158 THR A O     1 
ATOM   1252 C  CB    . THR A 1 158 ? 4.214   8.976   -3.645  1.00 14.29 ? 158 THR A CB    1 
ATOM   1253 O  OG1   . THR A 1 158 ? 5.453   9.635   -3.314  1.00 15.07 ? 158 THR A OG1   1 
ATOM   1254 C  CG2   . THR A 1 158 ? 4.215   8.581   -5.120  1.00 16.23 ? 158 THR A CG2   1 
ATOM   1255 N  N     . LEU A 1 159 ? 1.084   8.467   -3.094  1.00 13.75 ? 159 LEU A N     1 
ATOM   1256 C  CA    . LEU A 1 159 ? -0.207  7.951   -3.524  1.00 12.87 ? 159 LEU A CA    1 
ATOM   1257 C  C     . LEU A 1 159 ? -1.241  9.081   -3.641  1.00 15.28 ? 159 LEU A C     1 
ATOM   1258 O  O     . LEU A 1 159 ? -2.000  9.118   -4.601  1.00 15.28 ? 159 LEU A O     1 
ATOM   1259 C  CB    . LEU A 1 159 ? -0.697  6.832   -2.608  1.00 13.94 ? 159 LEU A CB    1 
ATOM   1260 C  CG    . LEU A 1 159 ? -2.031  6.194   -3.009  1.00 13.29 ? 159 LEU A CG    1 
ATOM   1261 C  CD1   . LEU A 1 159 ? -2.019  5.617   -4.431  1.00 14.05 ? 159 LEU A CD1   1 
ATOM   1262 C  CD2   . LEU A 1 159 ? -2.434  5.147   -1.982  1.00 15.17 ? 159 LEU A CD2   1 
ATOM   1263 N  N     . VAL A 1 160 ? -1.268  9.989   -2.674  1.00 15.07 ? 160 VAL A N     1 
ATOM   1264 C  CA    . VAL A 1 160 ? -2.160  11.156  -2.766  1.00 15.07 ? 160 VAL A CA    1 
ATOM   1265 C  C     . VAL A 1 160 ? -1.837  11.966  -4.030  1.00 18.09 ? 160 VAL A C     1 
ATOM   1266 O  O     . VAL A 1 160 ? -2.742  12.376  -4.779  1.00 15.96 ? 160 VAL A O     1 
ATOM   1267 C  CB    . VAL A 1 160 ? -2.050  12.047  -1.519  1.00 16.23 ? 160 VAL A CB    1 
ATOM   1268 C  CG1   . VAL A 1 160 ? -2.797  13.385  -1.745  1.00 15.60 ? 160 VAL A CG1   1 
ATOM   1269 C  CG2   . VAL A 1 160 ? -2.590  11.320  -0.273  1.00 15.86 ? 160 VAL A CG2   1 
ATOM   1270 N  N     . ARG A 1 161 ? -0.552  12.166  -4.305  1.00 16.59 ? 161 ARG A N     1 
ATOM   1271 C  CA    . ARG A 1 161 ? -0.157  12.911  -5.499  1.00 16.20 ? 161 ARG A CA    1 
ATOM   1272 C  C     . ARG A 1 161 ? -0.541  12.200  -6.809  1.00 17.56 ? 161 ARG A C     1 
ATOM   1273 O  O     . ARG A 1 161 ? -0.761  12.847  -7.837  1.00 18.83 ? 161 ARG A O     1 
ATOM   1274 C  CB    . ARG A 1 161 ? 1.341   13.239  -5.460  1.00 16.22 ? 161 ARG A CB    1 
ATOM   1275 C  CG    . ARG A 1 161 ? 1.696   14.133  -4.276  1.00 17.34 ? 161 ARG A CG    1 
ATOM   1276 C  CD    . ARG A 1 161 ? 3.179   14.376  -4.152  1.00 21.46 ? 161 ARG A CD    1 
ATOM   1277 N  NE    . ARG A 1 161 ? 3.440   15.165  -2.953  1.00 18.26 ? 161 ARG A NE    1 
ATOM   1278 C  CZ    . ARG A 1 161 ? 4.273   14.810  -1.984  1.00 20.79 ? 161 ARG A CZ    1 
ATOM   1279 N  NH1   . ARG A 1 161 ? 4.973   13.689  -2.083  1.00 23.91 ? 161 ARG A NH1   1 
ATOM   1280 N  NH2   . ARG A 1 161 ? 4.430   15.607  -0.938  1.00 22.22 ? 161 ARG A NH2   1 
ATOM   1281 N  N     . GLU A 1 162 ? -0.640  10.869  -6.766  1.00 15.91 ? 162 GLU A N     1 
ATOM   1282 C  CA    . GLU A 1 162 ? -1.113  10.110  -7.911  1.00 16.92 ? 162 GLU A CA    1 
ATOM   1283 C  C     . GLU A 1 162 ? -2.630  10.255  -8.082  1.00 18.07 ? 162 GLU A C     1 
ATOM   1284 O  O     . GLU A 1 162 ? -3.130  10.386  -9.203  1.00 17.47 ? 162 GLU A O     1 
ATOM   1285 C  CB    . GLU A 1 162 ? -0.740  8.633   -7.761  1.00 17.44 ? 162 GLU A CB    1 
ATOM   1286 C  CG    . GLU A 1 162 ? 0.739   8.331   -7.928  1.00 18.40 ? 162 GLU A CG    1 
ATOM   1287 C  CD    . GLU A 1 162 ? 1.241   8.599   -9.336  1.00 18.49 ? 162 GLU A CD    1 
ATOM   1288 O  OE1   . GLU A 1 162 ? 0.642   8.062   -10.291 1.00 22.15 ? 162 GLU A OE1   1 
ATOM   1289 O  OE2   . GLU A 1 162 ? 2.238   9.331   -9.479  1.00 20.85 ? 162 GLU A OE2   1 
ATOM   1290 N  N     . ILE A 1 163 ? -3.361  10.224  -6.976  1.00 15.33 ? 163 ILE A N     1 
ATOM   1291 C  CA    . ILE A 1 163 ? -4.810  10.421  -7.033  1.00 16.81 ? 163 ILE A CA    1 
ATOM   1292 C  C     . ILE A 1 163 ? -5.096  11.788  -7.662  1.00 15.93 ? 163 ILE A C     1 
ATOM   1293 O  O     . ILE A 1 163 ? -6.010  11.932  -8.492  1.00 19.34 ? 163 ILE A O     1 
ATOM   1294 C  CB    . ILE A 1 163 ? -5.438  10.320  -5.640  1.00 16.40 ? 163 ILE A CB    1 
ATOM   1295 C  CG1   . ILE A 1 163 ? -5.377  8.868   -5.150  1.00 17.22 ? 163 ILE A CG1   1 
ATOM   1296 C  CG2   . ILE A 1 163 ? -6.883  10.810  -5.663  1.00 19.32 ? 163 ILE A CG2   1 
ATOM   1297 C  CD1   . ILE A 1 163 ? -5.676  8.721   -3.686  1.00 18.74 ? 163 ILE A CD1   1 
ATOM   1298 N  N     . ARG A 1 164 ? -4.283  12.780  -7.310  1.00 16.65 ? 164 ARG A N     1 
ATOM   1299 C  CA    . ARG A 1 164 ? -4.468  14.137  -7.843  1.00 15.56 ? 164 ARG A CA    1 
ATOM   1300 C  C     . ARG A 1 164 ? -4.200  14.285  -9.336  1.00 21.06 ? 164 ARG A C     1 
ATOM   1301 O  O     . ARG A 1 164 ? -4.596  15.285  -9.937  1.00 20.74 ? 164 ARG A O     1 
ATOM   1302 C  CB    . ARG A 1 164 ? -3.600  15.139  -7.077  1.00 16.18 ? 164 ARG A CB    1 
ATOM   1303 C  CG    . ARG A 1 164 ? -4.018  15.364  -5.640  1.00 15.81 ? 164 ARG A CG    1 
ATOM   1304 C  CD    . ARG A 1 164 ? -2.848  16.017  -4.921  1.00 17.27 ? 164 ARG A CD    1 
ATOM   1305 N  NE    . ARG A 1 164 ? -3.156  16.419  -3.558  1.00 16.07 ? 164 ARG A NE    1 
ATOM   1306 C  CZ    . ARG A 1 164 ? -2.247  16.898  -2.715  1.00 16.38 ? 164 ARG A CZ    1 
ATOM   1307 N  NH1   . ARG A 1 164 ? -0.986  17.040  -3.104  1.00 16.16 ? 164 ARG A NH1   1 
ATOM   1308 N  NH2   . ARG A 1 164 ? -2.596  17.240  -1.481  1.00 17.91 ? 164 ARG A NH2   1 
ATOM   1309 N  N     . GLN A 1 165 ? -3.520  13.314  -9.935  1.00 16.33 ? 165 GLN A N     1 
ATOM   1310 C  CA    . GLN A 1 165 ? -3.240  13.369  -11.364 1.00 18.85 ? 165 GLN A CA    1 
ATOM   1311 C  C     . GLN A 1 165 ? -4.326  12.679  -12.181 1.00 22.62 ? 165 GLN A C     1 
ATOM   1312 O  O     . GLN A 1 165 ? -4.320  12.745  -13.406 1.00 25.72 ? 165 GLN A O     1 
ATOM   1313 C  CB    . GLN A 1 165 ? -1.885  12.734  -11.669 1.00 20.64 ? 165 GLN A CB    1 
ATOM   1314 C  CG    . GLN A 1 165 ? -0.707  13.518  -11.121 1.00 19.48 ? 165 GLN A CG    1 
ATOM   1315 C  CD    . GLN A 1 165 ? 0.592   12.753  -11.241 1.00 23.49 ? 165 GLN A CD    1 
ATOM   1316 O  OE1   . GLN A 1 165 ? 1.206   12.380  -10.232 1.00 26.55 ? 165 GLN A OE1   1 
ATOM   1317 N  NE2   . GLN A 1 165 ? 1.024   12.513  -12.471 1.00 23.85 ? 165 GLN A NE2   1 
ATOM   1318 N  N     . HIS A 1 166 ? -5.252  12.004  -11.511 1.00 23.98 ? 166 HIS A N     1 
ATOM   1319 C  CA    . HIS A 1 166 ? -6.283  11.284  -12.252 1.00 27.51 ? 166 HIS A CA    1 
ATOM   1320 C  C     . HIS A 1 166 ? -7.539  12.127  -12.426 1.00 33.79 ? 166 HIS A C     1 
ATOM   1321 O  O     . HIS A 1 166 ? -7.725  13.138  -11.746 1.00 37.60 ? 166 HIS A O     1 
ATOM   1322 C  CB    . HIS A 1 166 ? -6.578  9.932   -11.609 1.00 32.79 ? 166 HIS A CB    1 
ATOM   1323 C  CG    . HIS A 1 166 ? -5.466  8.939   -11.771 1.00 34.14 ? 166 HIS A CG    1 
ATOM   1324 N  ND1   . HIS A 1 166 ? -5.642  7.711   -12.376 1.00 36.55 ? 166 HIS A ND1   1 
ATOM   1325 C  CD2   . HIS A 1 166 ? -4.157  9.003   -11.423 1.00 34.79 ? 166 HIS A CD2   1 
ATOM   1326 C  CE1   . HIS A 1 166 ? -4.493  7.057   -12.382 1.00 34.71 ? 166 HIS A CE1   1 
ATOM   1327 N  NE2   . HIS A 1 166 ? -3.576  7.818   -11.810 1.00 38.34 ? 166 HIS A NE2   1 
ATOM   1328 O  OXT   . HIS A 1 166 ? -8.380  11.821  -13.270 1.00 46.55 ? 166 HIS A OXT   1 
HETATM 1329 P  PG    . GNP B 2 .   ? -1.659  -9.209  7.344   1.00 15.55 ? 190 GNP A PG    1 
HETATM 1330 O  O1G   . GNP B 2 .   ? -1.818  -10.631 7.854   1.00 18.01 ? 190 GNP A O1G   1 
HETATM 1331 O  O2G   . GNP B 2 .   ? -2.549  -8.277  8.086   1.00 16.59 ? 190 GNP A O2G   1 
HETATM 1332 O  O3G   . GNP B 2 .   ? -1.892  -9.209  5.859   1.00 17.43 ? 190 GNP A O3G   1 
HETATM 1333 N  N3B   . GNP B 2 .   ? -0.122  -8.750  7.594   1.00 13.25 ? 190 GNP A N3B   1 
HETATM 1334 P  PB    . GNP B 2 .   ? 0.587   -7.309  7.346   1.00 15.34 ? 190 GNP A PB    1 
HETATM 1335 O  O1B   . GNP B 2 .   ? 0.950   -7.107  5.913   1.00 14.96 ? 190 GNP A O1B   1 
HETATM 1336 O  O2B   . GNP B 2 .   ? -0.236  -6.214  7.912   1.00 13.76 ? 190 GNP A O2B   1 
HETATM 1337 O  O3A   . GNP B 2 .   ? 1.935   -7.338  8.136   1.00 13.27 ? 190 GNP A O3A   1 
HETATM 1338 P  PA    . GNP B 2 .   ? 2.293   -6.691  9.518   1.00 14.73 ? 190 GNP A PA    1 
HETATM 1339 O  O1A   . GNP B 2 .   ? 2.324   -5.219  9.420   1.00 13.98 ? 190 GNP A O1A   1 
HETATM 1340 O  O2A   . GNP B 2 .   ? 1.471   -7.332  10.577  1.00 15.60 ? 190 GNP A O2A   1 
HETATM 1341 O  "O5'" . GNP B 2 .   ? 3.802   -7.122  9.717   1.00 14.53 ? 190 GNP A "O5'" 1 
HETATM 1342 C  "C5'" . GNP B 2 .   ? 4.139   -8.513  9.779   1.00 14.83 ? 190 GNP A "C5'" 1 
HETATM 1343 C  "C4'" . GNP B 2 .   ? 5.455   -8.663  10.507  1.00 15.54 ? 190 GNP A "C4'" 1 
HETATM 1344 O  "O4'" . GNP B 2 .   ? 6.497   -7.983  9.753   1.00 16.59 ? 190 GNP A "O4'" 1 
HETATM 1345 C  "C3'" . GNP B 2 .   ? 5.509   -8.067  11.917  1.00 16.72 ? 190 GNP A "C3'" 1 
HETATM 1346 O  "O3'" . GNP B 2 .   ? 6.297   -8.906  12.756  1.00 16.59 ? 190 GNP A "O3'" 1 
HETATM 1347 C  "C2'" . GNP B 2 .   ? 6.184   -6.711  11.699  1.00 13.08 ? 190 GNP A "C2'" 1 
HETATM 1348 O  "O2'" . GNP B 2 .   ? 6.911   -6.207  12.808  1.00 15.36 ? 190 GNP A "O2'" 1 
HETATM 1349 C  "C1'" . GNP B 2 .   ? 7.145   -7.024  10.559  1.00 15.33 ? 190 GNP A "C1'" 1 
HETATM 1350 N  N9    . GNP B 2 .   ? 7.462   -5.881  9.715   1.00 16.21 ? 190 GNP A N9    1 
HETATM 1351 C  C8    . GNP B 2 .   ? 6.560   -5.092  9.029   1.00 14.84 ? 190 GNP A C8    1 
HETATM 1352 N  N7    . GNP B 2 .   ? 7.134   -4.135  8.358   1.00 15.49 ? 190 GNP A N7    1 
HETATM 1353 C  C5    . GNP B 2 .   ? 8.488   -4.294  8.609   1.00 13.53 ? 190 GNP A C5    1 
HETATM 1354 C  C6    . GNP B 2 .   ? 9.599   -3.549  8.139   1.00 14.91 ? 190 GNP A C6    1 
HETATM 1355 O  O6    . GNP B 2 .   ? 9.598   -2.567  7.397   1.00 15.79 ? 190 GNP A O6    1 
HETATM 1356 N  N1    . GNP B 2 .   ? 10.808  -4.035  8.630   1.00 18.49 ? 190 GNP A N1    1 
HETATM 1357 C  C2    . GNP B 2 .   ? 10.924  -5.112  9.476   1.00 18.69 ? 190 GNP A C2    1 
HETATM 1358 N  N2    . GNP B 2 .   ? 12.173  -5.439  9.838   1.00 19.94 ? 190 GNP A N2    1 
HETATM 1359 N  N3    . GNP B 2 .   ? 9.892   -5.830  9.913   1.00 17.02 ? 190 GNP A N3    1 
HETATM 1360 C  C4    . GNP B 2 .   ? 8.710   -5.363  9.445   1.00 16.49 ? 190 GNP A C4    1 
HETATM 1361 CA CA    . CA  C 3 .   ? 6.813   -1.606  18.992  1.00 16.84 ? 193 CA  A CA    1 
HETATM 1362 MG MG    . MG  D 4 .   ? -2.187  -6.371  8.753   1.00 15.89 ? 192 MG  A MG    1 
HETATM 1363 CA CA    . CA  E 3 .   ? -16.066 -5.361  -11.366 0.36 25.76 ? 195 CA  A CA    1 
HETATM 1364 C  C1    . RSG F 5 .   ? 13.727  0.015   17.018  1.00 55.56 ? 204 RSG A C1    1 
HETATM 1365 O  O1    . RSG F 5 .   ? 11.537  0.557   16.489  1.00 52.25 ? 204 RSG A O1    1 
HETATM 1366 C  C2    . RSG F 5 .   ? 12.974  -1.305  16.901  1.00 49.47 ? 204 RSG A C2    1 
HETATM 1367 O  O2    . RSG F 5 .   ? 10.702  -1.306  17.642  1.00 43.28 ? 204 RSG A O2    1 
HETATM 1368 C  C3    . RSG F 5 .   ? 11.538  -0.891  16.534  1.00 47.66 ? 204 RSG A C3    1 
HETATM 1369 O  O3    . RSG F 5 .   ? 13.698  0.464   18.374  1.00 60.88 ? 204 RSG A O3    1 
HETATM 1370 C  C4    . RSG F 5 .   ? 12.879  0.941   16.156  1.00 56.91 ? 204 RSG A C4    1 
HETATM 1371 C  C5    . RSG F 5 .   ? 11.373  -2.426  18.239  1.00 41.32 ? 204 RSG A C5    1 
HETATM 1372 C  C6    . RSG F 5 .   ? 12.831  -1.988  18.257  1.00 52.01 ? 204 RSG A C6    1 
HETATM 1373 C  C1    . RSG G 5 .   ? 5.871   -14.594 8.832   1.00 52.29 ? 208 RSG A C1    1 
HETATM 1374 O  O1    . RSG G 5 .   ? 4.877   -12.603 8.185   1.00 51.57 ? 208 RSG A O1    1 
HETATM 1375 C  C2    . RSG G 5 .   ? 6.809   -13.481 9.283   1.00 46.48 ? 208 RSG A C2    1 
HETATM 1376 O  O2    . RSG G 5 .   ? 6.955   -11.569 7.856   1.00 37.53 ? 208 RSG A O2    1 
HETATM 1377 C  C3    . RSG G 5 .   ? 6.098   -12.186 8.847   1.00 43.03 ? 208 RSG A C3    1 
HETATM 1378 O  O3    . RSG G 5 .   ? 6.246   -15.038 7.526   1.00 63.40 ? 208 RSG A O3    1 
HETATM 1379 C  C4    . RSG G 5 .   ? 4.533   -13.872 8.761   1.00 52.93 ? 208 RSG A C4    1 
HETATM 1380 C  C5    . RSG G 5 .   ? 8.288   -12.005 8.167   1.00 46.78 ? 208 RSG A C5    1 
HETATM 1381 C  C6    . RSG G 5 .   ? 8.106   -13.484 8.479   1.00 48.45 ? 208 RSG A C6    1 
HETATM 1382 O  O     . HOH H 6 .   ? -1.206  -7.141  10.571  1.00 15.21 ? 301 HOH A O     1 
HETATM 1383 O  O     . HOH H 6 .   ? -4.621  -7.191  0.757   1.00 16.96 ? 302 HOH A O     1 
HETATM 1384 O  O     . HOH H 6 .   ? -3.043  -5.553  7.056   1.00 15.48 ? 303 HOH A O     1 
HETATM 1385 O  O     . HOH H 6 .   ? 1.013   -6.991  13.234  1.00 17.99 ? 304 HOH A O     1 
HETATM 1386 O  O     . HOH H 6 .   ? -4.506  -11.161 7.214   1.00 22.44 ? 305 HOH A O     1 
HETATM 1387 O  O     . HOH H 6 .   ? 2.159   -8.654  -1.946  1.00 14.63 ? 306 HOH A O     1 
HETATM 1388 O  O     . HOH H 6 .   ? 4.101   0.126   12.823  1.00 16.61 ? 307 HOH A O     1 
HETATM 1389 O  O     . HOH H 6 .   ? -0.910  -14.059 1.741   1.00 36.80 ? 308 HOH A O     1 
HETATM 1390 O  O     . HOH H 6 .   ? 8.794   -0.189  18.872  1.00 23.74 ? 309 HOH A O     1 
HETATM 1391 O  O     . HOH H 6 .   ? -4.493  -2.404  11.506  1.00 18.70 ? 310 HOH A O     1 
HETATM 1392 O  O     . HOH H 6 .   ? 0.103   17.152  -5.696  1.00 15.44 ? 311 HOH A O     1 
HETATM 1393 O  O     . HOH H 6 .   ? 8.491   2.442   17.671  1.00 24.54 ? 312 HOH A O     1 
HETATM 1394 O  O     . HOH H 6 .   ? 8.855   -10.675 4.780   1.00 20.50 ? 313 HOH A O     1 
HETATM 1395 O  O     . HOH H 6 .   ? 8.645   8.693   6.532   1.00 21.65 ? 314 HOH A O     1 
HETATM 1396 O  O     . HOH H 6 .   ? 5.909   12.210  -4.373  1.00 22.72 ? 315 HOH A O     1 
HETATM 1397 O  O     . HOH H 6 .   ? 0.124   15.611  -7.998  1.00 15.30 ? 316 HOH A O     1 
HETATM 1398 O  O     . HOH H 6 .   ? 18.437  -3.539  -5.075  1.00 27.31 ? 317 HOH A O     1 
HETATM 1399 O  O     . HOH H 6 .   ? 12.566  8.687   4.494   1.00 29.34 ? 318 HOH A O     1 
HETATM 1400 O  O     . HOH H 6 .   ? 1.131   -11.250 18.771  1.00 25.72 ? 319 HOH A O     1 
HETATM 1401 O  O     . HOH H 6 .   ? -0.721  5.856   -10.166 1.00 26.97 ? 320 HOH A O     1 
HETATM 1402 O  O     . HOH H 6 .   ? 9.251   9.203   3.724   1.00 20.56 ? 321 HOH A O     1 
HETATM 1403 O  O     . HOH H 6 .   ? -6.967  13.828  12.829  1.00 35.70 ? 322 HOH A O     1 
HETATM 1404 O  O     . HOH H 6 .   ? 15.900  1.043   0.256   1.00 33.00 ? 323 HOH A O     1 
HETATM 1405 O  O     . HOH H 6 .   ? 0.417   17.858  8.705   1.00 40.31 ? 324 HOH A O     1 
HETATM 1406 O  O     . HOH H 6 .   ? 8.080   -18.300 -6.304  1.00 21.92 ? 325 HOH A O     1 
HETATM 1407 O  O     . HOH H 6 .   ? -9.021  -6.513  12.005  1.00 31.99 ? 326 HOH A O     1 
HETATM 1408 O  O     . HOH H 6 .   ? 9.550   -7.448  13.639  1.00 28.52 ? 327 HOH A O     1 
HETATM 1409 O  O     . HOH H 6 .   ? -0.688  -5.685  17.118  1.00 23.59 ? 328 HOH A O     1 
HETATM 1410 O  O     . HOH H 6 .   ? 16.199  -4.006  11.100  1.00 30.52 ? 329 HOH A O     1 
HETATM 1411 O  O     . HOH H 6 .   ? -11.507 -9.278  5.176   1.00 38.18 ? 330 HOH A O     1 
HETATM 1412 O  O     . HOH H 6 .   ? 12.595  5.112   -0.117  1.00 24.46 ? 331 HOH A O     1 
HETATM 1413 O  O     . HOH H 6 .   ? 11.816  7.918   0.054   1.00 29.45 ? 332 HOH A O     1 
HETATM 1414 O  O     . HOH H 6 .   ? 9.580   -9.097  9.285   1.00 24.36 ? 333 HOH A O     1 
HETATM 1415 O  O     . HOH H 6 .   ? 12.850  -7.579  12.056  1.00 36.00 ? 334 HOH A O     1 
HETATM 1416 O  O     . HOH H 6 .   ? -5.229  5.860   14.969  1.00 26.43 ? 335 HOH A O     1 
HETATM 1417 O  O     . HOH H 6 .   ? 3.347   -9.500  -9.775  1.00 25.91 ? 336 HOH A O     1 
HETATM 1418 O  O     . HOH H 6 .   ? -11.185 -0.193  12.103  1.00 27.26 ? 337 HOH A O     1 
HETATM 1419 O  O     . HOH H 6 .   ? 13.038  -11.865 -6.861  1.00 32.75 ? 338 HOH A O     1 
HETATM 1420 O  O     . HOH H 6 .   ? 3.662   18.267  2.165   1.00 29.47 ? 339 HOH A O     1 
HETATM 1421 O  O     . HOH H 6 .   ? 5.506   3.869   -17.218 1.00 27.73 ? 340 HOH A O     1 
HETATM 1422 O  O     . HOH H 6 .   ? -5.351  -11.080 14.480  1.00 29.08 ? 341 HOH A O     1 
HETATM 1423 O  O     . HOH H 6 .   ? 16.832  -12.938 -5.841  1.00 30.66 ? 342 HOH A O     1 
HETATM 1424 O  O     . HOH H 6 .   ? -12.906 11.490  -1.449  1.00 35.53 ? 343 HOH A O     1 
HETATM 1425 O  O     . HOH H 6 .   ? 3.346   -12.104 -11.276 1.00 28.68 ? 344 HOH A O     1 
HETATM 1426 O  O     . HOH H 6 .   ? -4.571  -12.421 -0.007  1.00 39.48 ? 345 HOH A O     1 
HETATM 1427 O  O     . HOH H 6 .   ? 9.399   2.492   -12.451 1.00 31.04 ? 346 HOH A O     1 
HETATM 1428 O  O     . HOH H 6 .   ? 2.032   10.846  -13.956 1.00 23.31 ? 347 HOH A O     1 
HETATM 1429 O  O     . HOH H 6 .   ? -4.005  -6.368  12.494  1.00 20.75 ? 348 HOH A O     1 
HETATM 1430 O  O     . HOH H 6 .   ? 4.490   -11.959 16.708  1.00 25.84 ? 349 HOH A O     1 
HETATM 1431 O  O     . HOH H 6 .   ? -11.598 -2.856  12.587  1.00 25.74 ? 350 HOH A O     1 
HETATM 1432 O  O     . HOH H 6 .   ? 10.715  -10.540 7.475   1.00 25.95 ? 351 HOH A O     1 
HETATM 1433 O  O     . HOH H 6 .   ? -6.653  -6.115  13.088  1.00 25.65 ? 352 HOH A O     1 
HETATM 1434 O  O     . HOH H 6 .   ? -12.096 5.215   10.401  1.00 33.92 ? 353 HOH A O     1 
HETATM 1435 O  O     . HOH H 6 .   ? -10.500 4.649   12.689  1.00 29.80 ? 354 HOH A O     1 
HETATM 1436 O  O     . HOH H 6 .   ? -3.910  -11.982 16.463  1.00 30.18 ? 355 HOH A O     1 
HETATM 1437 O  O     . HOH H 6 .   ? -7.504  18.881  -4.335  1.00 39.74 ? 356 HOH A O     1 
HETATM 1438 O  O     . HOH H 6 .   ? 9.220   10.660  8.479   1.00 36.35 ? 357 HOH A O     1 
HETATM 1439 O  O     . HOH H 6 .   ? 20.556  -9.668  -0.341  1.00 30.08 ? 358 HOH A O     1 
HETATM 1440 O  O     . HOH H 6 .   ? 2.430   20.897  3.279   1.00 36.15 ? 359 HOH A O     1 
HETATM 1441 O  O     . HOH H 6 .   ? 6.954   8.989   -7.284  1.00 30.86 ? 360 HOH A O     1 
HETATM 1442 O  O     . HOH H 6 .   ? 18.715  -3.132  -8.523  1.00 32.30 ? 361 HOH A O     1 
HETATM 1443 O  O     . HOH H 6 .   ? 1.584   -15.031 -9.540  1.00 38.48 ? 362 HOH A O     1 
HETATM 1444 O  O     . HOH H 6 .   ? -6.758  -11.615 -8.817  1.00 39.85 ? 363 HOH A O     1 
HETATM 1445 O  O     . HOH H 6 .   ? 16.929  -10.398 -7.521  1.00 34.24 ? 364 HOH A O     1 
HETATM 1446 O  O     . HOH H 6 .   ? 10.085  -13.244 4.011   1.00 28.25 ? 366 HOH A O     1 
HETATM 1447 O  O     . HOH H 6 .   ? 2.558   10.882  -7.463  1.00 33.10 ? 367 HOH A O     1 
HETATM 1448 O  O     . HOH H 6 .   ? -6.358  10.222  13.756  1.00 34.57 ? 368 HOH A O     1 
HETATM 1449 O  O     . HOH H 6 .   ? 8.934   -2.221  -17.774 1.00 34.20 ? 369 HOH A O     1 
HETATM 1450 O  O     . HOH H 6 .   ? 10.090  -18.171 -3.948  0.90 28.41 ? 370 HOH A O     1 
HETATM 1451 O  O     . HOH H 6 .   ? -2.263  -6.705  -13.001 1.00 34.45 ? 371 HOH A O     1 
HETATM 1452 O  O     . HOH H 6 .   ? 12.861  -7.163  -14.848 1.00 38.88 ? 373 HOH A O     1 
HETATM 1453 O  O     . HOH H 6 .   ? 3.936   -14.507 0.546   1.00 33.32 ? 374 HOH A O     1 
HETATM 1454 O  O     . HOH H 6 .   ? 6.328   -10.934 3.746   1.00 29.35 ? 377 HOH A O     1 
HETATM 1455 O  O     . HOH H 6 .   ? -0.033  -2.951  17.691  0.43 24.36 ? 378 HOH A O     1 
HETATM 1456 O  O     . HOH H 6 .   ? 18.434  -5.097  1.517   1.00 29.23 ? 379 HOH A O     1 
HETATM 1457 O  O     . HOH H 6 .   ? 20.842  -6.497  1.138   1.00 35.40 ? 381 HOH A O     1 
HETATM 1458 O  O     . HOH H 6 .   ? -12.757 -5.788  10.920  1.00 38.87 ? 382 HOH A O     1 
HETATM 1459 O  O     . HOH H 6 .   ? 17.859  -2.145  1.552   1.00 29.32 ? 383 HOH A O     1 
HETATM 1460 O  O     . HOH H 6 .   ? -0.339  10.991  -14.926 1.00 42.80 ? 384 HOH A O     1 
HETATM 1461 O  O     . HOH H 6 .   ? 2.998   6.219   19.570  1.00 36.02 ? 386 HOH A O     1 
HETATM 1462 O  O     . HOH H 6 .   ? -0.932  0.285   17.540  1.00 26.95 ? 388 HOH A O     1 
HETATM 1463 O  O     . HOH H 6 .   ? 2.628   16.457  6.525   1.00 44.30 ? 389 HOH A O     1 
HETATM 1464 O  O     . HOH H 6 .   ? -6.409  23.496  2.325   1.00 37.26 ? 391 HOH A O     1 
HETATM 1465 O  O     . HOH H 6 .   ? -15.197 -7.817  -13.043 0.90 44.76 ? 393 HOH A O     1 
HETATM 1466 O  O     . HOH H 6 .   ? -2.150  2.492   -12.219 1.00 36.42 ? 394 HOH A O     1 
HETATM 1467 O  O     . HOH H 6 .   ? 11.098  -6.457  15.828  1.00 36.49 ? 395 HOH A O     1 
HETATM 1468 O  O     . HOH H 6 .   ? -17.152 -2.292  -9.270  0.50 19.74 ? 396 HOH A O     1 
HETATM 1469 O  O     . HOH H 6 .   ? -1.415  15.193  11.336  1.00 43.57 ? 397 HOH A O     1 
HETATM 1470 O  O     . HOH H 6 .   ? -3.506  0.115   15.949  0.90 29.24 ? 399 HOH A O     1 
HETATM 1471 O  O     . HOH H 6 .   ? -10.226 10.213  -7.261  1.00 43.91 ? 403 HOH A O     1 
HETATM 1472 O  O     . HOH H 6 .   ? 2.118   12.291  8.029   1.00 47.63 ? 405 HOH A O     1 
HETATM 1473 O  O     . HOH H 6 .   ? 4.983   -13.103 5.235   1.00 40.53 ? 406 HOH A O     1 
HETATM 1474 O  O     . HOH H 6 .   ? 4.995   10.185  -8.654  0.50 29.86 ? 407 HOH A O     1 
HETATM 1475 O  O     . HOH H 6 .   ? 5.323   7.209   19.297  1.00 39.38 ? 408 HOH A O     1 
HETATM 1476 O  O     . HOH H 6 .   ? 9.468   4.246   15.067  1.00 36.16 ? 409 HOH A O     1 
HETATM 1477 O  O     . HOH H 6 .   ? 17.900  0.674   6.911   1.00 42.15 ? 410 HOH A O     1 
HETATM 1478 O  O     . HOH H 6 .   ? -1.341  1.732   20.001  1.00 21.10 ? 412 HOH A O     1 
HETATM 1479 O  O     . HOH H 6 .   ? 15.599  1.747   6.589   1.00 38.85 ? 413 HOH A O     1 
HETATM 1480 O  O     . HOH H 6 .   ? 1.523   -12.924 17.002  1.00 36.85 ? 414 HOH A O     1 
HETATM 1481 O  O     . HOH H 6 .   ? -2.777  -16.201 2.086   1.00 40.36 ? 416 HOH A O     1 
HETATM 1482 O  O     . HOH H 6 .   ? -10.368 4.459   -11.001 1.00 43.32 ? 420 HOH A O     1 
HETATM 1483 O  O     . HOH H 6 .   ? -4.244  20.444  9.860   1.00 50.72 ? 421 HOH A O     1 
HETATM 1484 O  O     . HOH H 6 .   ? -4.494  -17.604 5.523   1.00 42.94 ? 424 HOH A O     1 
HETATM 1485 O  O     . HOH H 6 .   ? 8.768   -5.422  20.943  1.00 39.39 ? 427 HOH A O     1 
HETATM 1486 O  O     . HOH H 6 .   ? 7.094   -11.682 12.755  1.00 41.08 ? 428 HOH A O     1 
HETATM 1487 O  O     . HOH H 6 .   ? 18.874  0.071   0.795   1.00 41.73 ? 429 HOH A O     1 
HETATM 1488 O  O     . HOH H 6 .   ? 19.462  -8.250  7.586   1.00 30.32 ? 430 HOH A O     1 
HETATM 1489 O  O     . HOH H 6 .   ? -5.380  -12.110 -3.686  1.00 45.22 ? 431 HOH A O     1 
HETATM 1490 O  O     . HOH H 6 .   ? 2.696   -8.562  -14.113 1.00 26.25 ? 435 HOH A O     1 
HETATM 1491 O  O     . HOH H 6 .   ? 17.314  -12.580 -8.391  0.90 16.69 ? 438 HOH A O     1 
HETATM 1492 O  O     . HOH H 6 .   ? 19.311  -5.853  8.874   1.00 40.13 ? 441 HOH A O     1 
HETATM 1493 O  O     . HOH H 6 .   ? 0.600   -0.152  20.774  1.00 21.59 ? 444 HOH A O     1 
HETATM 1494 O  O     . HOH H 6 .   ? -13.162 11.423  12.230  1.00 49.30 ? 448 HOH A O     1 
HETATM 1495 O  O     . HOH H 6 .   ? 9.943   0.521   21.438  1.00 43.05 ? 449 HOH A O     1 
HETATM 1496 O  O     . HOH H 6 .   ? -10.341 4.160   2.549   1.00 39.35 ? 450 HOH A O     1 
HETATM 1497 O  O     . HOH H 6 .   ? -10.790 1.726   -18.123 1.00 47.39 ? 459 HOH A O     1 
HETATM 1498 O  O     . HOH H 6 .   ? 15.652  -10.837 5.970   1.00 35.60 ? 462 HOH A O     1 
HETATM 1499 O  O     . HOH H 6 .   ? -13.727 -2.026  9.536   1.00 44.03 ? 469 HOH A O     1 
HETATM 1500 O  O     . HOH H 6 .   ? -13.280 15.397  -0.332  1.00 42.19 ? 473 HOH A O     1 
HETATM 1501 O  O     . HOH H 6 .   ? -1.076  5.350   -12.880 1.00 38.87 ? 474 HOH A O     1 
HETATM 1502 O  O     . HOH H 6 .   ? -16.960 4.145   -5.785  1.00 50.10 ? 475 HOH A O     1 
HETATM 1503 O  O     . HOH H 6 .   ? 1.672   -15.118 -7.045  1.00 42.89 ? 476 HOH A O     1 
HETATM 1504 O  O     . HOH H 6 .   ? 0.621   -15.500 13.313  1.00 51.26 ? 477 HOH A O     1 
HETATM 1505 O  O     . HOH H 6 .   ? 3.121   21.179  6.189   1.00 41.44 ? 478 HOH A O     1 
# 
